data_2CQE
#
_entry.id   2CQE
#
_cell.length_a   1.000
_cell.length_b   1.000
_cell.length_c   1.000
_cell.angle_alpha   90.00
_cell.angle_beta   90.00
_cell.angle_gamma   90.00
#
_symmetry.space_group_name_H-M   'P 1'
#
loop_
_entity.id
_entity.type
_entity.pdbx_description
1 polymer 'KIAA1064 protein'
2 non-polymer 'ZINC ION'
#
_entity_poly.entity_id   1
_entity_poly.type   'polypeptide(L)'
_entity_poly.pdbx_seq_one_letter_code
;GSSGSSGELPKKRELCKFYITGFCARAENCPYMHGDFPCKLYHTTGNCINGDDCMFSHDPLTEETRELLDKMLADDAEAG
AEDEKEVEELKKSGPSSG
;
_entity_poly.pdbx_strand_id   A
#
loop_
_chem_comp.id
_chem_comp.type
_chem_comp.name
_chem_comp.formula
ZN non-polymer 'ZINC ION' 'Zn 2'
#
# COMPACT_ATOMS: atom_id res chain seq x y z
N GLY A 1 6.18 16.07 -10.94
CA GLY A 1 6.08 16.54 -9.56
C GLY A 1 7.12 17.59 -9.24
N SER A 2 6.66 18.73 -8.71
CA SER A 2 7.55 19.82 -8.35
C SER A 2 7.36 20.23 -6.90
N SER A 3 6.09 20.34 -6.48
CA SER A 3 5.78 20.72 -5.11
C SER A 3 6.22 19.64 -4.12
N GLY A 4 5.64 18.45 -4.25
CA GLY A 4 5.99 17.36 -3.37
C GLY A 4 5.28 17.44 -2.04
N SER A 5 5.29 18.63 -1.44
CA SER A 5 4.65 18.84 -0.15
C SER A 5 3.16 18.50 -0.21
N SER A 6 2.58 18.17 0.94
CA SER A 6 1.17 17.82 1.01
C SER A 6 0.56 18.28 2.33
N GLY A 7 -0.32 19.28 2.25
CA GLY A 7 -0.97 19.79 3.45
C GLY A 7 -1.26 18.71 4.46
N GLU A 8 -1.06 19.04 5.74
CA GLU A 8 -1.31 18.08 6.81
C GLU A 8 -2.79 17.97 7.12
N LEU A 9 -3.40 16.86 6.71
CA LEU A 9 -4.82 16.63 6.94
C LEU A 9 -5.08 15.19 7.36
N PRO A 10 -6.24 14.95 7.98
CA PRO A 10 -6.63 13.61 8.44
C PRO A 10 -6.96 12.68 7.28
N LYS A 11 -5.92 12.12 6.66
CA LYS A 11 -6.09 11.20 5.55
C LYS A 11 -5.01 10.13 5.54
N LYS A 12 -5.43 8.87 5.53
CA LYS A 12 -4.50 7.75 5.52
C LYS A 12 -4.04 7.43 4.11
N ARG A 13 -2.73 7.52 3.88
CA ARG A 13 -2.17 7.24 2.56
C ARG A 13 -1.58 5.83 2.51
N GLU A 14 -2.29 4.88 3.08
CA GLU A 14 -1.84 3.49 3.11
C GLU A 14 -2.76 2.60 2.28
N LEU A 15 -2.26 1.41 1.93
CA LEU A 15 -3.05 0.46 1.14
C LEU A 15 -4.12 -0.19 1.99
N CYS A 16 -5.37 0.23 1.80
CA CYS A 16 -6.49 -0.32 2.54
C CYS A 16 -6.37 -1.84 2.66
N LYS A 17 -6.63 -2.35 3.86
CA LYS A 17 -6.55 -3.79 4.11
C LYS A 17 -7.71 -4.52 3.43
N PHE A 18 -8.63 -3.75 2.85
CA PHE A 18 -9.79 -4.32 2.18
C PHE A 18 -9.64 -4.22 0.66
N TYR A 19 -9.30 -3.03 0.18
CA TYR A 19 -9.12 -2.80 -1.24
C TYR A 19 -8.35 -3.95 -1.89
N ILE A 20 -7.39 -4.50 -1.15
CA ILE A 20 -6.58 -5.60 -1.65
C ILE A 20 -7.45 -6.64 -2.35
N THR A 21 -8.63 -6.90 -1.80
CA THR A 21 -9.55 -7.87 -2.38
C THR A 21 -10.65 -7.18 -3.18
N GLY A 22 -11.11 -6.04 -2.68
CA GLY A 22 -12.15 -5.30 -3.37
C GLY A 22 -13.42 -5.19 -2.54
N PHE A 23 -13.43 -5.84 -1.39
CA PHE A 23 -14.59 -5.82 -0.51
C PHE A 23 -14.40 -4.81 0.62
N CYS A 24 -14.58 -3.54 0.30
CA CYS A 24 -14.42 -2.48 1.29
C CYS A 24 -15.75 -1.78 1.56
N ALA A 25 -16.32 -2.04 2.73
CA ALA A 25 -17.59 -1.44 3.11
C ALA A 25 -17.66 0.03 2.68
N ARG A 26 -16.72 0.83 3.18
CA ARG A 26 -16.66 2.24 2.85
C ARG A 26 -15.92 2.47 1.54
N ALA A 27 -16.65 2.89 0.51
CA ALA A 27 -16.06 3.15 -0.79
C ALA A 27 -15.40 4.52 -0.83
N GLU A 28 -16.22 5.56 -0.96
CA GLU A 28 -15.72 6.93 -1.01
C GLU A 28 -15.43 7.45 0.38
N ASN A 29 -15.76 6.67 1.39
CA ASN A 29 -15.53 7.05 2.78
C ASN A 29 -14.27 6.40 3.34
N CYS A 30 -13.54 5.73 2.45
CA CYS A 30 -12.31 5.05 2.85
C CYS A 30 -11.15 6.05 2.95
N PRO A 31 -10.67 6.29 4.19
CA PRO A 31 -9.58 7.22 4.45
C PRO A 31 -8.24 6.69 3.93
N TYR A 32 -8.27 5.52 3.32
CA TYR A 32 -7.07 4.89 2.78
C TYR A 32 -6.98 5.08 1.27
N MET A 33 -5.91 4.56 0.68
CA MET A 33 -5.71 4.66 -0.77
C MET A 33 -6.22 3.41 -1.48
N HIS A 34 -6.80 3.59 -2.66
CA HIS A 34 -7.32 2.48 -3.44
C HIS A 34 -6.64 2.40 -4.80
N GLY A 35 -7.05 3.26 -5.71
CA GLY A 35 -6.47 3.27 -7.04
C GLY A 35 -5.15 4.02 -7.10
N ASP A 36 -5.20 5.31 -6.81
CA ASP A 36 -4.00 6.16 -6.82
C ASP A 36 -2.77 5.35 -6.36
N PHE A 37 -2.94 4.63 -5.26
CA PHE A 37 -1.85 3.83 -4.72
C PHE A 37 -1.11 3.08 -5.82
N PRO A 38 0.23 3.20 -5.83
CA PRO A 38 1.08 2.55 -6.82
C PRO A 38 1.12 1.04 -6.65
N CYS A 39 1.22 0.33 -7.77
CA CYS A 39 1.28 -1.13 -7.74
C CYS A 39 2.58 -1.61 -7.13
N LYS A 40 2.51 -2.74 -6.41
CA LYS A 40 3.70 -3.31 -5.78
C LYS A 40 4.53 -4.10 -6.78
N LEU A 41 3.96 -5.19 -7.28
CA LEU A 41 4.65 -6.03 -8.26
C LEU A 41 5.32 -5.19 -9.33
N TYR A 42 4.52 -4.40 -10.04
CA TYR A 42 5.03 -3.53 -11.10
C TYR A 42 6.37 -2.92 -10.70
N HIS A 43 6.60 -2.80 -9.39
CA HIS A 43 7.85 -2.24 -8.88
C HIS A 43 8.80 -3.35 -8.43
N THR A 44 8.31 -4.25 -7.59
CA THR A 44 9.12 -5.34 -7.10
C THR A 44 10.16 -5.78 -8.13
N THR A 45 9.71 -5.92 -9.38
CA THR A 45 10.60 -6.33 -10.46
C THR A 45 10.54 -5.34 -11.62
N GLY A 46 9.36 -4.76 -11.85
CA GLY A 46 9.21 -3.81 -12.92
C GLY A 46 7.98 -4.08 -13.77
N ASN A 47 7.69 -5.36 -14.00
CA ASN A 47 6.53 -5.76 -14.80
C ASN A 47 5.45 -6.36 -13.92
N CYS A 48 4.20 -6.04 -14.22
CA CYS A 48 3.07 -6.55 -13.47
C CYS A 48 2.41 -7.72 -14.20
N ILE A 49 2.10 -8.78 -13.46
CA ILE A 49 1.47 -9.96 -14.03
C ILE A 49 0.11 -9.61 -14.63
N ASN A 50 -0.66 -8.79 -13.91
CA ASN A 50 -1.98 -8.37 -14.38
C ASN A 50 -1.91 -7.83 -15.80
N GLY A 51 -1.09 -6.80 -16.00
CA GLY A 51 -0.96 -6.21 -17.31
C GLY A 51 -1.43 -4.77 -17.36
N ASP A 52 -1.94 -4.36 -18.51
CA ASP A 52 -2.43 -2.99 -18.67
C ASP A 52 -3.79 -2.80 -17.98
N ASP A 53 -4.43 -3.92 -17.68
CA ASP A 53 -5.74 -3.89 -17.02
C ASP A 53 -5.61 -4.24 -15.53
N CYS A 54 -4.61 -3.66 -14.88
CA CYS A 54 -4.38 -3.91 -13.46
C CYS A 54 -5.33 -3.08 -12.60
N MET A 55 -5.71 -3.63 -11.45
CA MET A 55 -6.62 -2.95 -10.54
C MET A 55 -5.90 -1.84 -9.79
N PHE A 56 -4.57 -1.82 -9.89
CA PHE A 56 -3.77 -0.81 -9.21
C PHE A 56 -3.19 0.19 -10.22
N SER A 57 -2.80 1.36 -9.73
CA SER A 57 -2.24 2.41 -10.57
C SER A 57 -0.79 2.10 -10.93
N HIS A 58 -0.40 2.43 -12.16
CA HIS A 58 0.95 2.19 -12.63
C HIS A 58 1.68 3.51 -12.90
N ASP A 59 1.33 4.54 -12.13
CA ASP A 59 1.94 5.85 -12.29
C ASP A 59 3.38 5.85 -11.76
N PRO A 60 4.18 6.82 -12.22
CA PRO A 60 5.58 6.95 -11.81
C PRO A 60 5.72 7.38 -10.36
N LEU A 61 6.39 6.55 -9.56
CA LEU A 61 6.60 6.85 -8.15
C LEU A 61 6.98 8.32 -7.96
N THR A 62 6.58 8.88 -6.81
CA THR A 62 6.87 10.27 -6.50
C THR A 62 7.45 10.40 -5.10
N GLU A 63 8.23 11.47 -4.88
CA GLU A 63 8.84 11.71 -3.58
C GLU A 63 7.88 11.37 -2.45
N GLU A 64 6.59 11.54 -2.71
CA GLU A 64 5.57 11.26 -1.71
C GLU A 64 5.26 9.77 -1.65
N THR A 65 4.56 9.28 -2.66
CA THR A 65 4.20 7.85 -2.73
C THR A 65 5.38 6.98 -2.33
N ARG A 66 6.55 7.28 -2.88
CA ARG A 66 7.76 6.52 -2.58
C ARG A 66 7.83 6.17 -1.09
N GLU A 67 7.57 7.16 -0.25
CA GLU A 67 7.61 6.96 1.20
C GLU A 67 6.68 5.83 1.61
N LEU A 68 5.52 5.76 0.96
CA LEU A 68 4.53 4.73 1.26
C LEU A 68 5.16 3.34 1.21
N LEU A 69 5.58 2.93 0.01
CA LEU A 69 6.20 1.63 -0.18
C LEU A 69 7.15 1.31 0.97
N ASP A 70 8.12 2.18 1.20
CA ASP A 70 9.09 1.99 2.27
C ASP A 70 8.41 1.44 3.51
N LYS A 71 7.26 1.99 3.85
CA LYS A 71 6.51 1.55 5.03
C LYS A 71 5.75 0.26 4.74
N MET A 72 4.86 0.32 3.76
CA MET A 72 4.06 -0.84 3.38
C MET A 72 4.92 -2.11 3.38
N LEU A 73 5.97 -2.11 2.56
CA LEU A 73 6.86 -3.25 2.47
C LEU A 73 7.45 -3.60 3.83
N ALA A 74 8.20 -2.66 4.40
CA ALA A 74 8.82 -2.86 5.70
C ALA A 74 7.87 -3.58 6.65
N ASP A 75 6.61 -3.14 6.68
CA ASP A 75 5.61 -3.74 7.54
C ASP A 75 5.39 -5.21 7.18
N ASP A 76 5.00 -5.44 5.93
CA ASP A 76 4.75 -6.81 5.45
C ASP A 76 6.02 -7.65 5.55
N ALA A 77 7.02 -7.27 4.76
CA ALA A 77 8.29 -8.00 4.75
C ALA A 77 8.69 -8.44 6.15
N GLU A 78 8.90 -7.46 7.03
CA GLU A 78 9.30 -7.75 8.41
C GLU A 78 8.33 -8.74 9.05
N ALA A 79 7.04 -8.41 9.00
CA ALA A 79 6.01 -9.26 9.58
C ALA A 79 5.54 -10.30 8.58
N GLY A 80 6.20 -11.45 8.56
CA GLY A 80 5.83 -12.51 7.64
C GLY A 80 5.26 -13.73 8.35
N ALA A 81 4.24 -14.33 7.75
CA ALA A 81 3.61 -15.51 8.33
C ALA A 81 3.86 -16.74 7.48
N GLU A 82 3.99 -17.90 8.14
CA GLU A 82 4.22 -19.16 7.44
C GLU A 82 2.95 -19.68 6.79
N ASP A 83 3.09 -20.27 5.62
CA ASP A 83 1.94 -20.82 4.89
C ASP A 83 2.32 -22.11 4.17
N GLU A 84 1.54 -23.16 4.41
CA GLU A 84 1.80 -24.45 3.79
C GLU A 84 2.00 -24.30 2.28
N LYS A 85 2.63 -25.30 1.67
CA LYS A 85 2.89 -25.28 0.24
C LYS A 85 3.30 -26.66 -0.26
N GLU A 86 3.05 -26.93 -1.55
CA GLU A 86 3.39 -28.21 -2.14
C GLU A 86 3.28 -28.15 -3.66
N VAL A 87 3.68 -29.23 -4.32
CA VAL A 87 3.63 -29.30 -5.77
C VAL A 87 2.46 -30.16 -6.25
N GLU A 88 1.40 -29.50 -6.70
CA GLU A 88 0.22 -30.21 -7.17
C GLU A 88 0.60 -31.29 -8.17
N GLU A 89 -0.15 -32.40 -8.15
CA GLU A 89 0.12 -33.52 -9.06
C GLU A 89 -0.32 -33.18 -10.47
N LEU A 90 0.56 -33.42 -11.44
CA LEU A 90 0.26 -33.14 -12.83
C LEU A 90 -0.77 -34.12 -13.38
N LYS A 91 -0.61 -35.39 -13.05
CA LYS A 91 -1.53 -36.42 -13.49
C LYS A 91 -1.27 -37.74 -12.78
N LYS A 92 -2.16 -38.11 -11.86
CA LYS A 92 -2.03 -39.35 -11.11
C LYS A 92 -2.55 -40.53 -11.91
N SER A 93 -1.93 -41.69 -11.71
CA SER A 93 -2.33 -42.90 -12.42
C SER A 93 -3.81 -43.18 -12.22
N GLY A 94 -4.47 -43.70 -13.26
CA GLY A 94 -5.88 -44.00 -13.18
C GLY A 94 -6.20 -45.40 -13.66
N PRO A 95 -7.29 -45.97 -13.13
CA PRO A 95 -7.73 -47.32 -13.51
C PRO A 95 -8.26 -47.39 -14.94
N SER A 96 -8.81 -48.54 -15.31
CA SER A 96 -9.35 -48.74 -16.64
C SER A 96 -10.85 -49.01 -16.59
N SER A 97 -11.52 -48.81 -17.72
CA SER A 97 -12.96 -49.02 -17.80
C SER A 97 -13.34 -49.69 -19.12
N GLY A 98 -14.17 -50.72 -19.04
CA GLY A 98 -14.59 -51.43 -20.23
C GLY A 98 -16.06 -51.83 -20.18
ZN ZN B . -10.99 0.74 1.63
ZN ZN C . -0.08 -3.87 -11.34
N GLY A 1 13.22 31.68 5.79
CA GLY A 1 13.64 30.79 6.86
C GLY A 1 12.47 30.12 7.55
N SER A 2 11.52 30.94 8.03
CA SER A 2 10.35 30.43 8.73
C SER A 2 9.91 29.10 8.13
N SER A 3 9.56 28.16 9.00
CA SER A 3 9.12 26.84 8.57
C SER A 3 7.62 26.66 8.80
N GLY A 4 7.00 25.84 7.96
CA GLY A 4 5.57 25.60 8.09
C GLY A 4 5.25 24.53 9.13
N SER A 5 3.99 24.11 9.18
CA SER A 5 3.56 23.09 10.13
C SER A 5 2.39 22.29 9.57
N SER A 6 2.57 20.98 9.50
CA SER A 6 1.52 20.10 8.97
C SER A 6 0.75 19.45 10.12
N GLY A 7 1.45 19.08 11.18
CA GLY A 7 0.82 18.46 12.32
C GLY A 7 -0.20 17.42 11.91
N GLU A 8 -1.47 17.71 12.17
CA GLU A 8 -2.55 16.79 11.83
C GLU A 8 -2.42 16.31 10.38
N LEU A 9 -2.81 15.06 10.14
CA LEU A 9 -2.74 14.49 8.81
C LEU A 9 -4.13 14.19 8.26
N PRO A 10 -4.30 14.38 6.94
CA PRO A 10 -5.58 14.14 6.27
C PRO A 10 -5.94 12.65 6.21
N LYS A 11 -5.53 11.99 5.13
CA LYS A 11 -5.81 10.57 4.95
C LYS A 11 -4.55 9.75 5.22
N LYS A 12 -4.75 8.45 5.43
CA LYS A 12 -3.64 7.54 5.70
C LYS A 12 -2.82 7.30 4.44
N ARG A 13 -1.61 6.79 4.61
CA ARG A 13 -0.72 6.51 3.49
C ARG A 13 -0.35 5.04 3.44
N GLU A 14 -1.35 4.17 3.55
CA GLU A 14 -1.13 2.73 3.52
C GLU A 14 -2.22 2.03 2.69
N LEU A 15 -1.89 0.87 2.16
CA LEU A 15 -2.83 0.10 1.35
C LEU A 15 -3.94 -0.48 2.22
N CYS A 16 -5.15 -0.51 1.68
CA CYS A 16 -6.30 -1.04 2.40
C CYS A 16 -6.24 -2.57 2.48
N LYS A 17 -6.74 -3.12 3.58
CA LYS A 17 -6.75 -4.56 3.78
C LYS A 17 -7.86 -5.22 2.97
N PHE A 18 -8.77 -4.39 2.45
CA PHE A 18 -9.89 -4.89 1.66
C PHE A 18 -9.67 -4.63 0.17
N TYR A 19 -9.29 -3.40 -0.15
CA TYR A 19 -9.04 -3.01 -1.53
C TYR A 19 -8.26 -4.09 -2.27
N ILE A 20 -7.34 -4.72 -1.56
CA ILE A 20 -6.51 -5.78 -2.14
C ILE A 20 -7.33 -6.67 -3.06
N THR A 21 -8.58 -6.91 -2.68
CA THR A 21 -9.47 -7.76 -3.47
C THR A 21 -10.42 -6.91 -4.32
N GLY A 22 -10.83 -5.76 -3.77
CA GLY A 22 -11.73 -4.88 -4.48
C GLY A 22 -13.08 -4.76 -3.80
N PHE A 23 -13.31 -5.58 -2.79
CA PHE A 23 -14.57 -5.55 -2.04
C PHE A 23 -14.42 -4.76 -0.76
N CYS A 24 -14.52 -3.44 -0.86
CA CYS A 24 -14.40 -2.57 0.30
C CYS A 24 -15.69 -1.78 0.52
N ALA A 25 -16.51 -2.24 1.46
CA ALA A 25 -17.76 -1.57 1.77
C ALA A 25 -17.60 -0.06 1.78
N ARG A 26 -16.72 0.44 2.64
CA ARG A 26 -16.48 1.87 2.73
C ARG A 26 -15.66 2.37 1.54
N ALA A 27 -16.34 2.89 0.53
CA ALA A 27 -15.67 3.40 -0.66
C ALA A 27 -15.12 4.79 -0.42
N GLU A 28 -16.00 5.79 -0.43
CA GLU A 28 -15.59 7.18 -0.22
C GLU A 28 -15.44 7.47 1.27
N ASN A 29 -15.26 6.42 2.06
CA ASN A 29 -15.09 6.57 3.50
C ASN A 29 -13.81 5.89 3.98
N CYS A 30 -13.10 5.28 3.04
CA CYS A 30 -11.84 4.60 3.36
C CYS A 30 -10.70 5.60 3.48
N PRO A 31 -10.19 5.77 4.72
CA PRO A 31 -9.08 6.70 4.99
C PRO A 31 -7.76 6.20 4.41
N TYR A 32 -7.81 5.05 3.76
CA TYR A 32 -6.61 4.47 3.16
C TYR A 32 -6.56 4.75 1.66
N MET A 33 -5.46 4.34 1.02
CA MET A 33 -5.29 4.55 -0.41
C MET A 33 -5.84 3.37 -1.20
N HIS A 34 -6.44 3.66 -2.35
CA HIS A 34 -7.01 2.61 -3.20
C HIS A 34 -6.34 2.61 -4.58
N GLY A 35 -6.71 3.58 -5.41
CA GLY A 35 -6.14 3.67 -6.74
C GLY A 35 -4.77 4.32 -6.75
N ASP A 36 -4.73 5.61 -6.44
CA ASP A 36 -3.47 6.34 -6.41
C ASP A 36 -2.33 5.46 -5.92
N PHE A 37 -2.65 4.57 -4.98
CA PHE A 37 -1.64 3.67 -4.43
C PHE A 37 -0.90 2.93 -5.54
N PRO A 38 0.43 3.05 -5.54
CA PRO A 38 1.29 2.40 -6.54
C PRO A 38 1.33 0.89 -6.38
N CYS A 39 1.33 0.17 -7.50
CA CYS A 39 1.36 -1.28 -7.49
C CYS A 39 2.71 -1.79 -6.98
N LYS A 40 2.67 -2.87 -6.21
CA LYS A 40 3.89 -3.45 -5.66
C LYS A 40 4.64 -4.25 -6.71
N LEU A 41 4.02 -5.33 -7.18
CA LEU A 41 4.64 -6.19 -8.20
C LEU A 41 5.24 -5.34 -9.32
N TYR A 42 4.40 -4.52 -9.96
CA TYR A 42 4.85 -3.66 -11.05
C TYR A 42 6.21 -3.05 -10.74
N HIS A 43 6.53 -2.96 -9.44
CA HIS A 43 7.80 -2.39 -9.01
C HIS A 43 8.79 -3.50 -8.65
N THR A 44 8.36 -4.42 -7.80
CA THR A 44 9.21 -5.53 -7.39
C THR A 44 10.18 -5.93 -8.49
N THR A 45 9.70 -5.93 -9.72
CA THR A 45 10.52 -6.30 -10.87
C THR A 45 10.35 -5.30 -12.00
N GLY A 46 9.15 -4.75 -12.12
CA GLY A 46 8.87 -3.78 -13.18
C GLY A 46 7.56 -4.06 -13.89
N ASN A 47 7.23 -5.34 -14.04
CA ASN A 47 5.99 -5.73 -14.71
C ASN A 47 5.00 -6.32 -13.72
N CYS A 48 3.71 -6.13 -13.99
CA CYS A 48 2.66 -6.62 -13.12
C CYS A 48 2.00 -7.87 -13.73
N ILE A 49 1.49 -8.74 -12.86
CA ILE A 49 0.83 -9.97 -13.30
C ILE A 49 -0.59 -9.69 -13.77
N ASN A 50 -1.26 -8.77 -13.09
CA ASN A 50 -2.63 -8.42 -13.43
C ASN A 50 -2.76 -8.11 -14.92
N GLY A 51 -2.11 -7.03 -15.35
CA GLY A 51 -2.15 -6.65 -16.75
C GLY A 51 -2.27 -5.15 -16.94
N ASP A 52 -2.55 -4.73 -18.17
CA ASP A 52 -2.69 -3.31 -18.48
C ASP A 52 -3.87 -2.71 -17.73
N ASP A 53 -4.83 -3.55 -17.38
CA ASP A 53 -6.02 -3.10 -16.66
C ASP A 53 -5.95 -3.50 -15.18
N CYS A 54 -4.79 -3.26 -14.57
CA CYS A 54 -4.59 -3.59 -13.17
C CYS A 54 -5.39 -2.65 -12.26
N MET A 55 -5.84 -3.17 -11.12
CA MET A 55 -6.62 -2.38 -10.17
C MET A 55 -5.71 -1.50 -9.33
N PHE A 56 -4.45 -1.41 -9.73
CA PHE A 56 -3.47 -0.61 -9.01
C PHE A 56 -2.84 0.44 -9.92
N SER A 57 -2.34 1.52 -9.32
CA SER A 57 -1.72 2.60 -10.08
C SER A 57 -0.32 2.19 -10.55
N HIS A 58 -0.08 2.33 -11.86
CA HIS A 58 1.21 1.98 -12.44
C HIS A 58 2.03 3.23 -12.72
N ASP A 59 1.63 4.35 -12.12
CA ASP A 59 2.33 5.61 -12.32
C ASP A 59 3.75 5.53 -11.76
N PRO A 60 4.64 6.39 -12.27
CA PRO A 60 6.04 6.44 -11.85
C PRO A 60 6.20 6.98 -10.43
N LEU A 61 6.79 6.18 -9.57
CA LEU A 61 7.00 6.58 -8.18
C LEU A 61 7.45 8.03 -8.09
N THR A 62 7.02 8.73 -7.04
CA THR A 62 7.38 10.12 -6.84
C THR A 62 7.71 10.40 -5.38
N GLU A 63 8.46 11.46 -5.14
CA GLU A 63 8.85 11.85 -3.79
C GLU A 63 7.70 11.61 -2.81
N GLU A 64 6.47 11.72 -3.31
CA GLU A 64 5.28 11.52 -2.48
C GLU A 64 4.98 10.03 -2.32
N THR A 65 4.43 9.43 -3.36
CA THR A 65 4.08 8.02 -3.34
C THR A 65 5.26 7.18 -2.85
N ARG A 66 6.44 7.43 -3.41
CA ARG A 66 7.63 6.69 -3.03
C ARG A 66 7.66 6.43 -1.52
N GLU A 67 7.18 7.41 -0.76
CA GLU A 67 7.14 7.28 0.70
C GLU A 67 6.20 6.15 1.13
N LEU A 68 5.05 6.08 0.47
CA LEU A 68 4.06 5.04 0.78
C LEU A 68 4.72 3.67 0.90
N LEU A 69 5.30 3.20 -0.20
CA LEU A 69 5.98 1.91 -0.22
C LEU A 69 6.76 1.68 1.07
N ASP A 70 7.68 2.59 1.36
CA ASP A 70 8.49 2.49 2.57
C ASP A 70 7.64 2.07 3.76
N LYS A 71 6.42 2.58 3.83
CA LYS A 71 5.51 2.27 4.92
C LYS A 71 4.86 0.90 4.70
N MET A 72 4.28 0.70 3.54
CA MET A 72 3.63 -0.55 3.20
C MET A 72 4.60 -1.73 3.34
N LEU A 73 5.68 -1.69 2.55
CA LEU A 73 6.69 -2.74 2.59
C LEU A 73 7.12 -3.03 4.03
N ALA A 74 7.42 -1.97 4.77
CA ALA A 74 7.84 -2.10 6.16
C ALA A 74 6.91 -3.05 6.93
N ASP A 75 5.61 -2.88 6.74
CA ASP A 75 4.61 -3.70 7.41
C ASP A 75 4.90 -5.19 7.17
N ASP A 76 5.14 -5.53 5.91
CA ASP A 76 5.41 -6.92 5.54
C ASP A 76 6.81 -7.33 5.98
N ALA A 77 7.82 -6.74 5.36
CA ALA A 77 9.21 -7.04 5.70
C ALA A 77 9.37 -7.26 7.20
N GLU A 78 8.72 -6.42 7.99
CA GLU A 78 8.80 -6.51 9.44
C GLU A 78 8.48 -7.93 9.91
N ALA A 79 7.26 -8.38 9.60
CA ALA A 79 6.83 -9.71 9.99
C ALA A 79 7.93 -10.74 9.75
N GLY A 80 8.51 -10.71 8.56
CA GLY A 80 9.58 -11.65 8.23
C GLY A 80 9.27 -12.45 6.98
N ALA A 81 10.15 -12.36 6.00
CA ALA A 81 9.97 -13.09 4.75
C ALA A 81 11.30 -13.66 4.25
N GLU A 82 11.36 -14.98 4.16
CA GLU A 82 12.58 -15.66 3.70
C GLU A 82 12.41 -16.16 2.27
N ASP A 83 12.69 -15.29 1.31
CA ASP A 83 12.57 -15.66 -0.10
C ASP A 83 13.86 -15.35 -0.86
N GLU A 84 14.74 -16.34 -0.95
CA GLU A 84 16.01 -16.16 -1.64
C GLU A 84 16.03 -16.94 -2.96
N LYS A 85 16.72 -16.40 -3.94
CA LYS A 85 16.82 -17.04 -5.25
C LYS A 85 18.22 -17.59 -5.49
N GLU A 86 18.40 -18.30 -6.60
CA GLU A 86 19.68 -18.89 -6.94
C GLU A 86 20.17 -18.39 -8.29
N VAL A 87 21.49 -18.21 -8.41
CA VAL A 87 22.08 -17.73 -9.65
C VAL A 87 22.66 -18.89 -10.47
N GLU A 88 22.07 -19.13 -11.63
CA GLU A 88 22.52 -20.21 -12.51
C GLU A 88 23.49 -19.67 -13.57
N GLU A 89 24.75 -20.10 -13.48
CA GLU A 89 25.77 -19.67 -14.43
C GLU A 89 25.34 -19.97 -15.86
N LEU A 90 25.76 -19.12 -16.79
CA LEU A 90 25.42 -19.29 -18.19
C LEU A 90 26.56 -19.97 -18.95
N LYS A 91 26.67 -21.29 -18.79
CA LYS A 91 27.71 -22.06 -19.46
C LYS A 91 29.00 -21.26 -19.56
N LYS A 92 29.33 -20.55 -18.49
CA LYS A 92 30.55 -19.74 -18.45
C LYS A 92 31.72 -20.50 -19.05
N SER A 93 32.64 -19.77 -19.69
CA SER A 93 33.81 -20.37 -20.31
C SER A 93 34.77 -19.30 -20.81
N GLY A 94 36.03 -19.69 -21.00
CA GLY A 94 37.03 -18.74 -21.47
C GLY A 94 37.60 -19.14 -22.82
N PRO A 95 36.74 -19.15 -23.85
CA PRO A 95 37.14 -19.51 -25.21
C PRO A 95 38.05 -18.46 -25.85
N SER A 96 38.56 -18.77 -27.03
CA SER A 96 39.45 -17.85 -27.74
C SER A 96 39.70 -18.34 -29.17
N SER A 97 39.50 -17.44 -30.13
CA SER A 97 39.69 -17.76 -31.54
C SER A 97 40.53 -16.71 -32.23
N GLY A 98 41.05 -17.05 -33.40
CA GLY A 98 41.88 -16.11 -34.15
C GLY A 98 43.30 -16.61 -34.35
ZN ZN B . -10.72 0.33 1.61
ZN ZN C . -0.40 -3.79 -11.02
N GLY A 1 23.09 15.14 15.19
CA GLY A 1 22.14 16.16 14.82
C GLY A 1 20.73 15.62 14.68
N SER A 2 20.21 15.08 15.77
CA SER A 2 18.86 14.51 15.78
C SER A 2 17.90 15.38 14.96
N SER A 3 17.35 14.81 13.89
CA SER A 3 16.43 15.53 13.03
C SER A 3 15.43 14.57 12.39
N GLY A 4 14.37 15.14 11.82
CA GLY A 4 13.35 14.32 11.18
C GLY A 4 11.95 14.82 11.45
N SER A 5 11.41 15.61 10.53
CA SER A 5 10.07 16.16 10.68
C SER A 5 9.04 15.04 10.85
N SER A 6 7.92 15.37 11.49
CA SER A 6 6.86 14.39 11.72
C SER A 6 5.52 15.09 11.93
N GLY A 7 4.44 14.45 11.49
CA GLY A 7 3.12 15.02 11.65
C GLY A 7 2.02 14.01 11.40
N GLU A 8 1.09 13.92 12.34
CA GLU A 8 -0.03 12.98 12.23
C GLU A 8 -1.19 13.62 11.47
N LEU A 9 -1.90 12.79 10.70
CA LEU A 9 -3.04 13.27 9.92
C LEU A 9 -4.21 12.29 10.01
N PRO A 10 -5.43 12.82 9.88
CA PRO A 10 -6.66 12.00 9.94
C PRO A 10 -6.81 11.09 8.72
N LYS A 11 -5.86 11.21 7.79
CA LYS A 11 -5.89 10.39 6.57
C LYS A 11 -4.76 9.37 6.57
N LYS A 12 -4.92 8.31 5.79
CA LYS A 12 -3.90 7.27 5.70
C LYS A 12 -3.59 6.94 4.24
N ARG A 13 -2.31 6.90 3.91
CA ARG A 13 -1.88 6.59 2.55
C ARG A 13 -1.32 5.18 2.46
N GLU A 14 -2.02 4.23 3.07
CA GLU A 14 -1.58 2.84 3.07
C GLU A 14 -2.57 1.97 2.29
N LEU A 15 -2.07 0.87 1.72
CA LEU A 15 -2.91 -0.03 0.96
C LEU A 15 -3.98 -0.67 1.84
N CYS A 16 -5.24 -0.36 1.54
CA CYS A 16 -6.36 -0.89 2.31
C CYS A 16 -6.40 -2.41 2.21
N LYS A 17 -6.55 -3.06 3.37
CA LYS A 17 -6.59 -4.52 3.42
C LYS A 17 -7.99 -5.03 3.06
N PHE A 18 -8.80 -4.15 2.47
CA PHE A 18 -10.16 -4.51 2.08
C PHE A 18 -10.35 -4.34 0.57
N TYR A 19 -9.73 -3.31 0.02
CA TYR A 19 -9.83 -3.03 -1.42
C TYR A 19 -9.13 -4.10 -2.23
N ILE A 20 -8.02 -4.60 -1.70
CA ILE A 20 -7.25 -5.64 -2.38
C ILE A 20 -8.16 -6.71 -2.97
N THR A 21 -9.26 -6.97 -2.29
CA THR A 21 -10.23 -7.97 -2.74
C THR A 21 -11.43 -7.32 -3.41
N GLY A 22 -11.84 -6.17 -2.88
CA GLY A 22 -12.98 -5.47 -3.43
C GLY A 22 -14.11 -5.29 -2.42
N PHE A 23 -13.98 -5.96 -1.28
CA PHE A 23 -15.00 -5.88 -0.24
C PHE A 23 -14.57 -4.91 0.86
N CYS A 24 -14.86 -3.63 0.66
CA CYS A 24 -14.49 -2.61 1.63
C CYS A 24 -15.73 -1.86 2.12
N ALA A 25 -16.09 -2.08 3.38
CA ALA A 25 -17.26 -1.43 3.97
C ALA A 25 -17.34 0.03 3.54
N ARG A 26 -16.42 0.85 4.06
CA ARG A 26 -16.39 2.27 3.73
C ARG A 26 -15.76 2.50 2.36
N ALA A 27 -16.59 2.86 1.39
CA ALA A 27 -16.13 3.11 0.04
C ALA A 27 -15.51 4.50 -0.08
N GLU A 28 -16.36 5.53 -0.11
CA GLU A 28 -15.90 6.90 -0.23
C GLU A 28 -15.45 7.43 1.13
N ASN A 29 -15.48 6.57 2.14
CA ASN A 29 -15.09 6.95 3.49
C ASN A 29 -13.83 6.19 3.92
N CYS A 30 -13.15 5.59 2.95
CA CYS A 30 -11.94 4.84 3.23
C CYS A 30 -10.73 5.77 3.38
N PRO A 31 -10.22 5.85 4.62
CA PRO A 31 -9.06 6.71 4.93
C PRO A 31 -7.78 6.18 4.32
N TYR A 32 -7.87 5.04 3.63
CA TYR A 32 -6.70 4.43 3.00
C TYR A 32 -6.69 4.72 1.50
N MET A 33 -5.67 4.20 0.82
CA MET A 33 -5.53 4.40 -0.63
C MET A 33 -6.01 3.16 -1.39
N HIS A 34 -6.72 3.40 -2.48
CA HIS A 34 -7.23 2.30 -3.31
C HIS A 34 -6.55 2.28 -4.67
N GLY A 35 -6.97 3.17 -5.55
CA GLY A 35 -6.38 3.23 -6.89
C GLY A 35 -5.08 4.00 -6.91
N ASP A 36 -5.15 5.28 -6.58
CA ASP A 36 -3.96 6.13 -6.57
C ASP A 36 -2.73 5.33 -6.17
N PHE A 37 -2.86 4.53 -5.11
CA PHE A 37 -1.76 3.72 -4.63
C PHE A 37 -1.07 2.99 -5.78
N PRO A 38 0.25 3.19 -5.90
CA PRO A 38 1.06 2.56 -6.95
C PRO A 38 1.20 1.06 -6.76
N CYS A 39 1.26 0.33 -7.87
CA CYS A 39 1.40 -1.13 -7.81
C CYS A 39 2.74 -1.52 -7.20
N LYS A 40 2.73 -2.61 -6.45
CA LYS A 40 3.95 -3.10 -5.80
C LYS A 40 4.82 -3.86 -6.79
N LEU A 41 4.33 -5.02 -7.25
CA LEU A 41 5.07 -5.83 -8.20
C LEU A 41 5.65 -4.97 -9.33
N TYR A 42 4.78 -4.27 -10.04
CA TYR A 42 5.21 -3.42 -11.13
C TYR A 42 6.51 -2.68 -10.78
N HIS A 43 6.73 -2.50 -9.48
CA HIS A 43 7.93 -1.82 -9.01
C HIS A 43 8.98 -2.82 -8.55
N THR A 44 8.58 -3.74 -7.68
CA THR A 44 9.49 -4.75 -7.16
C THR A 44 10.49 -5.19 -8.22
N THR A 45 9.99 -5.42 -9.44
CA THR A 45 10.84 -5.84 -10.55
C THR A 45 10.73 -4.88 -11.73
N GLY A 46 9.53 -4.34 -11.93
CA GLY A 46 9.32 -3.41 -13.03
C GLY A 46 8.06 -3.73 -13.81
N ASN A 47 7.79 -5.02 -13.99
CA ASN A 47 6.61 -5.45 -14.74
C ASN A 47 5.59 -6.09 -13.81
N CYS A 48 4.31 -5.92 -14.14
CA CYS A 48 3.23 -6.48 -13.34
C CYS A 48 2.65 -7.73 -14.00
N ILE A 49 2.21 -8.68 -13.17
CA ILE A 49 1.63 -9.92 -13.67
C ILE A 49 0.28 -9.68 -14.32
N ASN A 50 -0.54 -8.84 -13.68
CA ASN A 50 -1.87 -8.51 -14.19
C ASN A 50 -1.79 -8.07 -15.66
N GLY A 51 -0.97 -7.06 -15.91
CA GLY A 51 -0.81 -6.56 -17.26
C GLY A 51 -1.17 -5.08 -17.37
N ASP A 52 -1.59 -4.66 -18.56
CA ASP A 52 -1.95 -3.27 -18.79
C ASP A 52 -3.31 -2.95 -18.17
N ASP A 53 -4.09 -3.99 -17.90
CA ASP A 53 -5.41 -3.82 -17.29
C ASP A 53 -5.37 -4.13 -15.80
N CYS A 54 -4.33 -3.65 -15.13
CA CYS A 54 -4.17 -3.86 -13.70
C CYS A 54 -5.08 -2.93 -12.90
N MET A 55 -5.61 -3.43 -11.80
CA MET A 55 -6.49 -2.64 -10.95
C MET A 55 -5.69 -1.72 -10.02
N PHE A 56 -4.43 -1.49 -10.39
CA PHE A 56 -3.56 -0.63 -9.60
C PHE A 56 -2.95 0.47 -10.46
N SER A 57 -2.51 1.54 -9.82
CA SER A 57 -1.92 2.68 -10.52
C SER A 57 -0.49 2.36 -10.96
N HIS A 58 -0.25 2.40 -12.26
CA HIS A 58 1.07 2.12 -12.80
C HIS A 58 1.81 3.41 -13.14
N ASP A 59 1.56 4.46 -12.36
CA ASP A 59 2.20 5.75 -12.57
C ASP A 59 3.63 5.73 -12.04
N PRO A 60 4.44 6.70 -12.51
CA PRO A 60 5.84 6.82 -12.09
C PRO A 60 5.98 7.27 -10.64
N LEU A 61 6.57 6.40 -9.82
CA LEU A 61 6.77 6.71 -8.40
C LEU A 61 7.21 8.15 -8.22
N THR A 62 6.85 8.73 -7.07
CA THR A 62 7.21 10.11 -6.76
C THR A 62 7.78 10.23 -5.35
N GLU A 63 8.59 11.27 -5.14
CA GLU A 63 9.19 11.49 -3.84
C GLU A 63 8.20 11.21 -2.71
N GLU A 64 6.92 11.49 -2.97
CA GLU A 64 5.88 11.27 -1.99
C GLU A 64 5.46 9.81 -1.95
N THR A 65 4.71 9.37 -2.96
CA THR A 65 4.26 7.99 -3.04
C THR A 65 5.39 7.03 -2.76
N ARG A 66 6.50 7.18 -3.49
CA ARG A 66 7.66 6.31 -3.31
C ARG A 66 7.91 6.03 -1.83
N GLU A 67 7.83 7.07 -1.02
CA GLU A 67 8.05 6.93 0.42
C GLU A 67 7.05 5.96 1.04
N LEU A 68 5.81 6.02 0.55
CA LEU A 68 4.76 5.14 1.05
C LEU A 68 5.20 3.68 1.02
N LEU A 69 5.41 3.16 -0.18
CA LEU A 69 5.84 1.77 -0.35
C LEU A 69 6.91 1.41 0.67
N ASP A 70 8.01 2.16 0.66
CA ASP A 70 9.11 1.91 1.59
C ASP A 70 8.57 1.54 2.98
N LYS A 71 7.55 2.27 3.42
CA LYS A 71 6.95 2.02 4.73
C LYS A 71 6.00 0.82 4.67
N MET A 72 5.13 0.81 3.68
CA MET A 72 4.18 -0.29 3.51
C MET A 72 4.90 -1.64 3.54
N LEU A 73 5.83 -1.83 2.61
CA LEU A 73 6.59 -3.08 2.54
C LEU A 73 6.96 -3.57 3.93
N ALA A 74 7.49 -2.68 4.75
CA ALA A 74 7.89 -3.03 6.10
C ALA A 74 6.68 -3.43 6.95
N ASP A 75 5.60 -2.66 6.82
CA ASP A 75 4.38 -2.93 7.58
C ASP A 75 3.83 -4.31 7.24
N ASP A 76 3.83 -4.65 5.95
CA ASP A 76 3.32 -5.94 5.50
C ASP A 76 4.17 -7.07 6.06
N ALA A 77 5.45 -7.11 5.66
CA ALA A 77 6.36 -8.15 6.12
C ALA A 77 6.32 -8.27 7.64
N GLU A 78 6.58 -7.17 8.34
CA GLU A 78 6.56 -7.17 9.79
C GLU A 78 5.30 -7.82 10.33
N ALA A 79 4.14 -7.30 9.94
CA ALA A 79 2.86 -7.84 10.39
C ALA A 79 2.81 -9.34 10.19
N GLY A 80 3.12 -9.80 8.97
CA GLY A 80 3.10 -11.22 8.68
C GLY A 80 1.82 -11.65 7.99
N ALA A 81 0.78 -11.91 8.78
CA ALA A 81 -0.51 -12.32 8.23
C ALA A 81 -1.66 -11.58 8.91
N GLU A 82 -2.87 -11.81 8.41
CA GLU A 82 -4.05 -11.16 8.96
C GLU A 82 -4.18 -11.43 10.46
N ASP A 83 -4.70 -10.45 11.19
CA ASP A 83 -4.87 -10.57 12.63
C ASP A 83 -6.19 -9.95 13.08
N GLU A 84 -6.70 -10.40 14.21
CA GLU A 84 -7.96 -9.90 14.75
C GLU A 84 -7.83 -8.42 15.12
N LYS A 85 -8.76 -7.61 14.63
CA LYS A 85 -8.76 -6.18 14.91
C LYS A 85 -10.04 -5.76 15.63
N GLU A 86 -11.18 -6.24 15.14
CA GLU A 86 -12.47 -5.92 15.75
C GLU A 86 -13.28 -7.18 16.01
N VAL A 87 -13.14 -7.74 17.21
CA VAL A 87 -13.86 -8.94 17.59
C VAL A 87 -15.24 -8.61 18.14
N GLU A 88 -15.67 -7.37 17.93
CA GLU A 88 -16.98 -6.92 18.41
C GLU A 88 -17.66 -6.03 17.38
N GLU A 89 -18.94 -6.29 17.14
CA GLU A 89 -19.71 -5.51 16.17
C GLU A 89 -20.51 -4.42 16.88
N LEU A 90 -21.03 -3.48 16.09
CA LEU A 90 -21.81 -2.38 16.64
C LEU A 90 -23.20 -2.33 16.00
N LYS A 91 -23.25 -2.53 14.69
CA LYS A 91 -24.51 -2.52 13.96
C LYS A 91 -25.18 -3.89 14.02
N LYS A 92 -25.19 -4.50 15.20
CA LYS A 92 -25.79 -5.81 15.38
C LYS A 92 -27.19 -5.86 14.77
N SER A 93 -27.30 -6.53 13.62
CA SER A 93 -28.57 -6.63 12.92
C SER A 93 -29.48 -7.66 13.60
N GLY A 94 -30.72 -7.26 13.89
CA GLY A 94 -31.66 -8.15 14.53
C GLY A 94 -33.01 -8.14 13.87
N PRO A 95 -34.02 -8.65 14.58
CA PRO A 95 -35.41 -8.71 14.07
C PRO A 95 -36.04 -7.33 13.96
N SER A 96 -37.14 -7.25 13.22
CA SER A 96 -37.84 -5.98 13.03
C SER A 96 -39.32 -6.12 13.38
N SER A 97 -39.60 -6.90 14.42
CA SER A 97 -40.98 -7.13 14.86
C SER A 97 -41.66 -5.80 15.22
N GLY A 98 -42.97 -5.86 15.44
CA GLY A 98 -43.71 -4.67 15.78
C GLY A 98 -44.60 -4.87 16.99
ZN ZN B . -10.82 0.49 1.77
ZN ZN C . -0.07 -3.87 -11.34
N GLY A 1 19.76 27.71 9.32
CA GLY A 1 18.87 26.60 9.62
C GLY A 1 17.40 27.00 9.49
N SER A 2 16.62 26.14 8.82
CA SER A 2 15.21 26.41 8.64
C SER A 2 14.35 25.41 9.41
N SER A 3 13.38 25.93 10.15
CA SER A 3 12.49 25.09 10.95
C SER A 3 11.77 24.07 10.06
N GLY A 4 11.01 23.18 10.69
CA GLY A 4 10.28 22.17 9.95
C GLY A 4 8.80 22.13 10.32
N SER A 5 8.01 21.43 9.51
CA SER A 5 6.58 21.33 9.76
C SER A 5 6.12 19.88 9.63
N SER A 6 5.04 19.54 10.33
CA SER A 6 4.49 18.19 10.30
C SER A 6 3.35 18.09 9.31
N GLY A 7 2.32 18.90 9.51
CA GLY A 7 1.17 18.89 8.62
C GLY A 7 0.65 17.49 8.37
N GLU A 8 0.07 16.89 9.41
CA GLU A 8 -0.48 15.54 9.30
C GLU A 8 -2.01 15.57 9.31
N LEU A 9 -2.61 14.74 8.47
CA LEU A 9 -4.06 14.67 8.39
C LEU A 9 -4.57 13.33 8.91
N PRO A 10 -5.84 13.31 9.34
CA PRO A 10 -6.48 12.09 9.86
C PRO A 10 -6.72 11.04 8.78
N LYS A 11 -6.28 11.35 7.56
CA LYS A 11 -6.45 10.43 6.44
C LYS A 11 -5.21 9.56 6.26
N LYS A 12 -5.42 8.25 6.18
CA LYS A 12 -4.32 7.31 6.02
C LYS A 12 -3.98 7.13 4.54
N ARG A 13 -2.71 6.81 4.27
CA ARG A 13 -2.26 6.61 2.89
C ARG A 13 -1.65 5.22 2.71
N GLU A 14 -2.34 4.21 3.23
CA GLU A 14 -1.86 2.83 3.12
C GLU A 14 -2.80 2.00 2.25
N LEU A 15 -2.33 0.83 1.85
CA LEU A 15 -3.13 -0.07 1.01
C LEU A 15 -4.27 -0.70 1.81
N CYS A 16 -5.49 -0.37 1.43
CA CYS A 16 -6.67 -0.91 2.10
C CYS A 16 -6.71 -2.42 2.02
N LYS A 17 -6.80 -3.08 3.18
CA LYS A 17 -6.85 -4.53 3.24
C LYS A 17 -8.12 -5.06 2.60
N PHE A 18 -9.00 -4.15 2.18
CA PHE A 18 -10.26 -4.54 1.55
C PHE A 18 -10.16 -4.42 0.03
N TYR A 19 -9.79 -3.24 -0.44
CA TYR A 19 -9.66 -3.00 -1.88
C TYR A 19 -8.96 -4.16 -2.57
N ILE A 20 -7.98 -4.73 -1.88
CA ILE A 20 -7.23 -5.86 -2.42
C ILE A 20 -8.15 -6.87 -3.10
N THR A 21 -9.32 -7.09 -2.50
CA THR A 21 -10.29 -8.02 -3.04
C THR A 21 -11.38 -7.30 -3.81
N GLY A 22 -11.75 -6.11 -3.33
CA GLY A 22 -12.79 -5.33 -4.00
C GLY A 22 -13.97 -5.07 -3.09
N PHE A 23 -13.99 -5.73 -1.94
CA PHE A 23 -15.08 -5.54 -0.98
C PHE A 23 -14.68 -4.60 0.14
N CYS A 24 -15.05 -3.33 -0.01
CA CYS A 24 -14.72 -2.32 0.98
C CYS A 24 -15.97 -1.50 1.36
N ALA A 25 -16.54 -1.81 2.51
CA ALA A 25 -17.73 -1.11 2.98
C ALA A 25 -17.64 0.38 2.70
N ARG A 26 -16.84 1.08 3.48
CA ARG A 26 -16.66 2.52 3.31
C ARG A 26 -15.94 2.83 2.00
N ALA A 27 -16.69 2.86 0.92
CA ALA A 27 -16.13 3.14 -0.40
C ALA A 27 -15.89 4.64 -0.59
N GLU A 28 -16.96 5.43 -0.44
CA GLU A 28 -16.86 6.86 -0.59
C GLU A 28 -16.24 7.51 0.64
N ASN A 29 -15.93 6.68 1.64
CA ASN A 29 -15.33 7.16 2.87
C ASN A 29 -14.16 6.26 3.30
N CYS A 30 -13.41 5.79 2.33
CA CYS A 30 -12.27 4.93 2.59
C CYS A 30 -11.05 5.74 3.02
N PRO A 31 -10.67 5.61 4.30
CA PRO A 31 -9.52 6.33 4.86
C PRO A 31 -8.19 5.83 4.31
N TYR A 32 -8.26 4.81 3.47
CA TYR A 32 -7.07 4.22 2.87
C TYR A 32 -6.97 4.57 1.39
N MET A 33 -5.95 4.04 0.73
CA MET A 33 -5.74 4.29 -0.70
C MET A 33 -6.23 3.12 -1.53
N HIS A 34 -6.72 3.41 -2.73
CA HIS A 34 -7.23 2.39 -3.63
C HIS A 34 -6.49 2.41 -4.97
N GLY A 35 -6.86 3.37 -5.81
CA GLY A 35 -6.22 3.49 -7.12
C GLY A 35 -4.88 4.21 -7.04
N ASP A 36 -4.91 5.49 -6.68
CA ASP A 36 -3.70 6.29 -6.58
C ASP A 36 -2.54 5.44 -6.08
N PHE A 37 -2.82 4.55 -5.12
CA PHE A 37 -1.80 3.68 -4.56
C PHE A 37 -1.01 2.98 -5.65
N PRO A 38 0.32 3.13 -5.63
CA PRO A 38 1.21 2.52 -6.62
C PRO A 38 1.29 1.01 -6.46
N CYS A 39 1.33 0.30 -7.59
CA CYS A 39 1.41 -1.15 -7.57
C CYS A 39 2.74 -1.62 -6.98
N LYS A 40 2.68 -2.69 -6.20
CA LYS A 40 3.88 -3.24 -5.57
C LYS A 40 4.70 -4.05 -6.57
N LEU A 41 4.13 -5.18 -7.02
CA LEU A 41 4.81 -6.04 -7.98
C LEU A 41 5.42 -5.22 -9.12
N TYR A 42 4.58 -4.44 -9.80
CA TYR A 42 5.04 -3.61 -10.90
C TYR A 42 6.39 -2.96 -10.57
N HIS A 43 6.67 -2.81 -9.28
CA HIS A 43 7.92 -2.21 -8.84
C HIS A 43 8.91 -3.28 -8.41
N THR A 44 8.48 -4.14 -7.50
CA THR A 44 9.33 -5.21 -6.99
C THR A 44 10.31 -5.68 -8.06
N THR A 45 9.83 -5.79 -9.30
CA THR A 45 10.67 -6.23 -10.41
C THR A 45 10.54 -5.29 -11.60
N GLY A 46 9.34 -4.76 -11.81
CA GLY A 46 9.11 -3.84 -12.91
C GLY A 46 7.83 -4.14 -13.67
N ASN A 47 7.53 -5.43 -13.83
CA ASN A 47 6.33 -5.85 -14.54
C ASN A 47 5.28 -6.39 -13.57
N CYS A 48 4.02 -6.09 -13.85
CA CYS A 48 2.93 -6.54 -12.99
C CYS A 48 2.24 -7.77 -13.60
N ILE A 49 1.80 -8.68 -12.73
CA ILE A 49 1.13 -9.89 -13.17
C ILE A 49 -0.27 -9.59 -13.71
N ASN A 50 -0.94 -8.63 -13.06
CA ASN A 50 -2.29 -8.24 -13.47
C ASN A 50 -2.33 -7.93 -14.97
N GLY A 51 -1.55 -6.94 -15.39
CA GLY A 51 -1.52 -6.55 -16.78
C GLY A 51 -1.79 -5.08 -16.99
N ASP A 52 -2.26 -4.72 -18.18
CA ASP A 52 -2.57 -3.33 -18.49
C ASP A 52 -3.81 -2.87 -17.76
N ASP A 53 -4.70 -3.81 -17.46
CA ASP A 53 -5.94 -3.49 -16.75
C ASP A 53 -5.84 -3.86 -15.28
N CYS A 54 -4.71 -3.51 -14.67
CA CYS A 54 -4.49 -3.81 -13.26
C CYS A 54 -5.31 -2.89 -12.37
N MET A 55 -5.75 -3.41 -11.23
CA MET A 55 -6.55 -2.63 -10.29
C MET A 55 -5.67 -1.74 -9.43
N PHE A 56 -4.43 -1.52 -9.88
CA PHE A 56 -3.49 -0.69 -9.15
C PHE A 56 -2.89 0.38 -10.06
N SER A 57 -2.44 1.48 -9.46
CA SER A 57 -1.85 2.57 -10.23
C SER A 57 -0.41 2.25 -10.61
N HIS A 58 -0.11 2.37 -11.90
CA HIS A 58 1.24 2.10 -12.39
C HIS A 58 2.01 3.38 -12.62
N ASP A 59 1.55 4.46 -11.98
CA ASP A 59 2.20 5.76 -12.11
C ASP A 59 3.64 5.70 -11.59
N PRO A 60 4.48 6.61 -12.10
CA PRO A 60 5.89 6.68 -11.69
C PRO A 60 6.07 7.17 -10.26
N LEU A 61 6.61 6.31 -9.41
CA LEU A 61 6.84 6.64 -8.01
C LEU A 61 7.34 8.07 -7.87
N THR A 62 6.74 8.83 -6.96
CA THR A 62 7.13 10.21 -6.73
C THR A 62 7.76 10.38 -5.35
N GLU A 63 8.39 11.54 -5.13
CA GLU A 63 9.04 11.82 -3.86
C GLU A 63 8.09 11.54 -2.69
N GLU A 64 6.80 11.74 -2.93
CA GLU A 64 5.79 11.50 -1.90
C GLU A 64 5.44 10.02 -1.81
N THR A 65 4.64 9.56 -2.75
CA THR A 65 4.23 8.15 -2.78
C THR A 65 5.41 7.23 -2.53
N ARG A 66 6.57 7.60 -3.07
CA ARG A 66 7.78 6.80 -2.90
C ARG A 66 7.99 6.42 -1.44
N GLU A 67 7.72 7.36 -0.55
CA GLU A 67 7.88 7.12 0.89
C GLU A 67 6.95 6.00 1.35
N LEU A 68 5.70 6.07 0.93
CA LEU A 68 4.71 5.06 1.30
C LEU A 68 5.31 3.66 1.26
N LEU A 69 5.66 3.20 0.07
CA LEU A 69 6.24 1.88 -0.11
C LEU A 69 7.25 1.59 0.99
N ASP A 70 8.28 2.43 1.09
CA ASP A 70 9.32 2.26 2.09
C ASP A 70 8.71 1.83 3.43
N LYS A 71 7.58 2.42 3.78
CA LYS A 71 6.90 2.10 5.03
C LYS A 71 6.10 0.81 4.89
N MET A 72 5.28 0.73 3.84
CA MET A 72 4.46 -0.45 3.60
C MET A 72 5.33 -1.69 3.46
N LEU A 73 6.19 -1.71 2.46
CA LEU A 73 7.08 -2.84 2.23
C LEU A 73 7.72 -3.30 3.53
N ALA A 74 8.68 -2.53 4.02
CA ALA A 74 9.38 -2.85 5.26
C ALA A 74 8.43 -3.49 6.26
N ASP A 75 7.26 -2.88 6.43
CA ASP A 75 6.26 -3.38 7.36
C ASP A 75 5.86 -4.81 7.01
N ASP A 76 5.46 -5.01 5.76
CA ASP A 76 5.05 -6.34 5.30
C ASP A 76 6.21 -7.32 5.35
N ALA A 77 7.23 -7.07 4.52
CA ALA A 77 8.40 -7.93 4.47
C ALA A 77 8.78 -8.43 5.86
N GLU A 78 9.16 -7.51 6.73
CA GLU A 78 9.55 -7.86 8.09
C GLU A 78 8.69 -9.00 8.63
N ALA A 79 7.37 -8.81 8.56
CA ALA A 79 6.44 -9.83 9.04
C ALA A 79 6.18 -10.88 7.96
N GLY A 80 7.23 -11.28 7.26
CA GLY A 80 7.09 -12.27 6.22
C GLY A 80 7.94 -11.95 5.00
N ALA A 81 9.08 -12.62 4.88
CA ALA A 81 9.99 -12.41 3.75
C ALA A 81 10.96 -13.56 3.60
N GLU A 82 11.00 -14.14 2.40
CA GLU A 82 11.89 -15.26 2.12
C GLU A 82 12.74 -14.99 0.88
N ASP A 83 13.87 -14.34 1.08
CA ASP A 83 14.78 -14.01 -0.02
C ASP A 83 15.74 -15.17 -0.29
N GLU A 84 16.49 -15.06 -1.38
CA GLU A 84 17.45 -16.09 -1.76
C GLU A 84 18.81 -15.49 -2.04
N LYS A 85 19.87 -16.20 -1.66
CA LYS A 85 21.24 -15.73 -1.89
C LYS A 85 21.34 -14.96 -3.20
N GLU A 86 22.23 -13.97 -3.24
CA GLU A 86 22.43 -13.17 -4.43
C GLU A 86 23.41 -13.83 -5.38
N VAL A 87 23.36 -13.44 -6.65
CA VAL A 87 24.25 -14.00 -7.67
C VAL A 87 25.15 -12.92 -8.26
N GLU A 88 26.44 -13.04 -8.00
CA GLU A 88 27.42 -12.07 -8.51
C GLU A 88 28.15 -12.63 -9.73
N GLU A 89 29.02 -11.82 -10.32
CA GLU A 89 29.79 -12.23 -11.49
C GLU A 89 31.04 -13.00 -11.08
N LEU A 90 32.04 -12.28 -10.60
CA LEU A 90 33.29 -12.88 -10.18
C LEU A 90 33.79 -13.89 -11.21
N LYS A 91 33.53 -13.59 -12.49
CA LYS A 91 33.95 -14.47 -13.57
C LYS A 91 34.64 -13.66 -14.68
N LYS A 92 34.94 -12.40 -14.39
CA LYS A 92 35.60 -11.54 -15.35
C LYS A 92 36.93 -12.14 -15.81
N SER A 93 37.13 -12.16 -17.13
CA SER A 93 38.36 -12.71 -17.70
C SER A 93 38.71 -12.01 -19.01
N GLY A 94 39.85 -12.39 -19.59
CA GLY A 94 40.27 -11.79 -20.84
C GLY A 94 41.56 -12.41 -21.37
N PRO A 95 41.42 -13.55 -22.07
CA PRO A 95 42.57 -14.25 -22.64
C PRO A 95 43.21 -13.50 -23.80
N SER A 96 44.25 -14.07 -24.39
CA SER A 96 44.94 -13.45 -25.50
C SER A 96 45.02 -14.40 -26.70
N SER A 97 45.56 -13.90 -27.81
CA SER A 97 45.68 -14.69 -29.03
C SER A 97 47.15 -14.89 -29.40
N GLY A 98 47.85 -13.77 -29.58
CA GLY A 98 49.26 -13.84 -29.95
C GLY A 98 49.50 -13.38 -31.38
ZN ZN B . -11.03 0.70 1.26
ZN ZN C . -0.29 -3.72 -11.12
N GLY A 1 16.69 19.69 -0.24
CA GLY A 1 15.67 20.30 0.59
C GLY A 1 14.35 20.46 -0.15
N SER A 2 13.24 20.25 0.56
CA SER A 2 11.92 20.38 -0.03
C SER A 2 10.95 21.08 0.92
N SER A 3 10.08 21.89 0.37
CA SER A 3 9.10 22.64 1.16
C SER A 3 8.02 23.24 0.27
N GLY A 4 6.81 22.69 0.39
CA GLY A 4 5.70 23.19 -0.40
C GLY A 4 4.56 22.18 -0.51
N SER A 5 4.13 21.67 0.64
CA SER A 5 3.04 20.69 0.67
C SER A 5 1.69 21.39 0.66
N SER A 6 0.77 20.84 -0.13
CA SER A 6 -0.58 21.41 -0.25
C SER A 6 -1.25 21.46 1.12
N GLY A 7 -1.15 20.36 1.87
CA GLY A 7 -1.77 20.29 3.18
C GLY A 7 -1.68 18.92 3.79
N GLU A 8 -2.20 18.78 5.01
CA GLU A 8 -2.18 17.49 5.70
C GLU A 8 -3.59 17.10 6.14
N LEU A 9 -4.23 16.26 5.34
CA LEU A 9 -5.59 15.80 5.64
C LEU A 9 -5.56 14.53 6.50
N PRO A 10 -6.63 14.32 7.28
CA PRO A 10 -6.74 13.14 8.15
C PRO A 10 -6.94 11.85 7.37
N LYS A 11 -5.83 11.29 6.89
CA LYS A 11 -5.87 10.05 6.12
C LYS A 11 -4.65 9.18 6.42
N LYS A 12 -4.73 7.90 6.05
CA LYS A 12 -3.64 6.98 6.27
C LYS A 12 -2.67 6.99 5.09
N ARG A 13 -3.20 7.14 3.89
CA ARG A 13 -2.39 7.17 2.69
C ARG A 13 -1.62 5.85 2.52
N GLU A 14 -2.29 4.74 2.81
CA GLU A 14 -1.66 3.42 2.69
C GLU A 14 -2.60 2.44 2.00
N LEU A 15 -2.03 1.35 1.48
CA LEU A 15 -2.81 0.33 0.80
C LEU A 15 -3.86 -0.28 1.73
N CYS A 16 -5.13 -0.02 1.43
CA CYS A 16 -6.21 -0.55 2.24
C CYS A 16 -6.09 -2.06 2.40
N LYS A 17 -5.89 -2.50 3.64
CA LYS A 17 -5.76 -3.92 3.93
C LYS A 17 -6.98 -4.70 3.44
N PHE A 18 -8.03 -3.96 3.08
CA PHE A 18 -9.26 -4.58 2.59
C PHE A 18 -9.34 -4.50 1.07
N TYR A 19 -9.09 -3.32 0.53
CA TYR A 19 -9.13 -3.11 -0.92
C TYR A 19 -8.41 -4.23 -1.64
N ILE A 20 -7.27 -4.64 -1.10
CA ILE A 20 -6.47 -5.71 -1.70
C ILE A 20 -7.37 -6.82 -2.24
N THR A 21 -8.51 -7.03 -1.59
CA THR A 21 -9.45 -8.06 -2.00
C THR A 21 -10.63 -7.46 -2.75
N GLY A 22 -11.06 -6.28 -2.31
CA GLY A 22 -12.18 -5.61 -2.96
C GLY A 22 -13.34 -5.39 -2.01
N PHE A 23 -13.25 -5.98 -0.83
CA PHE A 23 -14.31 -5.83 0.17
C PHE A 23 -13.96 -4.74 1.18
N CYS A 24 -14.35 -3.51 0.86
CA CYS A 24 -14.07 -2.37 1.74
C CYS A 24 -15.35 -1.61 2.05
N ALA A 25 -15.80 -1.70 3.30
CA ALA A 25 -17.01 -1.01 3.73
C ALA A 25 -17.10 0.38 3.11
N ARG A 26 -16.27 1.29 3.58
CA ARG A 26 -16.25 2.66 3.07
C ARG A 26 -15.63 2.71 1.68
N ALA A 27 -16.47 2.82 0.66
CA ALA A 27 -16.01 2.88 -0.71
C ALA A 27 -15.56 4.29 -1.08
N GLU A 28 -16.52 5.21 -1.23
CA GLU A 28 -16.22 6.59 -1.57
C GLU A 28 -15.69 7.35 -0.35
N ASN A 29 -15.74 6.70 0.80
CA ASN A 29 -15.26 7.32 2.04
C ASN A 29 -14.11 6.51 2.64
N CYS A 30 -13.34 5.87 1.77
CA CYS A 30 -12.20 5.07 2.22
C CYS A 30 -11.05 5.97 2.65
N PRO A 31 -10.74 5.93 3.97
CA PRO A 31 -9.65 6.73 4.54
C PRO A 31 -8.28 6.24 4.10
N TYR A 32 -8.25 5.30 3.17
CA TYR A 32 -7.00 4.75 2.66
C TYR A 32 -6.86 5.01 1.17
N MET A 33 -5.80 4.47 0.58
CA MET A 33 -5.54 4.65 -0.85
C MET A 33 -5.97 3.41 -1.63
N HIS A 34 -6.65 3.63 -2.75
CA HIS A 34 -7.11 2.53 -3.59
C HIS A 34 -6.41 2.54 -4.94
N GLY A 35 -6.83 3.45 -5.81
CA GLY A 35 -6.24 3.55 -7.13
C GLY A 35 -4.90 4.27 -7.10
N ASP A 36 -4.94 5.57 -6.86
CA ASP A 36 -3.72 6.38 -6.82
C ASP A 36 -2.53 5.54 -6.34
N PHE A 37 -2.77 4.72 -5.32
CA PHE A 37 -1.72 3.87 -4.77
C PHE A 37 -0.99 3.12 -5.88
N PRO A 38 0.36 3.26 -5.90
CA PRO A 38 1.20 2.60 -6.91
C PRO A 38 1.26 1.09 -6.72
N CYS A 39 0.96 0.37 -7.79
CA CYS A 39 0.98 -1.09 -7.74
C CYS A 39 2.29 -1.60 -7.13
N LYS A 40 2.22 -2.76 -6.47
CA LYS A 40 3.39 -3.34 -5.84
C LYS A 40 4.24 -4.09 -6.87
N LEU A 41 3.71 -5.18 -7.40
CA LEU A 41 4.42 -5.97 -8.40
C LEU A 41 5.08 -5.08 -9.44
N TYR A 42 4.26 -4.30 -10.15
CA TYR A 42 4.76 -3.40 -11.17
C TYR A 42 6.07 -2.74 -10.74
N HIS A 43 6.27 -2.65 -9.42
CA HIS A 43 7.47 -2.05 -8.87
C HIS A 43 8.48 -3.12 -8.46
N THR A 44 8.02 -4.07 -7.64
CA THR A 44 8.87 -5.15 -7.18
C THR A 44 9.91 -5.54 -8.24
N THR A 45 9.47 -5.62 -9.48
CA THR A 45 10.35 -5.97 -10.59
C THR A 45 10.26 -4.95 -11.72
N GLY A 46 9.06 -4.42 -11.93
CA GLY A 46 8.87 -3.43 -12.99
C GLY A 46 7.58 -3.65 -13.75
N ASN A 47 7.26 -4.91 -14.03
CA ASN A 47 6.05 -5.25 -14.76
C ASN A 47 4.99 -5.83 -13.82
N CYS A 48 3.79 -6.03 -14.35
CA CYS A 48 2.69 -6.57 -13.57
C CYS A 48 2.03 -7.75 -14.29
N ILE A 49 2.07 -8.92 -13.65
CA ILE A 49 1.47 -10.12 -14.23
C ILE A 49 0.04 -9.87 -14.66
N ASN A 50 -0.64 -8.97 -13.96
CA ASN A 50 -2.03 -8.64 -14.27
C ASN A 50 -2.20 -8.33 -15.75
N GLY A 51 -1.53 -7.27 -16.20
CA GLY A 51 -1.63 -6.86 -17.59
C GLY A 51 -1.63 -5.36 -17.77
N ASP A 52 -2.06 -4.91 -18.94
CA ASP A 52 -2.11 -3.49 -19.25
C ASP A 52 -3.20 -2.80 -18.44
N ASP A 53 -4.32 -3.48 -18.25
CA ASP A 53 -5.44 -2.94 -17.49
C ASP A 53 -5.45 -3.49 -16.08
N CYS A 54 -4.42 -3.16 -15.30
CA CYS A 54 -4.32 -3.62 -13.92
C CYS A 54 -5.23 -2.81 -13.01
N MET A 55 -5.68 -3.44 -11.92
CA MET A 55 -6.54 -2.78 -10.96
C MET A 55 -5.79 -1.70 -10.19
N PHE A 56 -4.47 -1.80 -10.19
CA PHE A 56 -3.63 -0.83 -9.50
C PHE A 56 -3.03 0.18 -10.46
N SER A 57 -2.69 1.36 -9.95
CA SER A 57 -2.11 2.41 -10.78
C SER A 57 -0.63 2.14 -11.05
N HIS A 58 -0.19 2.46 -12.26
CA HIS A 58 1.20 2.27 -12.65
C HIS A 58 1.90 3.59 -12.91
N ASP A 59 1.52 4.61 -12.15
CA ASP A 59 2.10 5.94 -12.29
C ASP A 59 3.54 5.97 -11.75
N PRO A 60 4.30 6.98 -12.17
CA PRO A 60 5.70 7.14 -11.75
C PRO A 60 5.81 7.55 -10.28
N LEU A 61 6.42 6.67 -9.48
CA LEU A 61 6.59 6.94 -8.05
C LEU A 61 6.96 8.39 -7.81
N THR A 62 6.49 8.94 -6.69
CA THR A 62 6.78 10.32 -6.34
C THR A 62 7.41 10.42 -4.94
N GLU A 63 8.14 11.50 -4.71
CA GLU A 63 8.79 11.71 -3.42
C GLU A 63 7.89 11.29 -2.28
N GLU A 64 6.58 11.48 -2.46
CA GLU A 64 5.60 11.11 -1.44
C GLU A 64 5.31 9.61 -1.47
N THR A 65 4.54 9.20 -2.47
CA THR A 65 4.18 7.79 -2.61
C THR A 65 5.36 6.88 -2.33
N ARG A 66 6.50 7.19 -2.95
CA ARG A 66 7.71 6.40 -2.77
C ARG A 66 7.87 6.00 -1.30
N GLU A 67 7.70 6.96 -0.40
CA GLU A 67 7.83 6.70 1.02
C GLU A 67 6.79 5.68 1.49
N LEU A 68 5.55 5.87 1.06
CA LEU A 68 4.47 4.97 1.44
C LEU A 68 4.90 3.51 1.29
N LEU A 69 5.23 3.11 0.07
CA LEU A 69 5.67 1.74 -0.20
C LEU A 69 6.62 1.25 0.89
N ASP A 70 7.75 1.93 1.02
CA ASP A 70 8.74 1.56 2.04
C ASP A 70 8.06 1.15 3.34
N LYS A 71 7.10 1.96 3.78
CA LYS A 71 6.38 1.69 5.02
C LYS A 71 5.49 0.45 4.86
N MET A 72 4.79 0.38 3.73
CA MET A 72 3.91 -0.74 3.45
C MET A 72 4.67 -2.07 3.53
N LEU A 73 5.67 -2.22 2.68
CA LEU A 73 6.48 -3.43 2.65
C LEU A 73 7.04 -3.75 4.03
N ALA A 74 7.42 -2.70 4.76
CA ALA A 74 7.96 -2.87 6.10
C ALA A 74 7.00 -3.63 7.01
N ASP A 75 5.72 -3.30 6.90
CA ASP A 75 4.70 -3.95 7.70
C ASP A 75 4.81 -5.47 7.61
N ASP A 76 4.96 -5.97 6.39
CA ASP A 76 5.09 -7.40 6.16
C ASP A 76 6.49 -7.90 6.53
N ALA A 77 7.49 -7.29 5.92
CA ALA A 77 8.89 -7.66 6.18
C ALA A 77 9.13 -7.83 7.67
N GLU A 78 8.76 -6.80 8.44
CA GLU A 78 8.95 -6.83 9.89
C GLU A 78 8.29 -8.06 10.50
N ALA A 79 7.01 -8.25 10.20
CA ALA A 79 6.27 -9.39 10.72
C ALA A 79 7.13 -10.65 10.73
N GLY A 80 7.81 -10.91 9.62
CA GLY A 80 8.66 -12.09 9.52
C GLY A 80 9.83 -12.02 10.47
N ALA A 81 10.95 -11.46 10.01
CA ALA A 81 12.15 -11.34 10.82
C ALA A 81 12.34 -9.91 11.30
N GLU A 82 13.37 -9.70 12.13
CA GLU A 82 13.66 -8.38 12.66
C GLU A 82 14.95 -7.82 12.06
N ASP A 83 15.00 -6.51 11.90
CA ASP A 83 16.17 -5.84 11.33
C ASP A 83 16.22 -4.38 11.75
N GLU A 84 17.38 -3.76 11.56
CA GLU A 84 17.57 -2.35 11.92
C GLU A 84 17.90 -1.51 10.69
N LYS A 85 17.14 -0.44 10.49
CA LYS A 85 17.35 0.44 9.36
C LYS A 85 17.96 1.78 9.81
N GLU A 86 18.57 2.48 8.86
CA GLU A 86 19.19 3.77 9.17
C GLU A 86 19.32 4.63 7.91
N VAL A 87 19.09 5.93 8.06
CA VAL A 87 19.18 6.85 6.93
C VAL A 87 20.12 8.01 7.25
N GLU A 88 21.41 7.78 7.06
CA GLU A 88 22.42 8.80 7.34
C GLU A 88 22.32 9.93 6.31
N GLU A 89 22.72 11.13 6.72
CA GLU A 89 22.67 12.30 5.84
C GLU A 89 24.04 12.56 5.23
N LEU A 90 24.07 13.42 4.21
CA LEU A 90 25.31 13.76 3.54
C LEU A 90 25.88 15.09 4.06
N LYS A 91 25.16 16.18 3.77
CA LYS A 91 25.59 17.50 4.21
C LYS A 91 24.44 18.23 4.90
N LYS A 92 24.22 17.90 6.17
CA LYS A 92 23.16 18.53 6.96
C LYS A 92 23.71 19.68 7.79
N SER A 93 23.87 20.83 7.16
CA SER A 93 24.39 22.01 7.83
C SER A 93 24.31 23.24 6.94
N GLY A 94 24.55 24.42 7.52
CA GLY A 94 24.50 25.65 6.76
C GLY A 94 25.00 26.84 7.55
N PRO A 95 26.27 27.19 7.36
CA PRO A 95 26.90 28.33 8.05
C PRO A 95 26.35 29.66 7.58
N SER A 96 26.85 30.74 8.18
CA SER A 96 26.42 32.09 7.81
C SER A 96 27.49 33.12 8.17
N SER A 97 27.24 34.36 7.79
CA SER A 97 28.18 35.45 8.07
C SER A 97 27.53 36.81 7.84
N GLY A 98 28.26 37.87 8.18
CA GLY A 98 27.73 39.21 8.00
C GLY A 98 28.11 40.14 9.14
ZN ZN B . -10.64 0.83 1.47
ZN ZN C . -0.35 -3.75 -11.40
N GLY A 1 14.09 21.82 7.66
CA GLY A 1 13.20 21.25 8.65
C GLY A 1 11.74 21.45 8.31
N SER A 2 11.08 20.38 7.90
CA SER A 2 9.67 20.44 7.53
C SER A 2 8.93 19.19 7.99
N SER A 3 7.96 19.37 8.87
CA SER A 3 7.17 18.25 9.38
C SER A 3 6.04 18.75 10.28
N GLY A 4 4.91 18.06 10.22
CA GLY A 4 3.77 18.44 11.03
C GLY A 4 2.77 17.31 11.21
N SER A 5 3.29 16.09 11.37
CA SER A 5 2.43 14.93 11.55
C SER A 5 2.39 14.50 13.02
N SER A 6 2.31 15.47 13.91
CA SER A 6 2.26 15.21 15.34
C SER A 6 0.86 14.81 15.77
N GLY A 7 0.74 13.63 16.39
CA GLY A 7 -0.55 13.15 16.84
C GLY A 7 -1.28 12.36 15.77
N GLU A 8 -2.18 11.49 16.20
CA GLU A 8 -2.95 10.67 15.28
C GLU A 8 -3.54 11.52 14.15
N LEU A 9 -3.57 10.95 12.94
CA LEU A 9 -4.10 11.66 11.78
C LEU A 9 -5.14 10.81 11.06
N PRO A 10 -6.03 11.48 10.31
CA PRO A 10 -7.09 10.80 9.55
C PRO A 10 -6.54 10.00 8.37
N LYS A 11 -6.46 10.65 7.21
CA LYS A 11 -5.96 10.00 6.01
C LYS A 11 -4.68 9.22 6.31
N LYS A 12 -4.73 7.91 6.06
CA LYS A 12 -3.58 7.05 6.29
C LYS A 12 -2.61 7.09 5.12
N ARG A 13 -3.16 7.27 3.92
CA ARG A 13 -2.34 7.32 2.71
C ARG A 13 -1.57 6.03 2.52
N GLU A 14 -2.19 4.91 2.87
CA GLU A 14 -1.56 3.60 2.75
C GLU A 14 -2.46 2.64 2.00
N LEU A 15 -1.96 1.43 1.75
CA LEU A 15 -2.71 0.41 1.04
C LEU A 15 -3.78 -0.20 1.94
N CYS A 16 -5.04 -0.11 1.51
CA CYS A 16 -6.14 -0.66 2.29
C CYS A 16 -5.98 -2.16 2.48
N LYS A 17 -6.14 -2.61 3.72
CA LYS A 17 -6.01 -4.03 4.05
C LYS A 17 -7.22 -4.81 3.53
N PHE A 18 -8.13 -4.12 2.86
CA PHE A 18 -9.32 -4.76 2.31
C PHE A 18 -9.36 -4.62 0.80
N TYR A 19 -8.99 -3.44 0.30
CA TYR A 19 -8.97 -3.17 -1.13
C TYR A 19 -8.16 -4.22 -1.89
N ILE A 20 -7.17 -4.79 -1.20
CA ILE A 20 -6.32 -5.81 -1.80
C ILE A 20 -7.14 -6.85 -2.54
N THR A 21 -8.35 -7.10 -2.05
CA THR A 21 -9.24 -8.08 -2.68
C THR A 21 -10.32 -7.39 -3.49
N GLY A 22 -10.70 -6.18 -3.07
CA GLY A 22 -11.73 -5.43 -3.77
C GLY A 22 -12.96 -5.20 -2.92
N PHE A 23 -13.02 -5.88 -1.77
CA PHE A 23 -14.16 -5.74 -0.87
C PHE A 23 -13.83 -4.79 0.28
N CYS A 24 -14.26 -3.55 0.14
CA CYS A 24 -14.01 -2.54 1.17
C CYS A 24 -15.29 -1.78 1.50
N ALA A 25 -15.84 -2.05 2.68
CA ALA A 25 -17.06 -1.38 3.12
C ALA A 25 -17.06 0.09 2.73
N ARG A 26 -16.15 0.85 3.32
CA ARG A 26 -16.05 2.28 3.04
C ARG A 26 -15.49 2.52 1.63
N ALA A 27 -16.37 2.89 0.71
CA ALA A 27 -15.97 3.15 -0.67
C ALA A 27 -15.39 4.55 -0.82
N GLU A 28 -16.26 5.55 -0.86
CA GLU A 28 -15.83 6.94 -1.00
C GLU A 28 -15.39 7.51 0.35
N ASN A 29 -15.53 6.71 1.40
CA ASN A 29 -15.16 7.14 2.74
C ASN A 29 -13.96 6.32 3.26
N CYS A 30 -13.18 5.79 2.34
CA CYS A 30 -12.02 4.99 2.70
C CYS A 30 -10.84 5.88 3.07
N PRO A 31 -10.43 5.82 4.34
CA PRO A 31 -9.30 6.62 4.85
C PRO A 31 -7.97 6.15 4.29
N TYR A 32 -8.00 5.16 3.41
CA TYR A 32 -6.79 4.62 2.81
C TYR A 32 -6.77 4.88 1.30
N MET A 33 -5.77 4.33 0.62
CA MET A 33 -5.64 4.50 -0.81
C MET A 33 -6.15 3.26 -1.55
N HIS A 34 -6.66 3.47 -2.77
CA HIS A 34 -7.18 2.38 -3.58
C HIS A 34 -6.52 2.35 -4.95
N GLY A 35 -6.95 3.25 -5.83
CA GLY A 35 -6.39 3.31 -7.16
C GLY A 35 -5.07 4.06 -7.20
N ASP A 36 -5.10 5.33 -6.80
CA ASP A 36 -3.90 6.16 -6.80
C ASP A 36 -2.69 5.36 -6.32
N PHE A 37 -2.88 4.57 -5.28
CA PHE A 37 -1.80 3.75 -4.74
C PHE A 37 -1.06 3.01 -5.85
N PRO A 38 0.28 3.16 -5.86
CA PRO A 38 1.13 2.51 -6.86
C PRO A 38 1.20 1.00 -6.69
N CYS A 39 1.18 0.28 -7.79
CA CYS A 39 1.24 -1.18 -7.76
C CYS A 39 2.54 -1.66 -7.13
N LYS A 40 2.47 -2.78 -6.42
CA LYS A 40 3.65 -3.35 -5.77
C LYS A 40 4.51 -4.11 -6.76
N LEU A 41 3.99 -5.24 -7.24
CA LEU A 41 4.71 -6.07 -8.20
C LEU A 41 5.34 -5.21 -9.30
N TYR A 42 4.50 -4.44 -9.99
CA TYR A 42 4.97 -3.57 -11.06
C TYR A 42 6.29 -2.92 -10.69
N HIS A 43 6.53 -2.74 -9.40
CA HIS A 43 7.75 -2.12 -8.90
C HIS A 43 8.75 -3.19 -8.46
N THR A 44 8.31 -4.10 -7.59
CA THR A 44 9.16 -5.16 -7.08
C THR A 44 10.14 -5.63 -8.14
N THR A 45 9.69 -5.63 -9.40
CA THR A 45 10.53 -6.07 -10.51
C THR A 45 10.45 -5.08 -11.67
N GLY A 46 9.25 -4.57 -11.92
CA GLY A 46 9.07 -3.61 -13.00
C GLY A 46 7.78 -3.85 -13.77
N ASN A 47 7.45 -5.11 -13.98
CA ASN A 47 6.23 -5.48 -14.71
C ASN A 47 5.19 -6.08 -13.76
N CYS A 48 3.91 -5.92 -14.12
CA CYS A 48 2.83 -6.44 -13.31
C CYS A 48 2.22 -7.69 -13.95
N ILE A 49 1.86 -8.66 -13.12
CA ILE A 49 1.27 -9.90 -13.61
C ILE A 49 -0.17 -9.68 -14.07
N ASN A 50 -0.85 -8.74 -13.42
CA ASN A 50 -2.23 -8.43 -13.77
C ASN A 50 -2.38 -8.17 -15.27
N GLY A 51 -1.79 -7.08 -15.73
CA GLY A 51 -1.87 -6.73 -17.14
C GLY A 51 -1.96 -5.25 -17.38
N ASP A 52 -2.49 -4.87 -18.54
CA ASP A 52 -2.64 -3.45 -18.89
C ASP A 52 -3.79 -2.83 -18.11
N ASP A 53 -4.79 -3.64 -17.77
CA ASP A 53 -5.95 -3.16 -17.03
C ASP A 53 -5.88 -3.60 -15.57
N CYS A 54 -4.76 -3.28 -14.92
CA CYS A 54 -4.57 -3.64 -13.52
C CYS A 54 -5.41 -2.77 -12.61
N MET A 55 -5.85 -3.33 -11.48
CA MET A 55 -6.68 -2.60 -10.52
C MET A 55 -5.81 -1.69 -9.66
N PHE A 56 -4.56 -1.52 -10.05
CA PHE A 56 -3.63 -0.67 -9.30
C PHE A 56 -3.02 0.40 -10.21
N SER A 57 -2.54 1.48 -9.61
CA SER A 57 -1.94 2.56 -10.36
C SER A 57 -0.53 2.20 -10.81
N HIS A 58 -0.23 2.47 -12.09
CA HIS A 58 1.09 2.17 -12.64
C HIS A 58 1.88 3.45 -12.90
N ASP A 59 1.48 4.53 -12.23
CA ASP A 59 2.14 5.82 -12.39
C ASP A 59 3.55 5.77 -11.82
N PRO A 60 4.41 6.70 -12.27
CA PRO A 60 5.80 6.78 -11.82
C PRO A 60 5.91 7.25 -10.37
N LEU A 61 6.46 6.39 -9.51
CA LEU A 61 6.63 6.72 -8.10
C LEU A 61 7.04 8.17 -7.92
N THR A 62 6.48 8.82 -6.90
CA THR A 62 6.79 10.22 -6.63
C THR A 62 7.37 10.38 -5.23
N GLU A 63 8.15 11.44 -5.04
CA GLU A 63 8.77 11.70 -3.74
C GLU A 63 7.80 11.42 -2.60
N GLU A 64 6.50 11.59 -2.88
CA GLU A 64 5.47 11.36 -1.88
C GLU A 64 5.17 9.88 -1.74
N THR A 65 4.45 9.33 -2.72
CA THR A 65 4.09 7.91 -2.69
C THR A 65 5.30 7.04 -2.36
N ARG A 66 6.41 7.31 -3.02
CA ARG A 66 7.64 6.54 -2.78
C ARG A 66 7.82 6.26 -1.30
N GLU A 67 7.49 7.24 -0.47
CA GLU A 67 7.62 7.08 0.98
C GLU A 67 6.66 6.02 1.50
N LEU A 68 5.46 5.97 0.94
CA LEU A 68 4.46 5.00 1.35
C LEU A 68 5.04 3.59 1.35
N LEU A 69 5.47 3.13 0.18
CA LEU A 69 6.06 1.80 0.04
C LEU A 69 6.98 1.48 1.22
N ASP A 70 7.97 2.35 1.43
CA ASP A 70 8.91 2.17 2.52
C ASP A 70 8.21 1.65 3.78
N LYS A 71 7.07 2.27 4.10
CA LYS A 71 6.31 1.88 5.27
C LYS A 71 5.49 0.63 4.99
N MET A 72 4.96 0.52 3.78
CA MET A 72 4.17 -0.64 3.38
C MET A 72 5.01 -1.91 3.38
N LEU A 73 5.97 -1.96 2.46
CA LEU A 73 6.85 -3.13 2.35
C LEU A 73 7.24 -3.65 3.73
N ALA A 74 7.68 -2.75 4.59
CA ALA A 74 8.08 -3.11 5.94
C ALA A 74 6.90 -3.68 6.73
N ASP A 75 5.75 -3.01 6.62
CA ASP A 75 4.55 -3.45 7.32
C ASP A 75 4.18 -4.89 6.95
N ASP A 76 4.18 -5.18 5.65
CA ASP A 76 3.86 -6.52 5.18
C ASP A 76 4.91 -7.53 5.64
N ALA A 77 6.11 -7.41 5.09
CA ALA A 77 7.20 -8.32 5.44
C ALA A 77 7.25 -8.55 6.95
N GLU A 78 7.22 -7.46 7.71
CA GLU A 78 7.27 -7.54 9.16
C GLU A 78 6.05 -8.28 9.70
N ALA A 79 4.87 -7.75 9.40
CA ALA A 79 3.61 -8.35 9.85
C ALA A 79 3.17 -9.46 8.91
N GLY A 80 3.50 -10.71 9.25
CA GLY A 80 3.12 -11.83 8.42
C GLY A 80 1.90 -12.56 8.96
N ALA A 81 0.92 -11.80 9.44
CA ALA A 81 -0.30 -12.38 9.98
C ALA A 81 -1.49 -11.43 9.79
N GLU A 82 -2.53 -11.94 9.14
CA GLU A 82 -3.73 -11.13 8.89
C GLU A 82 -4.98 -11.97 9.07
N ASP A 83 -5.71 -11.73 10.15
CA ASP A 83 -6.93 -12.47 10.43
C ASP A 83 -7.81 -12.58 9.19
N GLU A 84 -8.78 -13.48 9.23
CA GLU A 84 -9.68 -13.69 8.10
C GLU A 84 -11.12 -13.40 8.49
N LYS A 85 -12.03 -13.48 7.51
CA LYS A 85 -13.44 -13.25 7.76
C LYS A 85 -14.27 -14.49 7.42
N GLU A 86 -15.49 -14.54 7.96
CA GLU A 86 -16.37 -15.67 7.72
C GLU A 86 -17.73 -15.19 7.22
N VAL A 87 -18.38 -16.02 6.41
CA VAL A 87 -19.69 -15.70 5.87
C VAL A 87 -20.81 -16.23 6.75
N GLU A 88 -21.67 -15.32 7.22
CA GLU A 88 -22.77 -15.69 8.08
C GLU A 88 -24.04 -15.96 7.27
N GLU A 89 -24.79 -16.98 7.65
CA GLU A 89 -26.01 -17.34 6.96
C GLU A 89 -26.86 -16.10 6.68
N LEU A 90 -27.69 -16.18 5.63
CA LEU A 90 -28.55 -15.07 5.25
C LEU A 90 -29.90 -15.16 5.96
N LYS A 91 -29.87 -15.39 7.27
CA LYS A 91 -31.08 -15.50 8.05
C LYS A 91 -32.19 -16.17 7.26
N LYS A 92 -31.83 -17.20 6.50
CA LYS A 92 -32.80 -17.93 5.69
C LYS A 92 -34.05 -18.25 6.50
N SER A 93 -35.20 -17.81 5.99
CA SER A 93 -36.47 -18.05 6.67
C SER A 93 -37.64 -17.76 5.74
N GLY A 94 -38.84 -18.13 6.19
CA GLY A 94 -40.03 -17.90 5.38
C GLY A 94 -41.07 -19.00 5.56
N PRO A 95 -41.97 -18.81 6.53
CA PRO A 95 -43.03 -19.78 6.83
C PRO A 95 -44.08 -19.82 5.74
N SER A 96 -45.11 -20.63 5.96
CA SER A 96 -46.19 -20.77 4.99
C SER A 96 -47.46 -20.07 5.47
N SER A 97 -48.43 -19.92 4.57
CA SER A 97 -49.69 -19.26 4.90
C SER A 97 -50.88 -20.05 4.36
N GLY A 98 -52.06 -19.78 4.90
CA GLY A 98 -53.25 -20.47 4.46
C GLY A 98 -54.50 -19.62 4.60
ZN ZN B . -10.58 0.72 1.59
ZN ZN C . -0.40 -3.70 -11.33
N GLY A 1 12.49 26.38 5.54
CA GLY A 1 12.08 27.73 5.21
C GLY A 1 10.71 27.77 4.55
N SER A 2 10.70 27.92 3.22
CA SER A 2 9.45 27.99 2.48
C SER A 2 8.52 26.84 2.87
N SER A 3 9.09 25.64 3.00
CA SER A 3 8.31 24.47 3.36
C SER A 3 8.01 24.46 4.86
N GLY A 4 6.93 23.78 5.22
CA GLY A 4 6.54 23.70 6.62
C GLY A 4 5.15 24.24 6.87
N SER A 5 4.14 23.41 6.64
CA SER A 5 2.75 23.82 6.84
C SER A 5 1.98 22.76 7.61
N SER A 6 1.10 23.21 8.50
CA SER A 6 0.30 22.30 9.31
C SER A 6 -1.07 22.05 8.66
N GLY A 7 -1.49 20.79 8.66
CA GLY A 7 -2.76 20.44 8.07
C GLY A 7 -2.94 18.94 7.89
N GLU A 8 -3.10 18.23 9.00
CA GLU A 8 -3.26 16.78 8.97
C GLU A 8 -4.73 16.42 8.75
N LEU A 9 -5.01 15.77 7.63
CA LEU A 9 -6.37 15.36 7.30
C LEU A 9 -6.74 14.07 8.02
N PRO A 10 -8.05 13.85 8.23
CA PRO A 10 -8.55 12.65 8.90
C PRO A 10 -8.37 11.39 8.06
N LYS A 11 -7.74 11.54 6.91
CA LYS A 11 -7.49 10.42 6.01
C LYS A 11 -6.22 9.68 6.39
N LYS A 12 -5.86 8.67 5.60
CA LYS A 12 -4.66 7.88 5.86
C LYS A 12 -3.99 7.48 4.55
N ARG A 13 -2.67 7.61 4.50
CA ARG A 13 -1.91 7.25 3.31
C ARG A 13 -1.45 5.80 3.36
N GLU A 14 -2.27 4.95 3.98
CA GLU A 14 -1.95 3.54 4.11
C GLU A 14 -2.83 2.69 3.20
N LEU A 15 -2.25 1.63 2.64
CA LEU A 15 -2.97 0.74 1.74
C LEU A 15 -4.07 -0.01 2.50
N CYS A 16 -5.31 0.17 2.05
CA CYS A 16 -6.46 -0.49 2.69
C CYS A 16 -6.29 -2.00 2.63
N LYS A 17 -6.55 -2.66 3.76
CA LYS A 17 -6.44 -4.12 3.85
C LYS A 17 -7.67 -4.79 3.24
N PHE A 18 -8.49 -4.00 2.55
CA PHE A 18 -9.70 -4.53 1.92
C PHE A 18 -9.64 -4.38 0.40
N TYR A 19 -9.15 -3.23 -0.05
CA TYR A 19 -9.05 -2.96 -1.48
C TYR A 19 -8.16 -3.99 -2.17
N ILE A 20 -7.15 -4.48 -1.45
CA ILE A 20 -6.23 -5.47 -1.98
C ILE A 20 -6.98 -6.55 -2.75
N THR A 21 -8.20 -6.85 -2.31
CA THR A 21 -9.01 -7.86 -2.96
C THR A 21 -10.08 -7.23 -3.84
N GLY A 22 -10.63 -6.10 -3.38
CA GLY A 22 -11.65 -5.41 -4.15
C GLY A 22 -12.98 -5.37 -3.42
N PHE A 23 -13.07 -6.10 -2.32
CA PHE A 23 -14.31 -6.14 -1.54
C PHE A 23 -14.22 -5.22 -0.33
N CYS A 24 -14.44 -3.93 -0.55
CA CYS A 24 -14.39 -2.94 0.52
C CYS A 24 -15.74 -2.26 0.71
N ALA A 25 -16.45 -2.64 1.76
CA ALA A 25 -17.76 -2.07 2.05
C ALA A 25 -17.76 -0.56 1.78
N ARG A 26 -16.96 0.18 2.54
CA ARG A 26 -16.89 1.62 2.37
C ARG A 26 -16.03 1.99 1.17
N ALA A 27 -16.68 2.42 0.09
CA ALA A 27 -15.97 2.80 -1.12
C ALA A 27 -15.42 4.22 -1.02
N GLU A 28 -16.31 5.20 -1.19
CA GLU A 28 -15.91 6.60 -1.13
C GLU A 28 -15.84 7.07 0.32
N ASN A 29 -15.85 6.13 1.26
CA ASN A 29 -15.80 6.45 2.67
C ASN A 29 -14.49 5.96 3.29
N CYS A 30 -13.81 5.06 2.59
CA CYS A 30 -12.54 4.52 3.07
C CYS A 30 -11.47 5.61 3.11
N PRO A 31 -11.05 5.98 4.32
CA PRO A 31 -10.02 7.01 4.53
C PRO A 31 -8.64 6.54 4.09
N TYR A 32 -8.57 5.34 3.53
CA TYR A 32 -7.31 4.78 3.07
C TYR A 32 -7.16 4.94 1.56
N MET A 33 -5.97 4.64 1.06
CA MET A 33 -5.70 4.75 -0.37
C MET A 33 -6.19 3.52 -1.12
N HIS A 34 -6.74 3.73 -2.30
CA HIS A 34 -7.25 2.64 -3.12
C HIS A 34 -6.55 2.58 -4.47
N GLY A 35 -6.93 3.47 -5.37
CA GLY A 35 -6.34 3.51 -6.70
C GLY A 35 -5.01 4.24 -6.70
N ASP A 36 -5.03 5.51 -6.32
CA ASP A 36 -3.82 6.33 -6.28
C ASP A 36 -2.61 5.49 -5.88
N PHE A 37 -2.78 4.69 -4.83
CA PHE A 37 -1.70 3.83 -4.35
C PHE A 37 -1.03 3.08 -5.50
N PRO A 38 0.30 3.22 -5.59
CA PRO A 38 1.09 2.58 -6.65
C PRO A 38 1.15 1.06 -6.47
N CYS A 39 0.95 0.33 -7.57
CA CYS A 39 0.98 -1.13 -7.54
C CYS A 39 2.28 -1.62 -6.92
N LYS A 40 2.20 -2.73 -6.19
CA LYS A 40 3.36 -3.32 -5.55
C LYS A 40 4.19 -4.13 -6.54
N LEU A 41 3.63 -5.24 -7.01
CA LEU A 41 4.31 -6.09 -7.98
C LEU A 41 4.96 -5.27 -9.07
N TYR A 42 4.15 -4.50 -9.78
CA TYR A 42 4.64 -3.65 -10.87
C TYR A 42 5.98 -3.02 -10.50
N HIS A 43 6.22 -2.87 -9.20
CA HIS A 43 7.46 -2.28 -8.71
C HIS A 43 8.43 -3.37 -8.26
N THR A 44 7.97 -4.24 -7.37
CA THR A 44 8.80 -5.31 -6.86
C THR A 44 9.77 -5.83 -7.92
N THR A 45 9.27 -5.93 -9.15
CA THR A 45 10.09 -6.41 -10.26
C THR A 45 10.05 -5.43 -11.43
N GLY A 46 8.91 -4.77 -11.60
CA GLY A 46 8.77 -3.81 -12.68
C GLY A 46 7.50 -4.01 -13.48
N ASN A 47 7.14 -5.27 -13.71
CA ASN A 47 5.93 -5.60 -14.46
C ASN A 47 4.87 -6.21 -13.55
N CYS A 48 3.61 -5.99 -13.89
CA CYS A 48 2.50 -6.52 -13.11
C CYS A 48 1.90 -7.76 -13.77
N ILE A 49 1.50 -8.72 -12.95
CA ILE A 49 0.90 -9.95 -13.46
C ILE A 49 -0.48 -9.71 -14.04
N ASN A 50 -1.25 -8.85 -13.37
CA ASN A 50 -2.60 -8.51 -13.82
C ASN A 50 -2.61 -8.15 -15.30
N GLY A 51 -2.00 -7.01 -15.63
CA GLY A 51 -1.95 -6.57 -17.00
C GLY A 51 -2.11 -5.07 -17.14
N ASP A 52 -2.59 -4.63 -18.31
CA ASP A 52 -2.80 -3.21 -18.55
C ASP A 52 -4.03 -2.69 -17.82
N ASP A 53 -4.95 -3.60 -17.51
CA ASP A 53 -6.17 -3.24 -16.79
C ASP A 53 -6.08 -3.63 -15.32
N CYS A 54 -4.97 -3.25 -14.69
CA CYS A 54 -4.76 -3.55 -13.28
C CYS A 54 -5.54 -2.58 -12.39
N MET A 55 -5.97 -3.08 -11.23
CA MET A 55 -6.73 -2.26 -10.29
C MET A 55 -5.79 -1.39 -9.47
N PHE A 56 -4.56 -1.22 -9.95
CA PHE A 56 -3.58 -0.40 -9.25
C PHE A 56 -2.93 0.61 -10.20
N SER A 57 -2.39 1.68 -9.64
CA SER A 57 -1.75 2.73 -10.43
C SER A 57 -0.34 2.31 -10.83
N HIS A 58 -0.04 2.41 -12.13
CA HIS A 58 1.27 2.05 -12.64
C HIS A 58 2.10 3.29 -12.95
N ASP A 59 1.74 4.41 -12.32
CA ASP A 59 2.44 5.67 -12.53
C ASP A 59 3.84 5.61 -11.92
N PRO A 60 4.73 6.49 -12.41
CA PRO A 60 6.12 6.56 -11.93
C PRO A 60 6.20 7.10 -10.50
N LEU A 61 6.74 6.29 -9.60
CA LEU A 61 6.89 6.68 -8.20
C LEU A 61 7.38 8.13 -8.10
N THR A 62 7.00 8.80 -7.02
CA THR A 62 7.40 10.18 -6.80
C THR A 62 8.00 10.36 -5.40
N GLU A 63 8.84 11.38 -5.26
CA GLU A 63 9.48 11.66 -3.97
C GLU A 63 8.50 11.46 -2.83
N GLU A 64 7.22 11.70 -3.10
CA GLU A 64 6.19 11.55 -2.08
C GLU A 64 5.78 10.08 -1.92
N THR A 65 5.01 9.57 -2.88
CA THR A 65 4.57 8.19 -2.85
C THR A 65 5.72 7.25 -2.53
N ARG A 66 6.84 7.45 -3.21
CA ARG A 66 8.02 6.60 -3.00
C ARG A 66 8.21 6.28 -1.53
N GLU A 67 8.03 7.29 -0.68
CA GLU A 67 8.18 7.12 0.76
C GLU A 67 7.22 6.05 1.28
N LEU A 68 5.99 6.07 0.77
CA LEU A 68 4.98 5.11 1.17
C LEU A 68 5.53 3.68 1.12
N LEU A 69 5.87 3.23 -0.08
CA LEU A 69 6.40 1.88 -0.26
C LEU A 69 7.42 1.55 0.82
N ASP A 70 8.43 2.41 0.97
CA ASP A 70 9.47 2.22 1.97
C ASP A 70 8.88 1.72 3.28
N LYS A 71 7.78 2.35 3.69
CA LYS A 71 7.11 1.97 4.94
C LYS A 71 6.28 0.71 4.75
N MET A 72 5.32 0.77 3.83
CA MET A 72 4.45 -0.37 3.55
C MET A 72 5.26 -1.65 3.47
N LEU A 73 6.21 -1.70 2.53
CA LEU A 73 7.05 -2.88 2.34
C LEU A 73 7.49 -3.45 3.68
N ALA A 74 8.18 -2.64 4.48
CA ALA A 74 8.65 -3.07 5.79
C ALA A 74 7.52 -3.70 6.59
N ASP A 75 6.41 -2.99 6.71
CA ASP A 75 5.26 -3.49 7.45
C ASP A 75 5.01 -4.96 7.16
N ASP A 76 4.83 -5.28 5.88
CA ASP A 76 4.60 -6.66 5.46
C ASP A 76 5.87 -7.49 5.56
N ALA A 77 6.86 -7.12 4.76
CA ALA A 77 8.14 -7.83 4.75
C ALA A 77 8.49 -8.35 6.14
N GLU A 78 8.19 -7.55 7.16
CA GLU A 78 8.47 -7.93 8.53
C GLU A 78 7.43 -8.92 9.05
N ALA A 79 6.18 -8.48 9.08
CA ALA A 79 5.08 -9.32 9.55
C ALA A 79 5.50 -10.14 10.78
N GLY A 80 6.26 -9.51 11.66
CA GLY A 80 6.72 -10.20 12.86
C GLY A 80 5.58 -10.84 13.64
N ALA A 81 4.48 -10.11 13.78
CA ALA A 81 3.32 -10.61 14.50
C ALA A 81 2.08 -10.63 13.61
N GLU A 82 1.92 -11.69 12.83
CA GLU A 82 0.78 -11.82 11.93
C GLU A 82 -0.21 -12.85 12.46
N ASP A 83 -1.38 -12.39 12.89
CA ASP A 83 -2.41 -13.27 13.41
C ASP A 83 -3.22 -13.89 12.28
N GLU A 84 -2.74 -15.03 11.77
CA GLU A 84 -3.42 -15.71 10.68
C GLU A 84 -4.91 -15.84 10.96
N LYS A 85 -5.70 -15.93 9.90
CA LYS A 85 -7.15 -16.07 10.02
C LYS A 85 -7.76 -16.68 8.77
N GLU A 86 -8.13 -17.96 8.86
CA GLU A 86 -8.73 -18.65 7.72
C GLU A 86 -10.25 -18.59 7.78
N VAL A 87 -10.84 -17.79 6.90
CA VAL A 87 -12.28 -17.64 6.85
C VAL A 87 -12.95 -18.86 6.22
N GLU A 88 -13.20 -19.87 7.03
CA GLU A 88 -13.83 -21.09 6.56
C GLU A 88 -15.10 -20.79 5.77
N GLU A 89 -15.33 -21.54 4.69
CA GLU A 89 -16.49 -21.34 3.85
C GLU A 89 -17.76 -21.25 4.70
N LEU A 90 -18.74 -20.49 4.21
CA LEU A 90 -20.00 -20.32 4.92
C LEU A 90 -20.92 -21.51 4.68
N LYS A 91 -20.34 -22.70 4.59
CA LYS A 91 -21.11 -23.92 4.38
C LYS A 91 -22.12 -23.74 3.26
N LYS A 92 -21.70 -23.06 2.20
CA LYS A 92 -22.57 -22.81 1.05
C LYS A 92 -23.41 -24.04 0.72
N SER A 93 -24.59 -23.81 0.19
CA SER A 93 -25.50 -24.89 -0.17
C SER A 93 -26.28 -24.56 -1.44
N GLY A 94 -27.10 -25.52 -1.89
CA GLY A 94 -27.89 -25.31 -3.08
C GLY A 94 -28.81 -26.47 -3.37
N PRO A 95 -30.11 -26.28 -3.10
CA PRO A 95 -31.13 -27.32 -3.32
C PRO A 95 -31.38 -27.57 -4.81
N SER A 96 -32.35 -28.43 -5.10
CA SER A 96 -32.69 -28.76 -6.48
C SER A 96 -34.12 -29.27 -6.58
N SER A 97 -34.56 -29.55 -7.80
CA SER A 97 -35.91 -30.05 -8.04
C SER A 97 -35.99 -30.80 -9.36
N GLY A 98 -37.14 -31.41 -9.62
CA GLY A 98 -37.32 -32.16 -10.85
C GLY A 98 -38.28 -33.32 -10.70
ZN ZN B . -10.96 0.33 1.58
ZN ZN C . -0.58 -3.64 -11.13
N GLY A 1 13.05 26.45 15.73
CA GLY A 1 11.62 26.25 15.60
C GLY A 1 11.26 25.45 14.36
N SER A 2 11.36 24.13 14.47
CA SER A 2 11.06 23.24 13.35
C SER A 2 9.96 22.25 13.73
N SER A 3 8.78 22.43 13.16
CA SER A 3 7.64 21.57 13.43
C SER A 3 7.20 20.84 12.17
N GLY A 4 7.48 19.54 12.10
CA GLY A 4 7.10 18.76 10.95
C GLY A 4 5.92 17.85 11.23
N SER A 5 4.90 17.93 10.37
CA SER A 5 3.70 17.12 10.53
C SER A 5 3.40 16.34 9.25
N SER A 6 2.58 15.29 9.39
CA SER A 6 2.22 14.46 8.24
C SER A 6 0.81 14.77 7.78
N GLY A 7 0.68 15.82 6.96
CA GLY A 7 -0.63 16.20 6.45
C GLY A 7 -1.55 16.69 7.55
N GLU A 8 -1.92 17.97 7.49
CA GLU A 8 -2.81 18.56 8.48
C GLU A 8 -4.26 18.19 8.21
N LEU A 9 -4.50 16.91 7.90
CA LEU A 9 -5.84 16.43 7.61
C LEU A 9 -5.93 14.93 7.83
N PRO A 10 -7.16 14.42 8.02
CA PRO A 10 -7.41 13.00 8.24
C PRO A 10 -7.17 12.17 6.98
N LYS A 11 -5.99 11.57 6.89
CA LYS A 11 -5.63 10.75 5.75
C LYS A 11 -4.65 9.65 6.15
N LYS A 12 -4.72 8.52 5.45
CA LYS A 12 -3.84 7.39 5.74
C LYS A 12 -3.09 6.96 4.48
N ARG A 13 -1.81 6.65 4.64
CA ARG A 13 -0.98 6.23 3.52
C ARG A 13 -0.70 4.73 3.58
N GLU A 14 -1.75 3.95 3.80
CA GLU A 14 -1.62 2.50 3.90
C GLU A 14 -2.56 1.81 2.91
N LEU A 15 -2.09 0.71 2.34
CA LEU A 15 -2.89 -0.05 1.37
C LEU A 15 -4.00 -0.81 2.07
N CYS A 16 -5.23 -0.28 1.97
CA CYS A 16 -6.39 -0.92 2.60
C CYS A 16 -6.33 -2.43 2.44
N LYS A 17 -6.39 -3.14 3.57
CA LYS A 17 -6.34 -4.60 3.55
C LYS A 17 -7.61 -5.17 2.92
N PHE A 18 -8.54 -4.30 2.55
CA PHE A 18 -9.79 -4.72 1.93
C PHE A 18 -9.75 -4.49 0.42
N TYR A 19 -9.41 -3.27 0.02
CA TYR A 19 -9.33 -2.93 -1.39
C TYR A 19 -8.56 -3.98 -2.18
N ILE A 20 -7.51 -4.52 -1.57
CA ILE A 20 -6.70 -5.54 -2.20
C ILE A 20 -7.57 -6.54 -2.95
N THR A 21 -8.77 -6.78 -2.45
CA THR A 21 -9.70 -7.72 -3.06
C THR A 21 -10.78 -6.98 -3.84
N GLY A 22 -11.18 -5.81 -3.35
CA GLY A 22 -12.20 -5.03 -4.02
C GLY A 22 -13.45 -4.87 -3.16
N PHE A 23 -13.51 -5.60 -2.06
CA PHE A 23 -14.65 -5.53 -1.15
C PHE A 23 -14.35 -4.65 0.05
N CYS A 24 -14.78 -3.39 -0.01
CA CYS A 24 -14.54 -2.45 1.07
C CYS A 24 -15.81 -1.68 1.41
N ALA A 25 -16.37 -1.96 2.58
CA ALA A 25 -17.59 -1.30 3.02
C ALA A 25 -17.58 0.18 2.66
N ARG A 26 -16.71 0.94 3.34
CA ARG A 26 -16.60 2.37 3.10
C ARG A 26 -15.80 2.64 1.83
N ALA A 27 -16.49 3.11 0.78
CA ALA A 27 -15.83 3.41 -0.48
C ALA A 27 -15.15 4.77 -0.44
N GLU A 28 -15.93 5.83 -0.56
CA GLU A 28 -15.40 7.18 -0.54
C GLU A 28 -15.16 7.65 0.90
N ASN A 29 -15.36 6.74 1.85
CA ASN A 29 -15.17 7.06 3.26
C ASN A 29 -13.84 6.49 3.77
N CYS A 30 -13.32 5.50 3.06
CA CYS A 30 -12.06 4.87 3.44
C CYS A 30 -10.91 5.88 3.45
N PRO A 31 -10.42 6.21 4.64
CA PRO A 31 -9.33 7.17 4.82
C PRO A 31 -8.00 6.63 4.31
N TYR A 32 -8.03 5.44 3.71
CA TYR A 32 -6.83 4.81 3.18
C TYR A 32 -6.73 5.01 1.67
N MET A 33 -5.65 4.51 1.08
CA MET A 33 -5.44 4.63 -0.36
C MET A 33 -6.02 3.42 -1.09
N HIS A 34 -6.63 3.67 -2.25
CA HIS A 34 -7.22 2.60 -3.05
C HIS A 34 -6.59 2.55 -4.43
N GLY A 35 -6.98 3.49 -5.29
CA GLY A 35 -6.44 3.54 -6.64
C GLY A 35 -5.07 4.18 -6.70
N ASP A 36 -5.02 5.47 -6.37
CA ASP A 36 -3.77 6.21 -6.40
C ASP A 36 -2.60 5.31 -6.01
N PHE A 37 -2.76 4.56 -4.93
CA PHE A 37 -1.72 3.66 -4.46
C PHE A 37 -1.05 2.94 -5.63
N PRO A 38 0.29 3.04 -5.70
CA PRO A 38 1.08 2.42 -6.76
C PRO A 38 1.10 0.90 -6.65
N CYS A 39 1.34 0.23 -7.77
CA CYS A 39 1.38 -1.23 -7.79
C CYS A 39 2.67 -1.74 -7.15
N LYS A 40 2.57 -2.89 -6.49
CA LYS A 40 3.73 -3.49 -5.83
C LYS A 40 4.61 -4.22 -6.84
N LEU A 41 4.11 -5.33 -7.36
CA LEU A 41 4.85 -6.12 -8.34
C LEU A 41 5.51 -5.22 -9.38
N TYR A 42 4.69 -4.45 -10.09
CA TYR A 42 5.18 -3.55 -11.12
C TYR A 42 6.48 -2.88 -10.68
N HIS A 43 6.65 -2.76 -9.37
CA HIS A 43 7.85 -2.14 -8.80
C HIS A 43 8.86 -3.20 -8.37
N THR A 44 8.40 -4.16 -7.59
CA THR A 44 9.27 -5.23 -7.11
C THR A 44 10.31 -5.61 -8.16
N THR A 45 9.87 -5.72 -9.41
CA THR A 45 10.77 -6.07 -10.50
C THR A 45 10.69 -5.04 -11.63
N GLY A 46 9.51 -4.47 -11.83
CA GLY A 46 9.34 -3.48 -12.87
C GLY A 46 8.07 -3.70 -13.69
N ASN A 47 7.76 -4.97 -13.94
CA ASN A 47 6.57 -5.32 -14.71
C ASN A 47 5.50 -5.95 -13.82
N CYS A 48 4.28 -6.04 -14.34
CA CYS A 48 3.18 -6.62 -13.59
C CYS A 48 2.51 -7.73 -14.38
N ILE A 49 2.29 -8.87 -13.72
CA ILE A 49 1.66 -10.02 -14.37
C ILE A 49 0.15 -9.86 -14.40
N ASN A 50 -0.32 -8.62 -14.29
CA ASN A 50 -1.74 -8.33 -14.31
C ASN A 50 -2.18 -7.85 -15.70
N GLY A 51 -1.42 -6.92 -16.27
CA GLY A 51 -1.74 -6.39 -17.57
C GLY A 51 -2.11 -4.93 -17.53
N ASP A 52 -2.30 -4.33 -18.71
CA ASP A 52 -2.67 -2.92 -18.81
C ASP A 52 -3.96 -2.64 -18.03
N ASP A 53 -4.71 -3.70 -17.72
CA ASP A 53 -5.96 -3.56 -16.99
C ASP A 53 -5.77 -3.93 -15.52
N CYS A 54 -4.67 -3.47 -14.93
CA CYS A 54 -4.37 -3.75 -13.54
C CYS A 54 -5.28 -2.96 -12.61
N MET A 55 -5.63 -3.55 -11.48
CA MET A 55 -6.49 -2.88 -10.49
C MET A 55 -5.74 -1.75 -9.80
N PHE A 56 -4.42 -1.82 -9.80
CA PHE A 56 -3.59 -0.81 -9.17
C PHE A 56 -3.03 0.17 -10.20
N SER A 57 -2.64 1.35 -9.74
CA SER A 57 -2.09 2.37 -10.62
C SER A 57 -0.63 2.09 -10.94
N HIS A 58 -0.27 2.24 -12.21
CA HIS A 58 1.11 2.00 -12.65
C HIS A 58 1.86 3.31 -12.82
N ASP A 59 1.41 4.34 -12.12
CA ASP A 59 2.04 5.65 -12.19
C ASP A 59 3.49 5.59 -11.70
N PRO A 60 4.32 6.52 -12.20
CA PRO A 60 5.73 6.59 -11.83
C PRO A 60 5.92 7.05 -10.39
N LEU A 61 6.56 6.21 -9.58
CA LEU A 61 6.80 6.53 -8.18
C LEU A 61 7.23 7.99 -8.02
N THR A 62 6.80 8.62 -6.94
CA THR A 62 7.14 10.01 -6.67
C THR A 62 7.47 10.22 -5.20
N GLU A 63 8.14 11.34 -4.90
CA GLU A 63 8.51 11.65 -3.53
C GLU A 63 7.39 11.29 -2.56
N GLU A 64 6.15 11.47 -3.00
CA GLU A 64 5.00 11.15 -2.17
C GLU A 64 4.70 9.66 -2.19
N THR A 65 4.26 9.17 -3.34
CA THR A 65 3.93 7.74 -3.48
C THR A 65 5.10 6.87 -3.05
N ARG A 66 6.27 7.10 -3.63
CA ARG A 66 7.46 6.33 -3.31
C ARG A 66 7.54 6.06 -1.81
N GLU A 67 7.36 7.11 -1.02
CA GLU A 67 7.41 6.98 0.44
C GLU A 67 6.47 5.87 0.92
N LEU A 68 5.31 5.78 0.29
CA LEU A 68 4.32 4.76 0.66
C LEU A 68 4.96 3.39 0.73
N LEU A 69 5.41 2.89 -0.43
CA LEU A 69 6.04 1.58 -0.49
C LEU A 69 6.96 1.35 0.71
N ASP A 70 7.97 2.20 0.85
CA ASP A 70 8.91 2.09 1.97
C ASP A 70 8.19 1.72 3.25
N LYS A 71 7.00 2.31 3.45
CA LYS A 71 6.21 2.05 4.65
C LYS A 71 5.46 0.73 4.51
N MET A 72 4.92 0.47 3.33
CA MET A 72 4.17 -0.75 3.07
C MET A 72 5.07 -1.98 3.25
N LEU A 73 6.13 -2.04 2.46
CA LEU A 73 7.07 -3.16 2.53
C LEU A 73 7.46 -3.45 3.97
N ALA A 74 7.78 -2.40 4.72
CA ALA A 74 8.18 -2.55 6.11
C ALA A 74 7.02 -3.09 6.95
N ASP A 75 5.82 -2.62 6.67
CA ASP A 75 4.63 -3.06 7.40
C ASP A 75 4.51 -4.58 7.37
N ASP A 76 4.80 -5.17 6.22
CA ASP A 76 4.73 -6.61 6.06
C ASP A 76 5.85 -7.31 6.83
N ALA A 77 7.09 -7.02 6.44
CA ALA A 77 8.24 -7.62 7.10
C ALA A 77 8.16 -7.45 8.61
N GLU A 78 8.13 -6.21 9.07
CA GLU A 78 8.06 -5.91 10.50
C GLU A 78 7.21 -6.96 11.22
N ALA A 79 6.01 -7.20 10.70
CA ALA A 79 5.11 -8.18 11.30
C ALA A 79 5.82 -9.50 11.55
N GLY A 80 6.29 -9.69 12.78
CA GLY A 80 6.97 -10.91 13.14
C GLY A 80 7.29 -11.00 14.62
N ALA A 81 8.20 -10.15 15.09
CA ALA A 81 8.57 -10.13 16.49
C ALA A 81 8.34 -8.75 17.11
N GLU A 82 7.75 -8.74 18.30
CA GLU A 82 7.46 -7.49 18.99
C GLU A 82 8.74 -6.83 19.48
N ASP A 83 9.42 -6.13 18.58
CA ASP A 83 10.67 -5.44 18.91
C ASP A 83 10.47 -3.93 18.91
N GLU A 84 10.61 -3.32 20.08
CA GLU A 84 10.45 -1.89 20.21
C GLU A 84 11.77 -1.21 20.59
N LYS A 85 12.40 -0.58 19.61
CA LYS A 85 13.68 0.09 19.84
C LYS A 85 13.55 1.59 19.61
N GLU A 86 14.56 2.34 20.02
CA GLU A 86 14.56 3.79 19.84
C GLU A 86 15.98 4.32 19.67
N VAL A 87 16.13 5.36 18.85
CA VAL A 87 17.43 5.95 18.59
C VAL A 87 17.83 6.91 19.72
N GLU A 88 18.90 6.57 20.42
CA GLU A 88 19.38 7.40 21.51
C GLU A 88 19.80 8.78 21.01
N GLU A 89 20.02 9.70 21.95
CA GLU A 89 20.43 11.06 21.60
C GLU A 89 21.67 11.04 20.73
N LEU A 90 21.63 11.77 19.63
CA LEU A 90 22.76 11.85 18.70
C LEU A 90 23.31 13.27 18.64
N LYS A 91 22.41 14.24 18.60
CA LYS A 91 22.81 15.64 18.53
C LYS A 91 22.97 16.23 19.93
N LYS A 92 23.51 15.43 20.84
CA LYS A 92 23.73 15.87 22.22
C LYS A 92 25.06 16.59 22.36
N SER A 93 25.01 17.91 22.52
CA SER A 93 26.22 18.70 22.67
C SER A 93 26.10 19.68 23.83
N GLY A 94 27.19 20.35 24.16
CA GLY A 94 27.19 21.30 25.25
C GLY A 94 28.01 22.54 24.95
N PRO A 95 27.84 23.58 25.78
CA PRO A 95 28.56 24.85 25.62
C PRO A 95 30.05 24.71 25.93
N SER A 96 30.88 25.18 24.99
CA SER A 96 32.33 25.10 25.15
C SER A 96 32.84 26.26 26.00
N SER A 97 34.02 26.09 26.57
CA SER A 97 34.62 27.13 27.42
C SER A 97 35.84 27.74 26.73
N GLY A 98 36.09 29.01 27.00
CA GLY A 98 37.22 29.70 26.41
C GLY A 98 38.31 30.01 27.42
ZN ZN B . -10.83 0.55 1.94
ZN ZN C . -0.04 -3.92 -11.45
N GLY A 1 9.69 25.51 22.64
CA GLY A 1 9.09 25.43 21.31
C GLY A 1 8.62 24.04 20.96
N SER A 2 7.38 23.94 20.51
CA SER A 2 6.80 22.65 20.13
C SER A 2 5.73 22.82 19.07
N SER A 3 5.63 21.83 18.18
CA SER A 3 4.64 21.87 17.10
C SER A 3 4.06 20.49 16.85
N GLY A 4 2.77 20.45 16.52
CA GLY A 4 2.10 19.19 16.26
C GLY A 4 1.02 18.89 17.27
N SER A 5 0.03 19.77 17.36
CA SER A 5 -1.07 19.59 18.30
C SER A 5 -2.15 18.71 17.71
N SER A 6 -2.54 18.99 16.47
CA SER A 6 -3.57 18.22 15.79
C SER A 6 -2.98 17.44 14.62
N GLY A 7 -3.32 16.15 14.55
CA GLY A 7 -2.81 15.32 13.48
C GLY A 7 -3.86 14.37 12.93
N GLU A 8 -5.03 14.92 12.61
CA GLU A 8 -6.13 14.11 12.08
C GLU A 8 -6.62 14.66 10.75
N LEU A 9 -6.03 14.19 9.65
CA LEU A 9 -6.40 14.65 8.32
C LEU A 9 -7.66 13.92 7.84
N PRO A 10 -8.36 14.54 6.86
CA PRO A 10 -9.57 13.97 6.29
C PRO A 10 -9.30 12.73 5.45
N LYS A 11 -8.04 12.32 5.40
CA LYS A 11 -7.65 11.15 4.62
C LYS A 11 -6.52 10.40 5.33
N LYS A 12 -6.09 9.29 4.72
CA LYS A 12 -5.02 8.48 5.28
C LYS A 12 -4.05 8.04 4.20
N ARG A 13 -2.77 7.97 4.55
CA ARG A 13 -1.74 7.56 3.59
C ARG A 13 -1.39 6.08 3.77
N GLU A 14 -2.39 5.29 4.15
CA GLU A 14 -2.18 3.86 4.35
C GLU A 14 -2.99 3.04 3.34
N LEU A 15 -2.46 1.87 2.99
CA LEU A 15 -3.13 1.00 2.03
C LEU A 15 -4.27 0.22 2.70
N CYS A 16 -5.50 0.62 2.43
CA CYS A 16 -6.67 -0.04 2.99
C CYS A 16 -6.49 -1.56 2.98
N LYS A 17 -6.76 -2.18 4.12
CA LYS A 17 -6.64 -3.63 4.24
C LYS A 17 -7.87 -4.33 3.68
N PHE A 18 -8.58 -3.64 2.81
CA PHE A 18 -9.79 -4.20 2.20
C PHE A 18 -9.70 -4.13 0.68
N TYR A 19 -9.21 -3.01 0.16
CA TYR A 19 -9.08 -2.81 -1.27
C TYR A 19 -8.08 -3.81 -1.87
N ILE A 20 -7.13 -4.24 -1.05
CA ILE A 20 -6.11 -5.19 -1.49
C ILE A 20 -6.74 -6.33 -2.28
N THR A 21 -7.92 -6.75 -1.87
CA THR A 21 -8.63 -7.84 -2.55
C THR A 21 -9.73 -7.29 -3.46
N GLY A 22 -10.26 -6.13 -3.10
CA GLY A 22 -11.31 -5.52 -3.89
C GLY A 22 -12.61 -5.40 -3.12
N PHE A 23 -12.68 -6.02 -1.96
CA PHE A 23 -13.88 -5.99 -1.13
C PHE A 23 -13.72 -4.98 0.01
N CYS A 24 -14.39 -3.85 -0.13
CA CYS A 24 -14.32 -2.79 0.89
C CYS A 24 -15.71 -2.19 1.13
N ALA A 25 -16.15 -2.24 2.38
CA ALA A 25 -17.46 -1.70 2.75
C ALA A 25 -17.66 -0.31 2.16
N ARG A 26 -16.88 0.65 2.64
CA ARG A 26 -16.97 2.03 2.16
C ARG A 26 -16.10 2.23 0.92
N ALA A 27 -16.75 2.50 -0.21
CA ALA A 27 -16.04 2.71 -1.46
C ALA A 27 -15.49 4.13 -1.54
N GLU A 28 -16.36 5.09 -1.87
CA GLU A 28 -15.95 6.49 -1.98
C GLU A 28 -15.92 7.15 -0.62
N ASN A 29 -15.98 6.34 0.43
CA ASN A 29 -15.96 6.85 1.80
C ASN A 29 -14.72 6.35 2.54
N CYS A 30 -13.88 5.59 1.84
CA CYS A 30 -12.66 5.06 2.44
C CYS A 30 -11.55 6.11 2.46
N PRO A 31 -11.21 6.57 3.68
CA PRO A 31 -10.16 7.58 3.87
C PRO A 31 -8.78 7.05 3.57
N TYR A 32 -8.71 5.84 3.04
CA TYR A 32 -7.44 5.21 2.71
C TYR A 32 -7.14 5.34 1.22
N MET A 33 -6.03 4.76 0.79
CA MET A 33 -5.64 4.80 -0.62
C MET A 33 -6.06 3.54 -1.35
N HIS A 34 -6.78 3.70 -2.45
CA HIS A 34 -7.24 2.57 -3.25
C HIS A 34 -6.51 2.50 -4.58
N GLY A 35 -6.87 3.39 -5.49
CA GLY A 35 -6.24 3.42 -6.80
C GLY A 35 -4.91 4.13 -6.78
N ASP A 36 -4.92 5.40 -6.41
CA ASP A 36 -3.70 6.20 -6.36
C ASP A 36 -2.51 5.34 -5.93
N PHE A 37 -2.72 4.53 -4.89
CA PHE A 37 -1.67 3.66 -4.37
C PHE A 37 -0.97 2.92 -5.51
N PRO A 38 0.37 3.00 -5.53
CA PRO A 38 1.18 2.34 -6.57
C PRO A 38 1.17 0.82 -6.43
N CYS A 39 1.33 0.13 -7.56
CA CYS A 39 1.33 -1.33 -7.56
C CYS A 39 2.65 -1.86 -7.03
N LYS A 40 2.61 -3.05 -6.41
CA LYS A 40 3.80 -3.68 -5.86
C LYS A 40 4.61 -4.36 -6.96
N LEU A 41 4.05 -5.44 -7.51
CA LEU A 41 4.73 -6.19 -8.56
C LEU A 41 5.30 -5.24 -9.61
N TYR A 42 4.43 -4.43 -10.21
CA TYR A 42 4.86 -3.48 -11.23
C TYR A 42 6.19 -2.83 -10.86
N HIS A 43 6.48 -2.80 -9.56
CA HIS A 43 7.72 -2.22 -9.07
C HIS A 43 8.76 -3.30 -8.77
N THR A 44 8.37 -4.27 -7.95
CA THR A 44 9.26 -5.36 -7.60
C THR A 44 10.19 -5.73 -8.75
N THR A 45 9.62 -5.80 -9.95
CA THR A 45 10.39 -6.14 -11.14
C THR A 45 10.25 -5.07 -12.21
N GLY A 46 9.06 -4.48 -12.31
CA GLY A 46 8.81 -3.45 -13.29
C GLY A 46 7.48 -3.62 -13.98
N ASN A 47 7.10 -4.86 -14.27
CA ASN A 47 5.84 -5.15 -14.93
C ASN A 47 4.84 -5.75 -13.95
N CYS A 48 3.59 -5.86 -14.39
CA CYS A 48 2.54 -6.42 -13.56
C CYS A 48 1.84 -7.59 -14.25
N ILE A 49 1.65 -8.68 -13.53
CA ILE A 49 1.01 -9.87 -14.08
C ILE A 49 -0.43 -9.56 -14.50
N ASN A 50 -1.12 -8.75 -13.70
CA ASN A 50 -2.49 -8.38 -14.00
C ASN A 50 -2.63 -7.90 -15.44
N GLY A 51 -1.83 -6.89 -15.79
CA GLY A 51 -1.87 -6.35 -17.14
C GLY A 51 -2.13 -4.85 -17.15
N ASP A 52 -2.61 -4.36 -18.28
CA ASP A 52 -2.90 -2.93 -18.43
C ASP A 52 -4.13 -2.54 -17.62
N ASP A 53 -5.01 -3.51 -17.39
CA ASP A 53 -6.23 -3.27 -16.63
C ASP A 53 -6.08 -3.74 -15.19
N CYS A 54 -4.97 -3.37 -14.56
CA CYS A 54 -4.70 -3.75 -13.19
C CYS A 54 -5.50 -2.87 -12.21
N MET A 55 -5.85 -3.45 -11.07
CA MET A 55 -6.62 -2.72 -10.07
C MET A 55 -5.71 -1.83 -9.23
N PHE A 56 -4.52 -1.55 -9.76
CA PHE A 56 -3.56 -0.70 -9.06
C PHE A 56 -3.00 0.37 -9.99
N SER A 57 -2.53 1.47 -9.40
CA SER A 57 -1.97 2.58 -10.17
C SER A 57 -0.55 2.27 -10.63
N HIS A 58 -0.30 2.42 -11.92
CA HIS A 58 1.01 2.16 -12.49
C HIS A 58 1.75 3.46 -12.76
N ASP A 59 1.39 4.51 -12.03
CA ASP A 59 2.02 5.81 -12.19
C ASP A 59 3.47 5.78 -11.70
N PRO A 60 4.27 6.76 -12.16
CA PRO A 60 5.68 6.87 -11.78
C PRO A 60 5.86 7.27 -10.32
N LEU A 61 6.47 6.38 -9.53
CA LEU A 61 6.69 6.64 -8.12
C LEU A 61 7.12 8.09 -7.90
N THR A 62 6.69 8.67 -6.77
CA THR A 62 7.03 10.05 -6.44
C THR A 62 7.52 10.16 -5.00
N GLU A 63 8.23 11.25 -4.72
CA GLU A 63 8.75 11.48 -3.38
C GLU A 63 7.73 11.09 -2.31
N GLU A 64 6.47 11.27 -2.63
CA GLU A 64 5.38 10.94 -1.70
C GLU A 64 5.12 9.43 -1.68
N THR A 65 4.54 8.93 -2.76
CA THR A 65 4.24 7.50 -2.88
C THR A 65 5.45 6.65 -2.50
N ARG A 66 6.59 6.95 -3.12
CA ARG A 66 7.81 6.22 -2.86
C ARG A 66 7.94 5.89 -1.37
N GLU A 67 7.82 6.90 -0.53
CA GLU A 67 7.93 6.72 0.91
C GLU A 67 7.01 5.59 1.38
N LEU A 68 5.75 5.66 0.97
CA LEU A 68 4.76 4.64 1.35
C LEU A 68 5.36 3.24 1.23
N LEU A 69 5.69 2.84 0.01
CA LEU A 69 6.27 1.52 -0.23
C LEU A 69 7.28 1.15 0.85
N ASP A 70 8.29 2.00 1.02
CA ASP A 70 9.32 1.78 2.04
C ASP A 70 8.69 1.36 3.36
N LYS A 71 7.57 1.98 3.71
CA LYS A 71 6.88 1.67 4.96
C LYS A 71 6.10 0.37 4.83
N MET A 72 5.27 0.28 3.78
CA MET A 72 4.46 -0.91 3.55
C MET A 72 5.34 -2.15 3.50
N LEU A 73 6.22 -2.23 2.51
CA LEU A 73 7.12 -3.36 2.36
C LEU A 73 7.79 -3.72 3.69
N ALA A 74 8.47 -2.73 4.27
CA ALA A 74 9.15 -2.94 5.54
C ALA A 74 8.24 -3.61 6.56
N ASP A 75 7.08 -3.01 6.79
CA ASP A 75 6.12 -3.55 7.74
C ASP A 75 5.74 -4.98 7.38
N ASP A 76 5.42 -5.20 6.11
CA ASP A 76 5.03 -6.52 5.63
C ASP A 76 5.90 -7.60 6.28
N ALA A 77 7.20 -7.53 6.06
CA ALA A 77 8.13 -8.49 6.62
C ALA A 77 8.42 -8.18 8.08
N GLU A 78 8.89 -6.97 8.35
CA GLU A 78 9.21 -6.56 9.71
C GLU A 78 8.23 -7.17 10.71
N ALA A 79 6.95 -7.10 10.38
CA ALA A 79 5.91 -7.65 11.24
C ALA A 79 6.40 -8.90 11.96
N GLY A 80 6.81 -8.74 13.21
CA GLY A 80 7.30 -9.86 14.00
C GLY A 80 6.57 -10.01 15.31
N ALA A 81 6.72 -9.03 16.20
CA ALA A 81 6.07 -9.06 17.50
C ALA A 81 4.68 -8.45 17.43
N GLU A 82 3.97 -8.47 18.55
CA GLU A 82 2.63 -7.92 18.62
C GLU A 82 2.34 -7.34 20.01
N ASP A 83 1.35 -6.46 20.07
CA ASP A 83 0.97 -5.83 21.33
C ASP A 83 -0.38 -5.15 21.22
N GLU A 84 -1.34 -5.60 22.04
CA GLU A 84 -2.69 -5.03 22.03
C GLU A 84 -2.75 -3.78 22.90
N LYS A 85 -3.87 -3.05 22.79
CA LYS A 85 -4.06 -1.83 23.57
C LYS A 85 -4.57 -2.16 24.97
N GLU A 86 -4.60 -1.15 25.84
CA GLU A 86 -5.07 -1.34 27.21
C GLU A 86 -6.08 -0.25 27.58
N VAL A 87 -6.72 -0.43 28.74
CA VAL A 87 -7.72 0.53 29.21
C VAL A 87 -7.32 1.10 30.56
N GLU A 88 -6.96 2.37 30.58
CA GLU A 88 -6.56 3.04 31.81
C GLU A 88 -7.75 3.19 32.76
N GLU A 89 -7.45 3.41 34.03
CA GLU A 89 -8.50 3.57 35.04
C GLU A 89 -9.36 4.79 34.73
N LEU A 90 -10.64 4.70 35.11
CA LEU A 90 -11.58 5.80 34.87
C LEU A 90 -11.03 7.11 35.43
N LYS A 91 -11.84 8.15 35.40
CA LYS A 91 -11.45 9.46 35.90
C LYS A 91 -11.43 9.47 37.44
N LYS A 92 -10.76 8.48 38.02
CA LYS A 92 -10.66 8.39 39.47
C LYS A 92 -10.51 9.76 40.10
N SER A 93 -11.40 10.07 41.04
CA SER A 93 -11.38 11.36 41.72
C SER A 93 -12.32 11.37 42.93
N GLY A 94 -12.20 12.39 43.76
CA GLY A 94 -13.04 12.48 44.94
C GLY A 94 -12.85 13.79 45.68
N PRO A 95 -13.97 14.42 46.07
CA PRO A 95 -13.95 15.70 46.79
C PRO A 95 -13.42 15.55 48.22
N SER A 96 -13.48 16.64 48.97
CA SER A 96 -13.00 16.63 50.35
C SER A 96 -13.71 17.70 51.18
N SER A 97 -14.03 17.36 52.42
CA SER A 97 -14.72 18.29 53.31
C SER A 97 -13.86 18.59 54.54
N GLY A 98 -14.29 19.57 55.33
CA GLY A 98 -13.56 19.94 56.53
C GLY A 98 -14.42 19.92 57.78
ZN ZN B . -11.13 0.70 1.64
ZN ZN C . -0.44 -3.71 -11.17
N GLY A 1 15.97 29.16 6.53
CA GLY A 1 16.88 28.22 5.89
C GLY A 1 16.24 26.87 5.65
N SER A 2 16.01 26.13 6.73
CA SER A 2 15.40 24.81 6.63
C SER A 2 13.99 24.81 7.22
N SER A 3 13.07 24.11 6.56
CA SER A 3 11.70 24.04 7.02
C SER A 3 11.44 22.72 7.76
N GLY A 4 10.38 22.69 8.57
CA GLY A 4 10.05 21.50 9.32
C GLY A 4 8.86 20.77 8.72
N SER A 5 7.70 20.94 9.34
CA SER A 5 6.48 20.28 8.88
C SER A 5 5.46 21.30 8.37
N SER A 6 4.81 20.97 7.27
CA SER A 6 3.82 21.87 6.67
C SER A 6 2.43 21.59 7.24
N GLY A 7 2.08 20.31 7.34
CA GLY A 7 0.78 19.94 7.87
C GLY A 7 0.46 18.48 7.61
N GLU A 8 -0.33 17.88 8.51
CA GLU A 8 -0.71 16.48 8.37
C GLU A 8 -2.20 16.36 8.09
N LEU A 9 -2.59 15.29 7.39
CA LEU A 9 -3.98 15.05 7.05
C LEU A 9 -4.54 13.86 7.83
N PRO A 10 -5.86 13.86 8.05
CA PRO A 10 -6.55 12.79 8.78
C PRO A 10 -6.57 11.48 8.00
N LYS A 11 -5.98 11.49 6.80
CA LYS A 11 -5.93 10.31 5.96
C LYS A 11 -4.76 9.40 6.37
N LYS A 12 -4.72 8.21 5.79
CA LYS A 12 -3.65 7.26 6.08
C LYS A 12 -2.88 6.90 4.82
N ARG A 13 -1.54 6.85 4.94
CA ARG A 13 -0.69 6.52 3.81
C ARG A 13 -0.40 5.02 3.77
N GLU A 14 -1.42 4.22 4.03
CA GLU A 14 -1.27 2.78 4.03
C GLU A 14 -2.23 2.12 3.03
N LEU A 15 -1.85 0.96 2.52
CA LEU A 15 -2.67 0.24 1.55
C LEU A 15 -3.81 -0.50 2.26
N CYS A 16 -5.04 -0.10 1.96
CA CYS A 16 -6.21 -0.73 2.56
C CYS A 16 -6.09 -2.25 2.53
N LYS A 17 -6.33 -2.88 3.67
CA LYS A 17 -6.26 -4.33 3.77
C LYS A 17 -7.47 -4.99 3.11
N PHE A 18 -8.36 -4.17 2.57
CA PHE A 18 -9.56 -4.67 1.91
C PHE A 18 -9.47 -4.50 0.40
N TYR A 19 -9.12 -3.30 -0.04
CA TYR A 19 -9.00 -3.00 -1.46
C TYR A 19 -8.15 -4.05 -2.16
N ILE A 20 -7.20 -4.63 -1.43
CA ILE A 20 -6.33 -5.66 -1.98
C ILE A 20 -7.12 -6.67 -2.81
N THR A 21 -8.35 -6.93 -2.39
CA THR A 21 -9.22 -7.88 -3.09
C THR A 21 -10.27 -7.15 -3.91
N GLY A 22 -10.66 -5.97 -3.45
CA GLY A 22 -11.66 -5.20 -4.16
C GLY A 22 -12.95 -5.04 -3.37
N PHE A 23 -13.05 -5.78 -2.27
CA PHE A 23 -14.24 -5.73 -1.43
C PHE A 23 -14.00 -4.83 -0.23
N CYS A 24 -14.49 -3.59 -0.32
CA CYS A 24 -14.34 -2.63 0.77
C CYS A 24 -15.64 -1.88 1.02
N ALA A 25 -16.33 -2.24 2.10
CA ALA A 25 -17.59 -1.60 2.46
C ALA A 25 -17.53 -0.09 2.22
N ARG A 26 -16.63 0.58 2.92
CA ARG A 26 -16.47 2.02 2.78
C ARG A 26 -15.61 2.36 1.57
N ALA A 27 -16.26 2.82 0.50
CA ALA A 27 -15.55 3.19 -0.72
C ALA A 27 -14.94 4.58 -0.61
N GLU A 28 -15.79 5.60 -0.70
CA GLU A 28 -15.33 6.98 -0.61
C GLU A 28 -15.14 7.40 0.84
N ASN A 29 -15.36 6.46 1.75
CA ASN A 29 -15.23 6.73 3.19
C ASN A 29 -13.94 6.13 3.73
N CYS A 30 -13.23 5.39 2.88
CA CYS A 30 -11.98 4.74 3.28
C CYS A 30 -10.87 5.78 3.42
N PRO A 31 -10.42 6.00 4.66
CA PRO A 31 -9.36 6.96 4.96
C PRO A 31 -8.00 6.49 4.45
N TYR A 32 -7.98 5.34 3.79
CA TYR A 32 -6.75 4.78 3.26
C TYR A 32 -6.63 5.06 1.75
N MET A 33 -5.59 4.51 1.14
CA MET A 33 -5.36 4.69 -0.28
C MET A 33 -5.89 3.50 -1.08
N HIS A 34 -6.47 3.79 -2.25
CA HIS A 34 -7.00 2.74 -3.10
C HIS A 34 -6.33 2.75 -4.47
N GLY A 35 -6.71 3.71 -5.31
CA GLY A 35 -6.13 3.81 -6.63
C GLY A 35 -4.77 4.49 -6.62
N ASP A 36 -4.76 5.78 -6.28
CA ASP A 36 -3.51 6.53 -6.24
C ASP A 36 -2.35 5.65 -5.81
N PHE A 37 -2.58 4.80 -4.82
CA PHE A 37 -1.55 3.91 -4.31
C PHE A 37 -0.84 3.20 -5.46
N PRO A 38 0.50 3.30 -5.47
CA PRO A 38 1.33 2.68 -6.51
C PRO A 38 1.34 1.15 -6.41
N CYS A 39 1.39 0.49 -7.56
CA CYS A 39 1.41 -0.96 -7.61
C CYS A 39 2.73 -1.51 -7.06
N LYS A 40 2.65 -2.64 -6.36
CA LYS A 40 3.83 -3.27 -5.79
C LYS A 40 4.60 -4.05 -6.85
N LEU A 41 3.97 -5.10 -7.36
CA LEU A 41 4.59 -5.94 -8.38
C LEU A 41 5.24 -5.09 -9.46
N TYR A 42 4.46 -4.23 -10.09
CA TYR A 42 4.96 -3.36 -11.14
C TYR A 42 6.34 -2.80 -10.77
N HIS A 43 6.62 -2.74 -9.48
CA HIS A 43 7.89 -2.24 -8.99
C HIS A 43 8.83 -3.39 -8.62
N THR A 44 8.34 -4.30 -7.79
CA THR A 44 9.13 -5.45 -7.35
C THR A 44 10.10 -5.89 -8.45
N THR A 45 9.62 -5.91 -9.69
CA THR A 45 10.44 -6.32 -10.82
C THR A 45 10.39 -5.27 -11.94
N GLY A 46 9.23 -4.67 -12.13
CA GLY A 46 9.07 -3.66 -13.16
C GLY A 46 7.81 -3.85 -13.98
N ASN A 47 7.43 -5.11 -14.17
CA ASN A 47 6.23 -5.43 -14.95
C ASN A 47 5.19 -6.13 -14.08
N CYS A 48 3.91 -5.82 -14.33
CA CYS A 48 2.83 -6.41 -13.57
C CYS A 48 2.15 -7.53 -14.36
N ILE A 49 2.39 -8.76 -13.95
CA ILE A 49 1.81 -9.92 -14.61
C ILE A 49 0.36 -9.65 -15.02
N ASN A 50 -0.36 -8.91 -14.17
CA ASN A 50 -1.75 -8.59 -14.44
C ASN A 50 -1.91 -7.96 -15.82
N GLY A 51 -1.27 -6.81 -16.02
CA GLY A 51 -1.35 -6.13 -17.30
C GLY A 51 -2.22 -4.88 -17.24
N ASP A 52 -2.97 -4.64 -18.30
CA ASP A 52 -3.84 -3.47 -18.36
C ASP A 52 -5.14 -3.71 -17.59
N ASP A 53 -5.15 -4.76 -16.78
CA ASP A 53 -6.32 -5.11 -15.99
C ASP A 53 -6.10 -4.79 -14.52
N CYS A 54 -4.82 -4.77 -14.11
CA CYS A 54 -4.48 -4.49 -12.72
C CYS A 54 -5.29 -3.31 -12.19
N MET A 55 -5.97 -3.53 -11.06
CA MET A 55 -6.77 -2.50 -10.45
C MET A 55 -5.92 -1.54 -9.62
N PHE A 56 -4.65 -1.42 -10.00
CA PHE A 56 -3.73 -0.54 -9.30
C PHE A 56 -3.08 0.45 -10.26
N SER A 57 -2.59 1.56 -9.70
CA SER A 57 -1.95 2.59 -10.51
C SER A 57 -0.51 2.21 -10.85
N HIS A 58 -0.11 2.44 -12.09
CA HIS A 58 1.24 2.13 -12.54
C HIS A 58 2.06 3.39 -12.75
N ASP A 59 1.60 4.49 -12.17
CA ASP A 59 2.28 5.77 -12.30
C ASP A 59 3.70 5.69 -11.72
N PRO A 60 4.59 6.55 -12.24
CA PRO A 60 5.99 6.59 -11.79
C PRO A 60 6.13 7.13 -10.38
N LEU A 61 6.63 6.30 -9.47
CA LEU A 61 6.82 6.70 -8.08
C LEU A 61 7.33 8.13 -7.99
N THR A 62 7.01 8.81 -6.90
CA THR A 62 7.44 10.19 -6.68
C THR A 62 7.87 10.41 -5.25
N GLU A 63 8.56 11.53 -5.01
CA GLU A 63 9.03 11.87 -3.67
C GLU A 63 7.98 11.52 -2.62
N GLU A 64 6.71 11.76 -2.96
CA GLU A 64 5.60 11.47 -2.05
C GLU A 64 5.25 9.99 -2.07
N THR A 65 4.55 9.57 -3.12
CA THR A 65 4.15 8.19 -3.26
C THR A 65 5.27 7.24 -2.85
N ARG A 66 6.45 7.46 -3.40
CA ARG A 66 7.61 6.62 -3.08
C ARG A 66 7.63 6.26 -1.60
N GLU A 67 7.37 7.25 -0.75
CA GLU A 67 7.37 7.03 0.69
C GLU A 67 6.35 5.96 1.07
N LEU A 68 5.19 5.98 0.42
CA LEU A 68 4.13 5.01 0.69
C LEU A 68 4.70 3.60 0.75
N LEU A 69 5.15 3.10 -0.40
CA LEU A 69 5.72 1.76 -0.49
C LEU A 69 6.60 1.46 0.73
N ASP A 70 7.60 2.30 0.94
CA ASP A 70 8.52 2.13 2.06
C ASP A 70 7.76 1.77 3.33
N LYS A 71 6.57 2.35 3.49
CA LYS A 71 5.74 2.09 4.66
C LYS A 71 5.00 0.77 4.51
N MET A 72 4.54 0.48 3.30
CA MET A 72 3.81 -0.75 3.03
C MET A 72 4.72 -1.96 3.13
N LEU A 73 5.73 -2.01 2.26
CA LEU A 73 6.68 -3.12 2.26
C LEU A 73 7.03 -3.54 3.68
N ALA A 74 7.38 -2.56 4.52
CA ALA A 74 7.73 -2.83 5.91
C ALA A 74 6.53 -3.33 6.69
N ASP A 75 5.38 -2.70 6.47
CA ASP A 75 4.15 -3.08 7.15
C ASP A 75 3.94 -4.59 7.10
N ASP A 76 4.22 -5.18 5.94
CA ASP A 76 4.06 -6.61 5.76
C ASP A 76 5.10 -7.38 6.57
N ALA A 77 6.36 -7.23 6.21
CA ALA A 77 7.44 -7.91 6.91
C ALA A 77 7.32 -7.74 8.41
N GLU A 78 7.39 -6.48 8.86
CA GLU A 78 7.30 -6.17 10.28
C GLU A 78 5.98 -6.66 10.85
N ALA A 79 4.88 -6.30 10.19
CA ALA A 79 3.55 -6.70 10.63
C ALA A 79 3.45 -6.69 12.15
N GLY A 80 4.01 -5.65 12.76
CA GLY A 80 3.97 -5.54 14.21
C GLY A 80 4.68 -4.29 14.71
N ALA A 81 4.36 -3.15 14.11
CA ALA A 81 4.98 -1.89 14.50
C ALA A 81 3.92 -0.88 14.92
N GLU A 82 3.42 -1.02 16.14
CA GLU A 82 2.40 -0.11 16.67
C GLU A 82 2.87 0.53 17.96
N ASP A 83 3.66 1.59 17.84
CA ASP A 83 4.17 2.31 19.01
C ASP A 83 3.36 3.57 19.27
N GLU A 84 2.38 3.46 20.15
CA GLU A 84 1.52 4.59 20.48
C GLU A 84 2.36 5.82 20.82
N LYS A 85 2.17 6.88 20.04
CA LYS A 85 2.91 8.13 20.25
C LYS A 85 2.32 8.93 21.40
N GLU A 86 3.10 9.08 22.46
CA GLU A 86 2.65 9.83 23.64
C GLU A 86 2.17 11.22 23.24
N VAL A 87 0.85 11.42 23.33
CA VAL A 87 0.26 12.70 22.97
C VAL A 87 0.38 13.70 24.12
N GLU A 88 1.45 14.49 24.10
CA GLU A 88 1.69 15.48 25.14
C GLU A 88 1.33 16.88 24.66
N GLU A 89 1.35 17.85 25.57
CA GLU A 89 1.02 19.23 25.23
C GLU A 89 2.24 20.13 25.38
N LEU A 90 2.28 21.20 24.60
CA LEU A 90 3.39 22.14 24.63
C LEU A 90 3.63 22.65 26.06
N LYS A 91 4.53 23.62 26.20
CA LYS A 91 4.84 24.19 27.51
C LYS A 91 3.72 25.11 27.98
N LYS A 92 2.49 24.62 27.91
CA LYS A 92 1.33 25.40 28.33
C LYS A 92 1.59 26.07 29.67
N SER A 93 1.29 27.37 29.75
CA SER A 93 1.49 28.12 30.99
C SER A 93 0.78 29.47 30.91
N GLY A 94 0.58 30.09 32.07
CA GLY A 94 -0.08 31.38 32.12
C GLY A 94 0.83 32.48 32.65
N PRO A 95 1.12 33.46 31.79
CA PRO A 95 1.99 34.60 32.16
C PRO A 95 1.32 35.53 33.16
N SER A 96 2.13 36.22 33.95
CA SER A 96 1.62 37.15 34.95
C SER A 96 2.19 38.55 34.73
N SER A 97 1.50 39.55 35.28
CA SER A 97 1.92 40.94 35.13
C SER A 97 2.39 41.49 36.48
N GLY A 98 2.93 42.71 36.44
CA GLY A 98 3.40 43.34 37.66
C GLY A 98 3.01 44.80 37.75
ZN ZN B . -10.73 0.47 1.70
ZN ZN C . -0.09 -3.68 -11.14
N GLY A 1 5.70 21.61 31.25
CA GLY A 1 5.62 20.26 30.74
C GLY A 1 4.25 19.89 30.21
N SER A 2 3.83 20.58 29.15
CA SER A 2 2.53 20.34 28.55
C SER A 2 2.63 19.36 27.39
N SER A 3 1.71 18.40 27.34
CA SER A 3 1.69 17.40 26.28
C SER A 3 0.94 17.91 25.05
N GLY A 4 1.50 17.65 23.87
CA GLY A 4 0.87 18.08 22.64
C GLY A 4 0.12 16.97 21.93
N SER A 5 -1.13 16.76 22.33
CA SER A 5 -1.95 15.70 21.74
C SER A 5 -2.57 16.17 20.42
N SER A 6 -1.77 16.85 19.61
CA SER A 6 -2.24 17.36 18.32
C SER A 6 -1.66 16.55 17.17
N GLY A 7 -2.42 16.45 16.08
CA GLY A 7 -1.97 15.70 14.93
C GLY A 7 -3.11 15.27 14.03
N GLU A 8 -3.88 16.24 13.56
CA GLU A 8 -5.03 15.97 12.69
C GLU A 8 -4.58 15.85 11.23
N LEU A 9 -4.45 14.62 10.76
CA LEU A 9 -4.02 14.37 9.38
C LEU A 9 -5.22 14.02 8.50
N PRO A 10 -5.12 14.36 7.20
CA PRO A 10 -6.19 14.09 6.23
C PRO A 10 -6.34 12.61 5.94
N LYS A 11 -5.63 12.13 4.92
CA LYS A 11 -5.69 10.73 4.53
C LYS A 11 -4.79 9.89 5.42
N LYS A 12 -4.82 8.57 5.22
CA LYS A 12 -4.01 7.65 6.01
C LYS A 12 -2.70 7.33 5.30
N ARG A 13 -2.70 7.51 3.98
CA ARG A 13 -1.50 7.24 3.19
C ARG A 13 -1.03 5.80 3.37
N GLU A 14 -1.99 4.86 3.39
CA GLU A 14 -1.67 3.45 3.57
C GLU A 14 -2.51 2.60 2.63
N LEU A 15 -2.00 1.41 2.29
CA LEU A 15 -2.70 0.50 1.41
C LEU A 15 -3.78 -0.27 2.16
N CYS A 16 -5.03 0.11 1.94
CA CYS A 16 -6.15 -0.54 2.59
C CYS A 16 -5.95 -2.05 2.66
N LYS A 17 -6.01 -2.60 3.86
CA LYS A 17 -5.82 -4.03 4.07
C LYS A 17 -7.01 -4.81 3.51
N PHE A 18 -8.00 -4.09 3.01
CA PHE A 18 -9.20 -4.71 2.45
C PHE A 18 -9.19 -4.62 0.92
N TYR A 19 -8.98 -3.42 0.40
CA TYR A 19 -8.95 -3.21 -1.03
C TYR A 19 -8.12 -4.29 -1.73
N ILE A 20 -7.04 -4.70 -1.09
CA ILE A 20 -6.17 -5.73 -1.65
C ILE A 20 -6.98 -6.84 -2.29
N THR A 21 -8.12 -7.17 -1.68
CA THR A 21 -8.99 -8.22 -2.18
C THR A 21 -10.17 -7.63 -2.96
N GLY A 22 -10.66 -6.49 -2.49
CA GLY A 22 -11.78 -5.84 -3.15
C GLY A 22 -12.98 -5.68 -2.22
N PHE A 23 -12.91 -6.32 -1.06
CA PHE A 23 -13.99 -6.25 -0.09
C PHE A 23 -13.74 -5.15 0.95
N CYS A 24 -14.08 -3.92 0.59
CA CYS A 24 -13.88 -2.79 1.48
C CYS A 24 -15.21 -2.13 1.83
N ALA A 25 -15.59 -2.21 3.10
CA ALA A 25 -16.84 -1.62 3.56
C ALA A 25 -17.03 -0.23 2.98
N ARG A 26 -16.26 0.73 3.48
CA ARG A 26 -16.34 2.12 3.01
C ARG A 26 -15.59 2.28 1.70
N ALA A 27 -16.34 2.49 0.62
CA ALA A 27 -15.73 2.68 -0.69
C ALA A 27 -15.24 4.11 -0.88
N GLU A 28 -16.18 5.03 -1.06
CA GLU A 28 -15.85 6.43 -1.26
C GLU A 28 -15.46 7.08 0.07
N ASN A 29 -15.61 6.34 1.15
CA ASN A 29 -15.28 6.84 2.49
C ASN A 29 -14.04 6.15 3.03
N CYS A 30 -13.24 5.56 2.15
CA CYS A 30 -12.02 4.86 2.54
C CYS A 30 -10.89 5.85 2.78
N PRO A 31 -10.48 5.97 4.05
CA PRO A 31 -9.39 6.88 4.44
C PRO A 31 -8.03 6.41 3.95
N TYR A 32 -8.03 5.29 3.22
CA TYR A 32 -6.79 4.73 2.68
C TYR A 32 -6.69 4.97 1.19
N MET A 33 -5.64 4.44 0.58
CA MET A 33 -5.42 4.58 -0.86
C MET A 33 -5.86 3.34 -1.61
N HIS A 34 -6.48 3.52 -2.77
CA HIS A 34 -6.94 2.41 -3.58
C HIS A 34 -6.27 2.42 -4.95
N GLY A 35 -6.72 3.34 -5.81
CA GLY A 35 -6.16 3.44 -7.15
C GLY A 35 -4.83 4.15 -7.17
N ASP A 36 -4.85 5.46 -6.86
CA ASP A 36 -3.64 6.26 -6.84
C ASP A 36 -2.44 5.42 -6.39
N PHE A 37 -2.63 4.63 -5.34
CA PHE A 37 -1.57 3.78 -4.81
C PHE A 37 -0.84 3.06 -5.94
N PRO A 38 0.49 3.20 -5.97
CA PRO A 38 1.33 2.57 -6.99
C PRO A 38 1.40 1.05 -6.82
N CYS A 39 1.45 0.35 -7.95
CA CYS A 39 1.51 -1.11 -7.93
C CYS A 39 2.87 -1.58 -7.45
N LYS A 40 2.90 -2.70 -6.72
CA LYS A 40 4.13 -3.25 -6.20
C LYS A 40 4.90 -3.98 -7.29
N LEU A 41 4.32 -5.07 -7.81
CA LEU A 41 4.96 -5.84 -8.86
C LEU A 41 5.54 -4.94 -9.94
N TYR A 42 4.67 -4.15 -10.56
CA TYR A 42 5.10 -3.23 -11.61
C TYR A 42 6.44 -2.58 -11.27
N HIS A 43 6.74 -2.51 -9.98
CA HIS A 43 8.00 -1.93 -9.51
C HIS A 43 9.02 -3.01 -9.21
N THR A 44 8.63 -3.98 -8.37
CA THR A 44 9.52 -5.06 -8.00
C THR A 44 10.43 -5.46 -9.16
N THR A 45 9.90 -5.37 -10.37
CA THR A 45 10.66 -5.72 -11.57
C THR A 45 10.50 -4.66 -12.65
N GLY A 46 9.28 -4.13 -12.80
CA GLY A 46 9.03 -3.12 -13.79
C GLY A 46 7.69 -3.29 -14.49
N ASN A 47 7.32 -4.54 -14.75
CA ASN A 47 6.06 -4.85 -15.41
C ASN A 47 5.13 -5.59 -14.46
N CYS A 48 3.82 -5.43 -14.68
CA CYS A 48 2.82 -6.09 -13.86
C CYS A 48 2.23 -7.30 -14.56
N ILE A 49 1.98 -8.36 -13.80
CA ILE A 49 1.42 -9.59 -14.36
C ILE A 49 -0.09 -9.46 -14.55
N ASN A 50 -0.72 -8.60 -13.75
CA ASN A 50 -2.15 -8.39 -13.82
C ASN A 50 -2.58 -8.11 -15.26
N GLY A 51 -1.89 -7.17 -15.91
CA GLY A 51 -2.22 -6.83 -17.28
C GLY A 51 -2.37 -5.34 -17.49
N ASP A 52 -2.92 -4.95 -18.63
CA ASP A 52 -3.12 -3.54 -18.94
C ASP A 52 -4.17 -2.93 -18.02
N ASP A 53 -5.19 -3.71 -17.68
CA ASP A 53 -6.26 -3.24 -16.80
C ASP A 53 -6.05 -3.75 -15.38
N CYS A 54 -4.92 -3.39 -14.79
CA CYS A 54 -4.60 -3.81 -13.43
C CYS A 54 -5.41 -3.02 -12.41
N MET A 55 -5.72 -3.65 -11.28
CA MET A 55 -6.49 -2.99 -10.23
C MET A 55 -5.63 -2.02 -9.44
N PHE A 56 -4.40 -1.81 -9.90
CA PHE A 56 -3.48 -0.90 -9.25
C PHE A 56 -2.94 0.14 -10.23
N SER A 57 -2.53 1.29 -9.70
CA SER A 57 -2.01 2.37 -10.53
C SER A 57 -0.55 2.12 -10.89
N HIS A 58 -0.19 2.46 -12.13
CA HIS A 58 1.18 2.26 -12.60
C HIS A 58 1.88 3.60 -12.79
N ASP A 59 1.45 4.61 -12.03
CA ASP A 59 2.04 5.94 -12.11
C ASP A 59 3.49 5.91 -11.65
N PRO A 60 4.29 6.87 -12.17
CA PRO A 60 5.70 6.98 -11.82
C PRO A 60 5.92 7.43 -10.39
N LEU A 61 6.41 6.52 -9.55
CA LEU A 61 6.66 6.83 -8.15
C LEU A 61 7.24 8.23 -7.99
N THR A 62 7.01 8.84 -6.83
CA THR A 62 7.51 10.18 -6.56
C THR A 62 8.05 10.28 -5.14
N GLU A 63 8.92 11.26 -4.91
CA GLU A 63 9.51 11.46 -3.59
C GLU A 63 8.49 11.22 -2.49
N GLU A 64 7.22 11.48 -2.79
CA GLU A 64 6.15 11.28 -1.83
C GLU A 64 5.73 9.82 -1.77
N THR A 65 5.00 9.38 -2.80
CA THR A 65 4.53 8.00 -2.87
C THR A 65 5.64 7.02 -2.52
N ARG A 66 6.81 7.22 -3.13
CA ARG A 66 7.95 6.36 -2.89
C ARG A 66 8.04 5.96 -1.41
N GLU A 67 7.90 6.96 -0.54
CA GLU A 67 7.97 6.72 0.90
C GLU A 67 6.93 5.68 1.33
N LEU A 68 5.73 5.80 0.76
CA LEU A 68 4.65 4.87 1.08
C LEU A 68 5.12 3.43 1.03
N LEU A 69 5.55 2.98 -0.15
CA LEU A 69 6.03 1.63 -0.34
C LEU A 69 6.89 1.18 0.85
N ASP A 70 7.97 1.91 1.10
CA ASP A 70 8.86 1.61 2.20
C ASP A 70 8.07 1.20 3.44
N LYS A 71 7.03 1.96 3.75
CA LYS A 71 6.20 1.68 4.91
C LYS A 71 5.33 0.45 4.67
N MET A 72 4.65 0.43 3.53
CA MET A 72 3.78 -0.69 3.17
C MET A 72 4.49 -2.02 3.38
N LEU A 73 5.61 -2.20 2.69
CA LEU A 73 6.39 -3.43 2.81
C LEU A 73 6.56 -3.84 4.27
N ALA A 74 6.93 -2.87 5.11
CA ALA A 74 7.13 -3.13 6.53
C ALA A 74 5.79 -3.47 7.21
N ASP A 75 4.90 -2.49 7.25
CA ASP A 75 3.59 -2.70 7.87
C ASP A 75 3.10 -4.12 7.66
N ASP A 76 3.17 -4.59 6.42
CA ASP A 76 2.73 -5.93 6.09
C ASP A 76 3.14 -6.92 7.17
N ALA A 77 4.45 -7.06 7.36
CA ALA A 77 4.97 -7.98 8.36
C ALA A 77 4.79 -7.42 9.78
N GLU A 78 5.29 -6.21 10.00
CA GLU A 78 5.17 -5.57 11.30
C GLU A 78 3.82 -5.88 11.95
N ALA A 79 2.76 -5.84 11.15
CA ALA A 79 1.42 -6.12 11.63
C ALA A 79 1.42 -7.32 12.58
N GLY A 80 1.43 -7.04 13.87
CA GLY A 80 1.43 -8.11 14.86
C GLY A 80 0.12 -8.20 15.62
N ALA A 81 -0.38 -7.06 16.08
CA ALA A 81 -1.62 -7.01 16.83
C ALA A 81 -2.73 -6.34 16.02
N GLU A 82 -3.94 -6.88 16.11
CA GLU A 82 -5.08 -6.34 15.38
C GLU A 82 -6.31 -6.23 16.28
N ASP A 83 -6.44 -7.18 17.21
CA ASP A 83 -7.56 -7.20 18.12
C ASP A 83 -7.36 -6.17 19.24
N GLU A 84 -8.17 -5.12 19.23
CA GLU A 84 -8.08 -4.07 20.24
C GLU A 84 -9.29 -4.10 21.16
N LYS A 85 -9.04 -3.93 22.45
CA LYS A 85 -10.11 -3.93 23.44
C LYS A 85 -9.95 -2.77 24.43
N GLU A 86 -10.81 -1.77 24.30
CA GLU A 86 -10.75 -0.60 25.18
C GLU A 86 -12.04 0.20 25.08
N VAL A 87 -12.59 0.59 26.23
CA VAL A 87 -13.81 1.36 26.28
C VAL A 87 -13.56 2.77 26.81
N GLU A 88 -13.87 3.78 25.99
CA GLU A 88 -13.67 5.16 26.38
C GLU A 88 -14.99 5.80 26.83
N GLU A 89 -14.93 6.52 27.94
CA GLU A 89 -16.12 7.18 28.48
C GLU A 89 -16.14 8.65 28.10
N LEU A 90 -17.35 9.22 28.00
CA LEU A 90 -17.51 10.62 27.65
C LEU A 90 -18.01 11.43 28.83
N LYS A 91 -17.46 11.15 30.01
CA LYS A 91 -17.85 11.85 31.23
C LYS A 91 -19.30 11.55 31.59
N LYS A 92 -19.68 10.29 31.46
CA LYS A 92 -21.04 9.86 31.78
C LYS A 92 -21.41 10.26 33.20
N SER A 93 -22.71 10.22 33.49
CA SER A 93 -23.20 10.58 34.81
C SER A 93 -22.99 12.07 35.08
N GLY A 94 -23.30 12.90 34.10
CA GLY A 94 -23.14 14.33 34.25
C GLY A 94 -23.96 14.90 35.39
N PRO A 95 -23.53 16.06 35.91
CA PRO A 95 -24.22 16.73 37.02
C PRO A 95 -25.57 17.29 36.62
N SER A 96 -26.58 17.09 37.47
CA SER A 96 -27.92 17.57 37.19
C SER A 96 -28.34 18.64 38.20
N SER A 97 -28.42 19.88 37.73
CA SER A 97 -28.80 20.99 38.60
C SER A 97 -30.29 20.96 38.92
N GLY A 98 -31.11 21.02 37.88
CA GLY A 98 -32.55 20.98 38.07
C GLY A 98 -33.16 22.37 38.15
ZN ZN B . -10.60 0.51 1.47
ZN ZN C . -0.32 -3.57 -11.45
N GLY A 1 19.21 32.32 5.28
CA GLY A 1 18.43 31.25 4.67
C GLY A 1 17.28 30.82 5.54
N SER A 2 16.21 30.34 4.89
CA SER A 2 15.02 29.89 5.61
C SER A 2 14.36 28.73 4.90
N SER A 3 14.00 27.70 5.65
CA SER A 3 13.36 26.51 5.08
C SER A 3 12.17 26.09 5.92
N GLY A 4 10.98 26.17 5.33
CA GLY A 4 9.77 25.78 6.04
C GLY A 4 8.60 25.54 5.11
N SER A 5 7.85 24.48 5.38
CA SER A 5 6.69 24.14 4.55
C SER A 5 5.77 23.18 5.29
N SER A 6 4.56 23.00 4.75
CA SER A 6 3.58 22.12 5.37
C SER A 6 2.46 21.79 4.38
N GLY A 7 1.82 20.64 4.57
CA GLY A 7 0.74 20.23 3.70
C GLY A 7 0.16 18.88 4.09
N GLU A 8 -0.63 18.85 5.15
CA GLU A 8 -1.24 17.62 5.63
C GLU A 8 -2.44 17.24 4.76
N LEU A 9 -2.86 15.99 4.85
CA LEU A 9 -4.00 15.50 4.08
C LEU A 9 -4.74 14.41 4.83
N PRO A 10 -6.08 14.43 4.75
CA PRO A 10 -6.93 13.44 5.42
C PRO A 10 -6.82 12.06 4.79
N LYS A 11 -5.78 11.32 5.17
CA LYS A 11 -5.56 9.98 4.64
C LYS A 11 -4.80 9.12 5.65
N LYS A 12 -4.60 7.85 5.30
CA LYS A 12 -3.89 6.93 6.17
C LYS A 12 -2.56 6.50 5.54
N ARG A 13 -2.45 6.69 4.23
CA ARG A 13 -1.23 6.33 3.50
C ARG A 13 -0.93 4.84 3.67
N GLU A 14 -1.98 4.02 3.67
CA GLU A 14 -1.82 2.57 3.81
C GLU A 14 -2.77 1.83 2.88
N LEU A 15 -2.26 0.81 2.21
CA LEU A 15 -3.06 0.01 1.29
C LEU A 15 -4.22 -0.65 2.02
N CYS A 16 -5.44 -0.30 1.63
CA CYS A 16 -6.64 -0.86 2.24
C CYS A 16 -6.66 -2.38 2.10
N LYS A 17 -6.82 -3.07 3.22
CA LYS A 17 -6.86 -4.53 3.22
C LYS A 17 -8.25 -5.03 2.83
N PHE A 18 -8.96 -4.25 2.02
CA PHE A 18 -10.29 -4.62 1.58
C PHE A 18 -10.46 -4.37 0.09
N TYR A 19 -9.95 -3.25 -0.38
CA TYR A 19 -10.04 -2.89 -1.79
C TYR A 19 -9.21 -3.85 -2.65
N ILE A 20 -8.24 -4.50 -2.02
CA ILE A 20 -7.38 -5.45 -2.73
C ILE A 20 -8.20 -6.49 -3.47
N THR A 21 -9.36 -6.83 -2.92
CA THR A 21 -10.24 -7.82 -3.53
C THR A 21 -11.49 -7.15 -4.10
N GLY A 22 -11.48 -5.83 -4.16
CA GLY A 22 -12.61 -5.10 -4.69
C GLY A 22 -13.76 -5.01 -3.71
N PHE A 23 -13.65 -5.75 -2.62
CA PHE A 23 -14.68 -5.77 -1.59
C PHE A 23 -14.30 -4.85 -0.42
N CYS A 24 -14.87 -3.65 -0.41
CA CYS A 24 -14.59 -2.69 0.64
C CYS A 24 -15.87 -2.01 1.11
N ALA A 25 -16.22 -2.21 2.38
CA ALA A 25 -17.42 -1.62 2.95
C ALA A 25 -17.55 -0.15 2.56
N ARG A 26 -16.64 0.68 3.07
CA ARG A 26 -16.65 2.10 2.77
C ARG A 26 -15.90 2.39 1.47
N ALA A 27 -16.63 2.86 0.47
CA ALA A 27 -16.04 3.19 -0.83
C ALA A 27 -15.37 4.56 -0.81
N GLU A 28 -16.19 5.60 -0.86
CA GLU A 28 -15.69 6.97 -0.85
C GLU A 28 -15.38 7.42 0.57
N ASN A 29 -15.66 6.54 1.54
CA ASN A 29 -15.41 6.85 2.95
C ASN A 29 -14.19 6.09 3.46
N CYS A 30 -13.43 5.52 2.54
CA CYS A 30 -12.23 4.76 2.90
C CYS A 30 -11.05 5.70 3.14
N PRO A 31 -10.62 5.79 4.41
CA PRO A 31 -9.49 6.65 4.80
C PRO A 31 -8.16 6.13 4.28
N TYR A 32 -8.21 5.01 3.56
CA TYR A 32 -7.00 4.42 3.00
C TYR A 32 -6.84 4.77 1.53
N MET A 33 -5.83 4.19 0.88
CA MET A 33 -5.58 4.45 -0.53
C MET A 33 -6.11 3.31 -1.40
N HIS A 34 -6.63 3.66 -2.56
CA HIS A 34 -7.17 2.67 -3.48
C HIS A 34 -6.47 2.73 -4.83
N GLY A 35 -6.81 3.75 -5.61
CA GLY A 35 -6.20 3.91 -6.92
C GLY A 35 -4.81 4.53 -6.85
N ASP A 36 -4.76 5.81 -6.49
CA ASP A 36 -3.50 6.52 -6.38
C ASP A 36 -2.37 5.57 -5.97
N PHE A 37 -2.67 4.68 -5.04
CA PHE A 37 -1.69 3.71 -4.55
C PHE A 37 -1.00 3.02 -5.72
N PRO A 38 0.33 3.21 -5.82
CA PRO A 38 1.13 2.60 -6.89
C PRO A 38 1.26 1.09 -6.73
N CYS A 39 0.97 0.37 -7.80
CA CYS A 39 1.06 -1.09 -7.79
C CYS A 39 2.39 -1.56 -7.20
N LYS A 40 2.34 -2.59 -6.37
CA LYS A 40 3.53 -3.14 -5.74
C LYS A 40 4.36 -3.92 -6.75
N LEU A 41 3.83 -5.04 -7.21
CA LEU A 41 4.51 -5.89 -8.17
C LEU A 41 5.12 -5.05 -9.29
N TYR A 42 4.28 -4.31 -10.00
CA TYR A 42 4.73 -3.47 -11.09
C TYR A 42 6.06 -2.79 -10.74
N HIS A 43 6.31 -2.64 -9.46
CA HIS A 43 7.54 -2.01 -8.99
C HIS A 43 8.56 -3.07 -8.54
N THR A 44 8.13 -3.95 -7.65
CA THR A 44 8.99 -5.00 -7.14
C THR A 44 10.03 -5.41 -8.18
N THR A 45 9.60 -5.53 -9.42
CA THR A 45 10.49 -5.91 -10.52
C THR A 45 10.43 -4.90 -11.66
N GLY A 46 9.23 -4.41 -11.95
CA GLY A 46 9.05 -3.45 -13.02
C GLY A 46 7.73 -3.60 -13.74
N ASN A 47 7.30 -4.84 -13.92
CA ASN A 47 6.04 -5.13 -14.59
C ASN A 47 5.04 -5.75 -13.64
N CYS A 48 3.79 -5.85 -14.07
CA CYS A 48 2.73 -6.43 -13.24
C CYS A 48 2.22 -7.74 -13.86
N ILE A 49 1.95 -8.71 -13.00
CA ILE A 49 1.46 -10.01 -13.45
C ILE A 49 -0.03 -9.93 -13.82
N ASN A 50 -0.76 -9.10 -13.10
CA ASN A 50 -2.19 -8.93 -13.35
C ASN A 50 -2.46 -8.68 -14.83
N GLY A 51 -1.99 -7.54 -15.33
CA GLY A 51 -2.18 -7.20 -16.72
C GLY A 51 -2.36 -5.71 -16.94
N ASP A 52 -2.86 -5.34 -18.11
CA ASP A 52 -3.07 -3.94 -18.44
C ASP A 52 -4.28 -3.38 -17.69
N ASP A 53 -5.18 -4.27 -17.29
CA ASP A 53 -6.38 -3.88 -16.57
C ASP A 53 -6.21 -4.09 -15.07
N CYS A 54 -5.09 -3.62 -14.52
CA CYS A 54 -4.81 -3.76 -13.10
C CYS A 54 -5.57 -2.72 -12.28
N MET A 55 -6.07 -3.13 -11.13
CA MET A 55 -6.82 -2.23 -10.25
C MET A 55 -5.87 -1.36 -9.44
N PHE A 56 -4.67 -1.13 -9.96
CA PHE A 56 -3.67 -0.32 -9.27
C PHE A 56 -3.03 0.67 -10.24
N SER A 57 -2.47 1.75 -9.69
CA SER A 57 -1.82 2.77 -10.50
C SER A 57 -0.42 2.34 -10.89
N HIS A 58 -0.06 2.54 -12.16
CA HIS A 58 1.26 2.18 -12.66
C HIS A 58 2.08 3.42 -13.00
N ASP A 59 1.78 4.52 -12.31
CA ASP A 59 2.49 5.77 -12.54
C ASP A 59 3.90 5.72 -11.95
N PRO A 60 4.75 6.66 -12.38
CA PRO A 60 6.14 6.74 -11.91
C PRO A 60 6.22 7.20 -10.45
N LEU A 61 6.81 6.36 -9.61
CA LEU A 61 6.95 6.66 -8.19
C LEU A 61 7.35 8.13 -7.99
N THR A 62 6.82 8.74 -6.94
CA THR A 62 7.12 10.14 -6.64
C THR A 62 7.64 10.29 -5.21
N GLU A 63 8.39 11.37 -4.97
CA GLU A 63 8.94 11.64 -3.65
C GLU A 63 7.92 11.30 -2.56
N GLU A 64 6.65 11.51 -2.86
CA GLU A 64 5.58 11.23 -1.91
C GLU A 64 5.30 9.74 -1.83
N THR A 65 4.63 9.21 -2.85
CA THR A 65 4.30 7.79 -2.90
C THR A 65 5.49 6.93 -2.50
N ARG A 66 6.64 7.20 -3.12
CA ARG A 66 7.86 6.44 -2.83
C ARG A 66 7.97 6.15 -1.34
N GLU A 67 7.80 7.18 -0.52
CA GLU A 67 7.89 7.03 0.93
C GLU A 67 7.00 5.88 1.41
N LEU A 68 5.78 5.83 0.89
CA LEU A 68 4.83 4.78 1.27
C LEU A 68 5.49 3.41 1.19
N LEU A 69 5.88 3.01 -0.01
CA LEU A 69 6.52 1.72 -0.22
C LEU A 69 7.50 1.41 0.91
N ASP A 70 8.42 2.32 1.16
CA ASP A 70 9.41 2.15 2.22
C ASP A 70 8.74 1.66 3.50
N LYS A 71 7.65 2.31 3.88
CA LYS A 71 6.92 1.94 5.10
C LYS A 71 6.15 0.63 4.89
N MET A 72 5.27 0.62 3.90
CA MET A 72 4.48 -0.56 3.60
C MET A 72 5.36 -1.82 3.58
N LEU A 73 6.29 -1.87 2.63
CA LEU A 73 7.18 -3.01 2.52
C LEU A 73 7.83 -3.35 3.86
N ALA A 74 8.45 -2.35 4.48
CA ALA A 74 9.10 -2.54 5.78
C ALA A 74 8.16 -3.23 6.75
N ASP A 75 6.92 -2.75 6.83
CA ASP A 75 5.93 -3.32 7.74
C ASP A 75 5.89 -4.84 7.59
N ASP A 76 5.77 -5.31 6.35
CA ASP A 76 5.71 -6.74 6.08
C ASP A 76 6.96 -7.44 6.57
N ALA A 77 8.11 -7.00 6.09
CA ALA A 77 9.39 -7.59 6.49
C ALA A 77 9.60 -7.49 7.99
N GLU A 78 9.73 -6.26 8.49
CA GLU A 78 9.93 -6.04 9.92
C GLU A 78 9.24 -7.10 10.74
N ALA A 79 7.91 -7.21 10.56
CA ALA A 79 7.13 -8.20 11.29
C ALA A 79 7.94 -9.46 11.57
N GLY A 80 8.44 -9.58 12.80
CA GLY A 80 9.23 -10.74 13.17
C GLY A 80 10.60 -10.73 12.54
N ALA A 81 11.35 -9.65 12.75
CA ALA A 81 12.68 -9.52 12.18
C ALA A 81 13.48 -8.45 12.91
N GLU A 82 14.80 -8.57 12.89
CA GLU A 82 15.68 -7.60 13.54
C GLU A 82 16.03 -6.47 12.59
N ASP A 83 16.09 -5.25 13.13
CA ASP A 83 16.42 -4.07 12.32
C ASP A 83 17.33 -3.13 13.11
N GLU A 84 18.07 -2.30 12.37
CA GLU A 84 18.98 -1.35 13.00
C GLU A 84 19.09 -0.07 12.17
N LYS A 85 19.01 1.07 12.83
CA LYS A 85 19.09 2.36 12.16
C LYS A 85 19.54 3.45 13.12
N GLU A 86 20.52 4.25 12.71
CA GLU A 86 21.03 5.33 13.53
C GLU A 86 21.27 6.59 12.71
N VAL A 87 21.43 7.71 13.39
CA VAL A 87 21.66 8.99 12.72
C VAL A 87 23.10 9.46 12.92
N GLU A 88 23.84 9.58 11.82
CA GLU A 88 25.23 10.03 11.88
C GLU A 88 25.31 11.49 12.31
N GLU A 89 26.46 11.88 12.84
CA GLU A 89 26.68 13.25 13.30
C GLU A 89 27.85 13.89 12.57
N LEU A 90 28.09 15.16 12.84
CA LEU A 90 29.18 15.89 12.21
C LEU A 90 30.10 16.51 13.26
N LYS A 91 30.42 15.73 14.29
CA LYS A 91 31.28 16.21 15.36
C LYS A 91 31.08 17.69 15.62
N LYS A 92 29.82 18.08 15.85
CA LYS A 92 29.49 19.47 16.11
C LYS A 92 30.47 20.09 17.10
N SER A 93 31.38 20.91 16.61
CA SER A 93 32.37 21.55 17.46
C SER A 93 32.05 23.05 17.62
N GLY A 94 31.77 23.71 16.51
CA GLY A 94 31.46 25.13 16.55
C GLY A 94 32.69 26.00 16.42
N PRO A 95 32.49 27.28 16.09
CA PRO A 95 33.57 28.25 15.92
C PRO A 95 34.25 28.60 17.24
N SER A 96 35.48 29.08 17.17
CA SER A 96 36.24 29.45 18.36
C SER A 96 36.39 30.97 18.46
N SER A 97 36.30 31.48 19.68
CA SER A 97 36.42 32.92 19.91
C SER A 97 37.71 33.23 20.67
N GLY A 98 38.05 34.52 20.74
CA GLY A 98 39.25 34.93 21.44
C GLY A 98 38.95 35.77 22.66
ZN ZN B . -11.06 0.48 1.27
ZN ZN C . -0.51 -3.80 -11.22
N GLY A 1 12.29 28.97 8.07
CA GLY A 1 10.90 28.89 7.67
C GLY A 1 10.21 27.66 8.22
N SER A 2 9.96 27.66 9.52
CA SER A 2 9.30 26.53 10.18
C SER A 2 7.79 26.71 10.19
N SER A 3 7.07 25.68 9.76
CA SER A 3 5.61 25.72 9.71
C SER A 3 5.01 24.52 10.41
N GLY A 4 3.83 24.71 11.01
CA GLY A 4 3.17 23.63 11.71
C GLY A 4 1.66 23.69 11.56
N SER A 5 1.02 22.54 11.68
CA SER A 5 -0.44 22.45 11.56
C SER A 5 -0.99 21.31 12.40
N SER A 6 -2.30 21.34 12.63
CA SER A 6 -2.96 20.31 13.43
C SER A 6 -4.39 20.06 12.93
N GLY A 7 -4.95 18.92 13.31
CA GLY A 7 -6.30 18.59 12.89
C GLY A 7 -6.41 17.18 12.34
N GLU A 8 -7.64 16.67 12.26
CA GLU A 8 -7.87 15.32 11.77
C GLU A 8 -7.63 15.26 10.26
N LEU A 9 -6.49 14.72 9.87
CA LEU A 9 -6.14 14.60 8.45
C LEU A 9 -7.06 13.61 7.75
N PRO A 10 -7.39 13.91 6.48
CA PRO A 10 -8.27 13.06 5.67
C PRO A 10 -7.60 11.74 5.29
N LYS A 11 -6.96 11.74 4.13
CA LYS A 11 -6.27 10.54 3.64
C LYS A 11 -5.13 10.15 4.57
N LYS A 12 -5.10 8.88 4.96
CA LYS A 12 -4.05 8.37 5.85
C LYS A 12 -2.88 7.82 5.04
N ARG A 13 -2.84 8.14 3.76
CA ARG A 13 -1.78 7.66 2.89
C ARG A 13 -1.38 6.24 3.24
N GLU A 14 -2.37 5.36 3.32
CA GLU A 14 -2.13 3.95 3.65
C GLU A 14 -2.98 3.04 2.79
N LEU A 15 -2.43 1.88 2.44
CA LEU A 15 -3.15 0.91 1.61
C LEU A 15 -4.25 0.22 2.41
N CYS A 16 -5.49 0.49 2.04
CA CYS A 16 -6.63 -0.10 2.73
C CYS A 16 -6.40 -1.59 2.98
N LYS A 17 -6.84 -2.07 4.14
CA LYS A 17 -6.68 -3.47 4.50
C LYS A 17 -7.74 -4.32 3.83
N PHE A 18 -8.67 -3.68 3.14
CA PHE A 18 -9.74 -4.39 2.45
C PHE A 18 -9.57 -4.29 0.94
N TYR A 19 -9.44 -3.07 0.43
CA TYR A 19 -9.27 -2.85 -1.00
C TYR A 19 -8.29 -3.86 -1.59
N ILE A 20 -7.43 -4.40 -0.74
CA ILE A 20 -6.44 -5.38 -1.18
C ILE A 20 -7.10 -6.49 -1.99
N THR A 21 -8.28 -6.93 -1.54
CA THR A 21 -9.01 -7.99 -2.22
C THR A 21 -10.11 -7.42 -3.10
N GLY A 22 -10.15 -6.10 -3.21
CA GLY A 22 -11.16 -5.45 -4.03
C GLY A 22 -12.49 -5.34 -3.31
N PHE A 23 -12.61 -6.01 -2.17
CA PHE A 23 -13.85 -6.00 -1.40
C PHE A 23 -13.74 -5.00 -0.24
N CYS A 24 -14.33 -3.82 -0.42
CA CYS A 24 -14.30 -2.79 0.61
C CYS A 24 -15.70 -2.23 0.85
N ALA A 25 -16.16 -2.31 2.09
CA ALA A 25 -17.48 -1.80 2.45
C ALA A 25 -17.64 -0.34 2.05
N ARG A 26 -16.77 0.52 2.57
CA ARG A 26 -16.82 1.93 2.26
C ARG A 26 -15.98 2.25 1.02
N ALA A 27 -16.66 2.56 -0.08
CA ALA A 27 -15.98 2.88 -1.34
C ALA A 27 -15.53 4.33 -1.35
N GLU A 28 -16.47 5.24 -1.60
CA GLU A 28 -16.16 6.66 -1.65
C GLU A 28 -16.12 7.26 -0.25
N ASN A 29 -15.84 6.41 0.75
CA ASN A 29 -15.77 6.86 2.13
C ASN A 29 -14.52 6.32 2.82
N CYS A 30 -13.71 5.58 2.06
CA CYS A 30 -12.48 5.01 2.60
C CYS A 30 -11.38 6.06 2.66
N PRO A 31 -10.99 6.45 3.89
CA PRO A 31 -9.94 7.44 4.12
C PRO A 31 -8.56 6.93 3.73
N TYR A 32 -8.51 5.73 3.16
CA TYR A 32 -7.26 5.13 2.74
C TYR A 32 -7.04 5.30 1.24
N MET A 33 -5.95 4.72 0.74
CA MET A 33 -5.63 4.81 -0.68
C MET A 33 -6.14 3.58 -1.43
N HIS A 34 -6.77 3.82 -2.58
CA HIS A 34 -7.31 2.73 -3.40
C HIS A 34 -6.62 2.69 -4.76
N GLY A 35 -6.98 3.61 -5.63
CA GLY A 35 -6.39 3.66 -6.96
C GLY A 35 -5.02 4.31 -6.96
N ASP A 36 -4.98 5.59 -6.59
CA ASP A 36 -3.72 6.33 -6.55
C ASP A 36 -2.58 5.43 -6.13
N PHE A 37 -2.75 4.71 -5.03
CA PHE A 37 -1.73 3.81 -4.53
C PHE A 37 -1.03 3.07 -5.67
N PRO A 38 0.29 3.20 -5.74
CA PRO A 38 1.09 2.54 -6.78
C PRO A 38 1.15 1.03 -6.61
N CYS A 39 1.31 0.32 -7.73
CA CYS A 39 1.37 -1.13 -7.70
C CYS A 39 2.71 -1.61 -7.15
N LYS A 40 2.69 -2.73 -6.44
CA LYS A 40 3.90 -3.30 -5.85
C LYS A 40 4.71 -4.04 -6.90
N LEU A 41 4.18 -5.15 -7.39
CA LEU A 41 4.87 -5.96 -8.39
C LEU A 41 5.45 -5.06 -9.49
N TYR A 42 4.58 -4.32 -10.15
CA TYR A 42 5.01 -3.43 -11.23
C TYR A 42 6.33 -2.74 -10.88
N HIS A 43 6.59 -2.62 -9.57
CA HIS A 43 7.81 -1.98 -9.11
C HIS A 43 8.85 -3.03 -8.72
N THR A 44 8.46 -3.97 -7.88
CA THR A 44 9.37 -5.02 -7.43
C THR A 44 10.32 -5.43 -8.54
N THR A 45 9.82 -5.43 -9.78
CA THR A 45 10.63 -5.80 -10.93
C THR A 45 10.47 -4.79 -12.06
N GLY A 46 9.25 -4.27 -12.23
CA GLY A 46 8.99 -3.30 -13.27
C GLY A 46 7.66 -3.53 -13.97
N ASN A 47 7.35 -4.80 -14.23
CA ASN A 47 6.10 -5.15 -14.89
C ASN A 47 5.12 -5.77 -13.90
N CYS A 48 3.86 -5.86 -14.32
CA CYS A 48 2.81 -6.43 -13.47
C CYS A 48 2.21 -7.68 -14.10
N ILE A 49 1.75 -8.60 -13.26
CA ILE A 49 1.15 -9.83 -13.74
C ILE A 49 -0.29 -9.62 -14.18
N ASN A 50 -0.99 -8.73 -13.48
CA ASN A 50 -2.38 -8.42 -13.80
C ASN A 50 -2.54 -8.04 -15.26
N GLY A 51 -1.95 -6.91 -15.64
CA GLY A 51 -2.03 -6.45 -17.01
C GLY A 51 -2.33 -4.96 -17.12
N ASP A 52 -2.60 -4.50 -18.33
CA ASP A 52 -2.91 -3.09 -18.55
C ASP A 52 -4.05 -2.63 -17.66
N ASP A 53 -5.00 -3.53 -17.41
CA ASP A 53 -6.15 -3.21 -16.57
C ASP A 53 -5.96 -3.77 -15.17
N CYS A 54 -4.91 -3.33 -14.49
CA CYS A 54 -4.61 -3.79 -13.14
C CYS A 54 -5.48 -3.07 -12.12
N MET A 55 -5.73 -3.73 -11.00
CA MET A 55 -6.55 -3.15 -9.94
C MET A 55 -5.84 -1.98 -9.27
N PHE A 56 -4.51 -1.96 -9.39
CA PHE A 56 -3.70 -0.90 -8.80
C PHE A 56 -3.21 0.07 -9.87
N SER A 57 -2.83 1.27 -9.44
CA SER A 57 -2.35 2.28 -10.36
C SER A 57 -0.89 2.02 -10.73
N HIS A 58 -0.55 2.25 -11.99
CA HIS A 58 0.81 2.04 -12.48
C HIS A 58 1.53 3.38 -12.67
N ASP A 59 1.08 4.39 -11.95
CA ASP A 59 1.67 5.72 -12.04
C ASP A 59 3.14 5.69 -11.62
N PRO A 60 3.93 6.64 -12.12
CA PRO A 60 5.36 6.74 -11.82
C PRO A 60 5.62 7.16 -10.38
N LEU A 61 6.31 6.31 -9.64
CA LEU A 61 6.62 6.59 -8.24
C LEU A 61 6.99 8.06 -8.05
N THR A 62 6.59 8.62 -6.92
CA THR A 62 6.88 10.02 -6.61
C THR A 62 7.55 10.16 -5.26
N GLU A 63 8.34 11.22 -5.09
CA GLU A 63 9.03 11.47 -3.84
C GLU A 63 8.13 11.15 -2.65
N GLU A 64 6.83 11.33 -2.82
CA GLU A 64 5.87 11.05 -1.76
C GLU A 64 5.57 9.56 -1.67
N THR A 65 4.80 9.06 -2.63
CA THR A 65 4.44 7.65 -2.66
C THR A 65 5.65 6.76 -2.37
N ARG A 66 6.75 7.04 -3.05
CA ARG A 66 7.98 6.27 -2.87
C ARG A 66 8.18 5.93 -1.39
N GLU A 67 7.93 6.89 -0.53
CA GLU A 67 8.09 6.69 0.91
C GLU A 67 7.16 5.60 1.41
N LEU A 68 5.92 5.63 0.95
CA LEU A 68 4.93 4.63 1.36
C LEU A 68 5.52 3.23 1.31
N LEU A 69 5.89 2.78 0.12
CA LEU A 69 6.46 1.46 -0.06
C LEU A 69 7.43 1.13 1.07
N ASP A 70 8.44 1.98 1.25
CA ASP A 70 9.43 1.78 2.30
C ASP A 70 8.77 1.30 3.58
N LYS A 71 7.65 1.92 3.94
CA LYS A 71 6.92 1.54 5.14
C LYS A 71 6.10 0.28 4.92
N MET A 72 5.30 0.28 3.86
CA MET A 72 4.46 -0.86 3.54
C MET A 72 5.30 -2.14 3.44
N LEU A 73 6.21 -2.17 2.49
CA LEU A 73 7.09 -3.33 2.30
C LEU A 73 7.61 -3.85 3.64
N ALA A 74 8.09 -2.92 4.47
CA ALA A 74 8.62 -3.27 5.78
C ALA A 74 7.52 -3.83 6.68
N ASP A 75 6.36 -3.21 6.63
CA ASP A 75 5.22 -3.64 7.45
C ASP A 75 4.93 -5.12 7.23
N ASP A 76 4.92 -5.53 5.97
CA ASP A 76 4.65 -6.93 5.62
C ASP A 76 5.81 -7.83 6.06
N ALA A 77 6.98 -7.61 5.47
CA ALA A 77 8.16 -8.39 5.79
C ALA A 77 8.30 -8.59 7.30
N GLU A 78 8.33 -7.47 8.03
CA GLU A 78 8.45 -7.52 9.49
C GLU A 78 7.38 -8.43 10.09
N ALA A 79 6.15 -8.28 9.62
CA ALA A 79 5.04 -9.08 10.12
C ALA A 79 5.04 -10.46 9.48
N GLY A 80 6.20 -11.10 9.44
CA GLY A 80 6.31 -12.42 8.86
C GLY A 80 6.71 -12.38 7.39
N ALA A 81 7.37 -13.43 6.93
CA ALA A 81 7.81 -13.50 5.54
C ALA A 81 8.20 -14.94 5.17
N GLU A 82 7.37 -15.57 4.33
CA GLU A 82 7.63 -16.93 3.89
C GLU A 82 7.20 -17.13 2.45
N ASP A 83 7.80 -18.12 1.79
CA ASP A 83 7.48 -18.41 0.40
C ASP A 83 7.86 -19.85 0.05
N GLU A 84 7.31 -20.34 -1.06
CA GLU A 84 7.59 -21.71 -1.50
C GLU A 84 6.97 -21.97 -2.87
N LYS A 85 7.49 -22.97 -3.57
CA LYS A 85 6.99 -23.32 -4.89
C LYS A 85 7.19 -24.82 -5.17
N GLU A 86 6.70 -25.28 -6.31
CA GLU A 86 6.82 -26.67 -6.70
C GLU A 86 6.56 -26.86 -8.19
N VAL A 87 7.28 -27.79 -8.80
CA VAL A 87 7.12 -28.07 -10.21
C VAL A 87 6.84 -29.55 -10.46
N GLU A 88 5.58 -29.86 -10.75
CA GLU A 88 5.18 -31.24 -11.00
C GLU A 88 6.06 -31.88 -12.08
N GLU A 89 5.86 -33.17 -12.31
CA GLU A 89 6.63 -33.89 -13.31
C GLU A 89 6.34 -33.36 -14.72
N LEU A 90 7.18 -33.75 -15.67
CA LEU A 90 7.02 -33.31 -17.05
C LEU A 90 7.48 -34.39 -18.02
N LYS A 91 6.63 -34.72 -18.99
CA LYS A 91 6.94 -35.74 -19.98
C LYS A 91 7.41 -37.03 -19.31
N LYS A 92 6.80 -37.35 -18.17
CA LYS A 92 7.14 -38.55 -17.43
C LYS A 92 7.44 -39.71 -18.38
N SER A 93 8.25 -40.66 -17.93
CA SER A 93 8.60 -41.82 -18.73
C SER A 93 7.37 -42.42 -19.39
N GLY A 94 7.59 -43.29 -20.37
CA GLY A 94 6.49 -43.93 -21.06
C GLY A 94 6.95 -44.74 -22.26
N PRO A 95 7.55 -45.91 -22.00
CA PRO A 95 8.04 -46.81 -23.05
C PRO A 95 6.91 -47.46 -23.84
N SER A 96 7.27 -48.36 -24.74
CA SER A 96 6.29 -49.05 -25.57
C SER A 96 6.90 -50.29 -26.21
N SER A 97 6.05 -51.12 -26.81
CA SER A 97 6.49 -52.34 -27.46
C SER A 97 5.66 -52.63 -28.71
N GLY A 98 6.01 -53.71 -29.40
CA GLY A 98 5.28 -54.08 -30.61
C GLY A 98 6.09 -54.98 -31.52
ZN ZN B . -11.07 0.67 1.45
ZN ZN C . -0.31 -3.84 -11.22
N GLY A 1 9.22 31.03 2.78
CA GLY A 1 8.40 32.04 3.41
C GLY A 1 8.25 31.82 4.90
N SER A 2 7.39 30.89 5.28
CA SER A 2 7.15 30.59 6.69
C SER A 2 7.03 29.08 6.91
N SER A 3 8.03 28.50 7.55
CA SER A 3 8.04 27.07 7.83
C SER A 3 6.64 26.57 8.19
N GLY A 4 6.07 25.75 7.32
CA GLY A 4 4.74 25.22 7.56
C GLY A 4 4.06 24.75 6.29
N SER A 5 4.59 23.69 5.69
CA SER A 5 4.04 23.15 4.46
C SER A 5 2.50 23.22 4.48
N SER A 6 1.94 23.69 3.38
CA SER A 6 0.48 23.81 3.26
C SER A 6 -0.09 22.67 2.43
N GLY A 7 -0.90 21.83 3.07
CA GLY A 7 -1.51 20.71 2.36
C GLY A 7 -1.59 19.47 3.23
N GLU A 8 -2.14 19.61 4.42
CA GLU A 8 -2.28 18.49 5.34
C GLU A 8 -3.74 18.26 5.70
N LEU A 9 -4.22 17.03 5.47
CA LEU A 9 -5.60 16.67 5.76
C LEU A 9 -5.68 15.33 6.47
N PRO A 10 -6.76 15.11 7.24
CA PRO A 10 -6.98 13.87 7.98
C PRO A 10 -7.28 12.69 7.06
N LYS A 11 -6.23 12.00 6.63
CA LYS A 11 -6.39 10.85 5.75
C LYS A 11 -5.44 9.72 6.14
N LYS A 12 -5.49 8.61 5.41
CA LYS A 12 -4.64 7.47 5.68
C LYS A 12 -3.95 6.98 4.41
N ARG A 13 -2.72 7.42 4.20
CA ARG A 13 -1.96 7.03 3.02
C ARG A 13 -1.45 5.60 3.15
N GLU A 14 -2.38 4.68 3.41
CA GLU A 14 -2.01 3.27 3.56
C GLU A 14 -2.94 2.38 2.73
N LEU A 15 -2.35 1.38 2.09
CA LEU A 15 -3.11 0.45 1.24
C LEU A 15 -4.21 -0.22 2.05
N CYS A 16 -5.47 0.07 1.70
CA CYS A 16 -6.61 -0.52 2.39
C CYS A 16 -6.45 -2.03 2.54
N LYS A 17 -6.80 -2.54 3.71
CA LYS A 17 -6.70 -3.97 3.98
C LYS A 17 -7.83 -4.74 3.31
N PHE A 18 -8.73 -4.01 2.67
CA PHE A 18 -9.86 -4.63 1.98
C PHE A 18 -9.72 -4.50 0.46
N TYR A 19 -9.47 -3.29 0.00
CA TYR A 19 -9.31 -3.02 -1.42
C TYR A 19 -8.45 -4.10 -2.08
N ILE A 20 -7.45 -4.58 -1.34
CA ILE A 20 -6.56 -5.61 -1.86
C ILE A 20 -7.33 -6.65 -2.67
N THR A 21 -8.55 -6.97 -2.21
CA THR A 21 -9.38 -7.96 -2.88
C THR A 21 -10.43 -7.27 -3.76
N GLY A 22 -10.93 -6.13 -3.29
CA GLY A 22 -11.94 -5.40 -4.05
C GLY A 22 -13.25 -5.26 -3.29
N PHE A 23 -13.35 -5.96 -2.16
CA PHE A 23 -14.56 -5.91 -1.35
C PHE A 23 -14.40 -4.92 -0.20
N CYS A 24 -14.75 -3.67 -0.45
CA CYS A 24 -14.63 -2.62 0.56
C CYS A 24 -15.95 -1.86 0.70
N ALA A 25 -16.73 -2.22 1.72
CA ALA A 25 -18.02 -1.57 1.96
C ALA A 25 -17.93 -0.07 1.69
N ARG A 26 -17.08 0.62 2.44
CA ARG A 26 -16.91 2.06 2.29
C ARG A 26 -16.05 2.37 1.07
N ALA A 27 -16.69 2.84 0.00
CA ALA A 27 -15.97 3.18 -1.23
C ALA A 27 -15.36 4.57 -1.14
N GLU A 28 -16.21 5.60 -1.29
CA GLU A 28 -15.76 6.98 -1.24
C GLU A 28 -15.65 7.46 0.21
N ASN A 29 -15.83 6.53 1.15
CA ASN A 29 -15.76 6.85 2.57
C ASN A 29 -14.48 6.29 3.19
N CYS A 30 -13.80 5.42 2.45
CA CYS A 30 -12.57 4.81 2.93
C CYS A 30 -11.45 5.85 3.01
N PRO A 31 -11.04 6.17 4.25
CA PRO A 31 -9.97 7.13 4.51
C PRO A 31 -8.60 6.63 4.07
N TYR A 32 -8.58 5.46 3.46
CA TYR A 32 -7.34 4.85 3.01
C TYR A 32 -7.14 5.08 1.51
N MET A 33 -6.00 4.64 1.00
CA MET A 33 -5.69 4.79 -0.42
C MET A 33 -6.22 3.60 -1.23
N HIS A 34 -6.74 3.88 -2.42
CA HIS A 34 -7.28 2.84 -3.28
C HIS A 34 -6.56 2.84 -4.63
N GLY A 35 -6.90 3.82 -5.47
CA GLY A 35 -6.28 3.91 -6.78
C GLY A 35 -4.90 4.54 -6.74
N ASP A 36 -4.85 5.82 -6.42
CA ASP A 36 -3.58 6.54 -6.33
C ASP A 36 -2.45 5.61 -5.93
N PHE A 37 -2.67 4.86 -4.86
CA PHE A 37 -1.68 3.92 -4.37
C PHE A 37 -1.00 3.18 -5.52
N PRO A 38 0.34 3.20 -5.52
CA PRO A 38 1.14 2.54 -6.57
C PRO A 38 1.07 1.02 -6.48
N CYS A 39 1.19 0.36 -7.63
CA CYS A 39 1.14 -1.09 -7.68
C CYS A 39 2.41 -1.71 -7.09
N LYS A 40 2.24 -2.82 -6.38
CA LYS A 40 3.37 -3.50 -5.76
C LYS A 40 4.16 -4.30 -6.81
N LEU A 41 3.53 -5.33 -7.35
CA LEU A 41 4.18 -6.16 -8.37
C LEU A 41 4.88 -5.31 -9.41
N TYR A 42 4.12 -4.44 -10.06
CA TYR A 42 4.67 -3.56 -11.09
C TYR A 42 6.02 -2.98 -10.65
N HIS A 43 6.25 -2.95 -9.34
CA HIS A 43 7.49 -2.44 -8.79
C HIS A 43 8.44 -3.57 -8.44
N THR A 44 7.94 -4.55 -7.72
CA THR A 44 8.76 -5.69 -7.31
C THR A 44 9.83 -6.00 -8.35
N THR A 45 9.42 -6.05 -9.61
CA THR A 45 10.34 -6.33 -10.70
C THR A 45 10.27 -5.26 -11.79
N GLY A 46 9.08 -4.70 -11.97
CA GLY A 46 8.88 -3.68 -12.97
C GLY A 46 7.65 -3.91 -13.81
N ASN A 47 7.33 -5.17 -14.06
CA ASN A 47 6.16 -5.53 -14.85
C ASN A 47 5.08 -6.18 -13.99
N CYS A 48 3.82 -5.91 -14.32
CA CYS A 48 2.69 -6.46 -13.56
C CYS A 48 2.01 -7.57 -14.35
N ILE A 49 2.01 -8.77 -13.80
CA ILE A 49 1.39 -9.92 -14.44
C ILE A 49 -0.04 -9.58 -14.88
N ASN A 50 -0.74 -8.82 -14.07
CA ASN A 50 -2.11 -8.44 -14.38
C ASN A 50 -2.22 -7.87 -15.79
N GLY A 51 -1.34 -6.92 -16.10
CA GLY A 51 -1.35 -6.32 -17.43
C GLY A 51 -1.91 -4.91 -17.42
N ASP A 52 -2.48 -4.49 -18.55
CA ASP A 52 -3.05 -3.16 -18.67
C ASP A 52 -4.44 -3.11 -18.05
N ASP A 53 -4.78 -4.14 -17.29
CA ASP A 53 -6.08 -4.22 -16.64
C ASP A 53 -5.93 -4.41 -15.14
N CYS A 54 -4.89 -3.81 -14.58
CA CYS A 54 -4.63 -3.91 -13.15
C CYS A 54 -5.52 -2.95 -12.36
N MET A 55 -6.01 -3.42 -11.22
CA MET A 55 -6.88 -2.60 -10.38
C MET A 55 -6.07 -1.66 -9.51
N PHE A 56 -4.84 -1.38 -9.94
CA PHE A 56 -3.95 -0.49 -9.21
C PHE A 56 -3.36 0.57 -10.13
N SER A 57 -2.85 1.65 -9.54
CA SER A 57 -2.26 2.74 -10.31
C SER A 57 -0.83 2.39 -10.72
N HIS A 58 -0.56 2.51 -12.02
CA HIS A 58 0.78 2.20 -12.54
C HIS A 58 1.58 3.48 -12.75
N ASP A 59 1.25 4.52 -11.99
CA ASP A 59 1.94 5.80 -12.09
C ASP A 59 3.37 5.69 -11.58
N PRO A 60 4.25 6.57 -12.07
CA PRO A 60 5.66 6.61 -11.67
C PRO A 60 5.85 7.07 -10.23
N LEU A 61 6.45 6.22 -9.41
CA LEU A 61 6.69 6.54 -8.01
C LEU A 61 7.12 7.99 -7.86
N THR A 62 6.50 8.70 -6.92
CA THR A 62 6.82 10.10 -6.67
C THR A 62 7.54 10.26 -5.34
N GLU A 63 8.02 11.47 -5.08
CA GLU A 63 8.74 11.76 -3.84
C GLU A 63 7.94 11.28 -2.64
N GLU A 64 6.62 11.37 -2.71
CA GLU A 64 5.76 10.94 -1.63
C GLU A 64 5.59 9.43 -1.64
N THR A 65 4.79 8.93 -2.57
CA THR A 65 4.56 7.49 -2.68
C THR A 65 5.81 6.69 -2.35
N ARG A 66 6.91 7.04 -3.01
CA ARG A 66 8.18 6.35 -2.79
C ARG A 66 8.38 6.05 -1.30
N GLU A 67 8.15 7.06 -0.47
CA GLU A 67 8.31 6.92 0.97
C GLU A 67 7.33 5.87 1.52
N LEU A 68 6.09 5.95 1.07
CA LEU A 68 5.06 5.01 1.51
C LEU A 68 5.55 3.57 1.43
N LEU A 69 5.79 3.11 0.21
CA LEU A 69 6.27 1.75 -0.02
C LEU A 69 7.30 1.36 1.03
N ASP A 70 8.35 2.16 1.15
CA ASP A 70 9.41 1.90 2.12
C ASP A 70 8.82 1.47 3.46
N LYS A 71 7.75 2.12 3.87
CA LYS A 71 7.09 1.81 5.14
C LYS A 71 6.25 0.55 5.00
N MET A 72 5.36 0.53 4.01
CA MET A 72 4.49 -0.62 3.78
C MET A 72 5.31 -1.91 3.72
N LEU A 73 6.25 -1.96 2.79
CA LEU A 73 7.09 -3.15 2.62
C LEU A 73 7.82 -3.47 3.93
N ALA A 74 8.56 -2.49 4.45
CA ALA A 74 9.30 -2.68 5.69
C ALA A 74 8.42 -3.30 6.77
N ASP A 75 7.34 -2.61 7.12
CA ASP A 75 6.41 -3.09 8.14
C ASP A 75 6.17 -4.59 7.98
N ASP A 76 6.00 -5.04 6.74
CA ASP A 76 5.76 -6.45 6.46
C ASP A 76 7.04 -7.26 6.61
N ALA A 77 8.00 -7.02 5.72
CA ALA A 77 9.28 -7.72 5.76
C ALA A 77 9.75 -7.94 7.20
N GLU A 78 9.62 -6.90 8.01
CA GLU A 78 10.03 -6.97 9.41
C GLU A 78 9.11 -7.91 10.20
N ALA A 79 7.82 -7.64 10.15
CA ALA A 79 6.85 -8.45 10.86
C ALA A 79 7.22 -9.92 10.81
N GLY A 80 7.32 -10.46 9.59
CA GLY A 80 7.67 -11.86 9.42
C GLY A 80 8.09 -12.18 7.99
N ALA A 81 9.23 -12.86 7.86
CA ALA A 81 9.74 -13.23 6.55
C ALA A 81 9.24 -14.60 6.13
N GLU A 82 9.19 -14.84 4.83
CA GLU A 82 8.72 -16.11 4.29
C GLU A 82 9.11 -16.27 2.83
N ASP A 83 9.28 -17.51 2.40
CA ASP A 83 9.65 -17.80 1.01
C ASP A 83 11.01 -17.18 0.67
N GLU A 84 11.97 -17.33 1.57
CA GLU A 84 13.30 -16.79 1.38
C GLU A 84 14.28 -17.88 0.96
N LYS A 85 13.83 -18.79 0.10
CA LYS A 85 14.66 -19.88 -0.37
C LYS A 85 14.15 -20.42 -1.70
N GLU A 86 15.08 -20.76 -2.59
CA GLU A 86 14.72 -21.29 -3.90
C GLU A 86 14.48 -22.80 -3.84
N VAL A 87 13.31 -23.23 -4.28
CA VAL A 87 12.96 -24.65 -4.27
C VAL A 87 13.71 -25.40 -5.37
N GLU A 88 14.96 -25.76 -5.10
CA GLU A 88 15.78 -26.49 -6.07
C GLU A 88 15.73 -27.98 -5.79
N GLU A 89 14.84 -28.68 -6.50
CA GLU A 89 14.70 -30.12 -6.34
C GLU A 89 16.03 -30.84 -6.58
N LEU A 90 16.22 -31.96 -5.91
CA LEU A 90 17.44 -32.74 -6.06
C LEU A 90 17.73 -33.03 -7.53
N LYS A 91 18.75 -33.85 -7.77
CA LYS A 91 19.12 -34.22 -9.14
C LYS A 91 18.13 -35.21 -9.73
N LYS A 92 16.85 -34.90 -9.61
CA LYS A 92 15.80 -35.77 -10.13
C LYS A 92 16.22 -36.38 -11.46
N SER A 93 16.15 -37.71 -11.55
CA SER A 93 16.53 -38.42 -12.77
C SER A 93 15.96 -39.83 -12.76
N GLY A 94 15.94 -40.46 -13.93
CA GLY A 94 15.44 -41.81 -14.05
C GLY A 94 15.91 -42.51 -15.31
N PRO A 95 16.31 -43.78 -15.17
CA PRO A 95 16.79 -44.58 -16.30
C PRO A 95 15.69 -44.93 -17.29
N SER A 96 16.02 -45.75 -18.27
CA SER A 96 15.05 -46.16 -19.30
C SER A 96 14.96 -47.68 -19.37
N SER A 97 13.77 -48.18 -19.68
CA SER A 97 13.54 -49.61 -19.79
C SER A 97 13.18 -50.00 -21.21
N GLY A 98 13.28 -51.28 -21.52
CA GLY A 98 12.96 -51.77 -22.85
C GLY A 98 13.89 -52.87 -23.32
ZN ZN B . -11.13 0.62 1.43
ZN ZN C . -0.31 -3.71 -11.28
N GLY A 1 7.88 23.28 29.52
CA GLY A 1 7.29 22.22 28.73
C GLY A 1 6.67 22.73 27.45
N SER A 2 6.24 21.81 26.59
CA SER A 2 5.63 22.18 25.32
C SER A 2 4.84 21.02 24.74
N SER A 3 3.59 21.28 24.34
CA SER A 3 2.73 20.25 23.77
C SER A 3 1.70 20.87 22.82
N GLY A 4 1.50 20.22 21.68
CA GLY A 4 0.53 20.72 20.72
C GLY A 4 1.08 20.71 19.30
N SER A 5 1.12 19.54 18.69
CA SER A 5 1.62 19.39 17.33
C SER A 5 0.85 18.32 16.57
N SER A 6 0.03 18.74 15.62
CA SER A 6 -0.77 17.82 14.82
C SER A 6 0.07 17.20 13.71
N GLY A 7 0.92 16.27 14.07
CA GLY A 7 1.77 15.61 13.09
C GLY A 7 1.15 14.34 12.53
N GLU A 8 -0.17 14.37 12.35
CA GLU A 8 -0.89 13.22 11.83
C GLU A 8 -2.26 13.63 11.29
N LEU A 9 -2.70 12.95 10.23
CA LEU A 9 -3.99 13.25 9.61
C LEU A 9 -4.90 12.03 9.66
N PRO A 10 -6.22 12.28 9.58
CA PRO A 10 -7.23 11.21 9.61
C PRO A 10 -7.20 10.36 8.35
N LYS A 11 -6.27 10.66 7.44
CA LYS A 11 -6.14 9.92 6.19
C LYS A 11 -4.92 9.02 6.22
N LYS A 12 -5.16 7.71 6.20
CA LYS A 12 -4.08 6.73 6.22
C LYS A 12 -3.57 6.45 4.81
N ARG A 13 -2.34 6.87 4.53
CA ARG A 13 -1.74 6.66 3.22
C ARG A 13 -1.22 5.23 3.09
N GLU A 14 -2.06 4.26 3.44
CA GLU A 14 -1.68 2.86 3.36
C GLU A 14 -2.64 2.09 2.46
N LEU A 15 -2.16 1.02 1.84
CA LEU A 15 -2.98 0.20 0.96
C LEU A 15 -4.06 -0.53 1.73
N CYS A 16 -5.31 -0.32 1.33
CA CYS A 16 -6.45 -0.96 1.99
C CYS A 16 -6.30 -2.47 1.97
N LYS A 17 -6.41 -3.08 3.15
CA LYS A 17 -6.30 -4.53 3.28
C LYS A 17 -7.50 -5.23 2.65
N PHE A 18 -8.46 -4.45 2.16
CA PHE A 18 -9.65 -4.99 1.55
C PHE A 18 -9.62 -4.78 0.03
N TYR A 19 -9.23 -3.58 -0.38
CA TYR A 19 -9.16 -3.24 -1.80
C TYR A 19 -8.35 -4.28 -2.56
N ILE A 20 -7.28 -4.76 -1.94
CA ILE A 20 -6.43 -5.77 -2.57
C ILE A 20 -7.25 -6.80 -3.32
N THR A 21 -8.42 -7.12 -2.79
CA THR A 21 -9.30 -8.10 -3.43
C THR A 21 -10.42 -7.40 -4.20
N GLY A 22 -10.83 -6.23 -3.73
CA GLY A 22 -11.88 -5.48 -4.40
C GLY A 22 -13.14 -5.40 -3.57
N PHE A 23 -13.14 -6.06 -2.42
CA PHE A 23 -14.30 -6.06 -1.54
C PHE A 23 -14.10 -5.09 -0.38
N CYS A 24 -14.44 -3.82 -0.61
CA CYS A 24 -14.30 -2.78 0.40
C CYS A 24 -15.64 -2.12 0.70
N ALA A 25 -16.24 -2.51 1.82
CA ALA A 25 -17.53 -1.95 2.23
C ALA A 25 -17.59 -0.45 1.94
N ARG A 26 -16.83 0.32 2.70
CA ARG A 26 -16.80 1.77 2.53
C ARG A 26 -15.97 2.16 1.31
N ALA A 27 -16.65 2.54 0.23
CA ALA A 27 -15.98 2.93 -0.99
C ALA A 27 -15.50 4.38 -0.91
N GLU A 28 -16.43 5.33 -1.01
CA GLU A 28 -16.09 6.74 -0.95
C GLU A 28 -15.95 7.20 0.50
N ASN A 29 -15.69 6.25 1.40
CA ASN A 29 -15.54 6.56 2.81
C ASN A 29 -14.25 5.95 3.36
N CYS A 30 -13.56 5.20 2.51
CA CYS A 30 -12.31 4.55 2.91
C CYS A 30 -11.20 5.58 3.08
N PRO A 31 -10.76 5.79 4.33
CA PRO A 31 -9.70 6.74 4.66
C PRO A 31 -8.33 6.29 4.16
N TYR A 32 -8.31 5.15 3.47
CA TYR A 32 -7.07 4.61 2.93
C TYR A 32 -6.95 4.91 1.44
N MET A 33 -5.82 4.51 0.85
CA MET A 33 -5.58 4.74 -0.56
C MET A 33 -6.06 3.56 -1.39
N HIS A 34 -6.62 3.85 -2.56
CA HIS A 34 -7.13 2.81 -3.46
C HIS A 34 -6.41 2.84 -4.80
N GLY A 35 -6.77 3.82 -5.63
CA GLY A 35 -6.16 3.94 -6.94
C GLY A 35 -4.81 4.64 -6.88
N ASP A 36 -4.81 5.90 -6.49
CA ASP A 36 -3.58 6.67 -6.39
C ASP A 36 -2.40 5.77 -6.00
N PHE A 37 -2.61 4.95 -4.97
CA PHE A 37 -1.58 4.04 -4.50
C PHE A 37 -0.91 3.32 -5.67
N PRO A 38 0.42 3.47 -5.78
CA PRO A 38 1.20 2.84 -6.85
C PRO A 38 1.29 1.32 -6.68
N CYS A 39 1.26 0.62 -7.80
CA CYS A 39 1.34 -0.85 -7.79
C CYS A 39 2.70 -1.31 -7.26
N LYS A 40 2.68 -2.31 -6.38
CA LYS A 40 3.89 -2.85 -5.80
C LYS A 40 4.65 -3.69 -6.82
N LEU A 41 4.05 -4.79 -7.23
CA LEU A 41 4.67 -5.69 -8.21
C LEU A 41 5.29 -4.89 -9.36
N TYR A 42 4.45 -4.11 -10.04
CA TYR A 42 4.91 -3.30 -11.17
C TYR A 42 6.29 -2.70 -10.88
N HIS A 43 6.60 -2.53 -9.59
CA HIS A 43 7.89 -1.99 -9.19
C HIS A 43 8.84 -3.08 -8.74
N THR A 44 8.40 -3.90 -7.78
CA THR A 44 9.21 -4.99 -7.27
C THR A 44 10.10 -5.58 -8.36
N THR A 45 9.54 -5.70 -9.57
CA THR A 45 10.28 -6.24 -10.70
C THR A 45 10.19 -5.32 -11.91
N GLY A 46 9.02 -4.72 -12.11
CA GLY A 46 8.83 -3.82 -13.23
C GLY A 46 7.49 -4.02 -13.91
N ASN A 47 7.06 -5.26 -14.02
CA ASN A 47 5.79 -5.58 -14.65
C ASN A 47 4.77 -6.08 -13.63
N CYS A 48 3.49 -5.92 -13.93
CA CYS A 48 2.43 -6.36 -13.04
C CYS A 48 1.75 -7.62 -13.58
N ILE A 49 1.51 -8.57 -12.68
CA ILE A 49 0.86 -9.82 -13.06
C ILE A 49 -0.64 -9.63 -13.27
N ASN A 50 -1.20 -8.62 -12.61
CA ASN A 50 -2.62 -8.33 -12.72
C ASN A 50 -3.01 -8.10 -14.18
N GLY A 51 -2.14 -7.41 -14.92
CA GLY A 51 -2.42 -7.13 -16.32
C GLY A 51 -2.70 -5.67 -16.56
N ASP A 52 -3.34 -5.38 -17.69
CA ASP A 52 -3.67 -4.00 -18.06
C ASP A 52 -4.93 -3.54 -17.33
N ASP A 53 -5.65 -4.50 -16.74
CA ASP A 53 -6.87 -4.19 -16.02
C ASP A 53 -6.62 -4.16 -14.51
N CYS A 54 -5.40 -3.79 -14.14
CA CYS A 54 -5.02 -3.72 -12.73
C CYS A 54 -5.68 -2.52 -12.04
N MET A 55 -6.29 -2.77 -10.89
CA MET A 55 -6.96 -1.71 -10.14
C MET A 55 -5.96 -0.90 -9.32
N PHE A 56 -4.76 -0.74 -9.86
CA PHE A 56 -3.71 0.01 -9.18
C PHE A 56 -3.04 0.99 -10.14
N SER A 57 -2.47 2.05 -9.57
CA SER A 57 -1.81 3.08 -10.38
C SER A 57 -0.40 2.63 -10.78
N HIS A 58 -0.11 2.70 -12.07
CA HIS A 58 1.20 2.30 -12.59
C HIS A 58 2.08 3.52 -12.82
N ASP A 59 1.69 4.65 -12.25
CA ASP A 59 2.44 5.89 -12.40
C ASP A 59 3.84 5.74 -11.80
N PRO A 60 4.78 6.57 -12.28
CA PRO A 60 6.17 6.55 -11.81
C PRO A 60 6.31 7.07 -10.38
N LEU A 61 6.80 6.22 -9.49
CA LEU A 61 6.98 6.60 -8.10
C LEU A 61 7.49 8.03 -7.98
N THR A 62 7.08 8.71 -6.91
CA THR A 62 7.50 10.09 -6.68
C THR A 62 8.11 10.25 -5.29
N GLU A 63 8.92 11.29 -5.12
CA GLU A 63 9.56 11.55 -3.84
C GLU A 63 8.59 11.33 -2.69
N GLU A 64 7.32 11.62 -2.92
CA GLU A 64 6.29 11.45 -1.90
C GLU A 64 5.85 9.99 -1.81
N THR A 65 5.04 9.56 -2.77
CA THR A 65 4.55 8.19 -2.79
C THR A 65 5.67 7.19 -2.51
N ARG A 66 6.79 7.35 -3.21
CA ARG A 66 7.93 6.47 -3.03
C ARG A 66 8.12 6.11 -1.56
N GLU A 67 8.02 7.11 -0.69
CA GLU A 67 8.19 6.90 0.74
C GLU A 67 7.20 5.86 1.25
N LEU A 68 5.97 5.92 0.76
CA LEU A 68 4.93 4.98 1.16
C LEU A 68 5.46 3.55 1.14
N LEU A 69 5.85 3.08 -0.04
CA LEU A 69 6.38 1.73 -0.18
C LEU A 69 7.31 1.39 0.97
N ASP A 70 8.35 2.20 1.15
CA ASP A 70 9.32 1.98 2.21
C ASP A 70 8.62 1.58 3.51
N LYS A 71 7.51 2.25 3.82
CA LYS A 71 6.75 1.97 5.02
C LYS A 71 5.86 0.76 4.84
N MET A 72 4.95 0.83 3.86
CA MET A 72 4.05 -0.28 3.58
C MET A 72 4.78 -1.62 3.65
N LEU A 73 5.83 -1.75 2.84
CA LEU A 73 6.61 -2.98 2.82
C LEU A 73 7.13 -3.33 4.20
N ALA A 74 7.74 -2.35 4.86
CA ALA A 74 8.29 -2.55 6.19
C ALA A 74 7.32 -3.33 7.07
N ASP A 75 6.08 -2.86 7.15
CA ASP A 75 5.06 -3.53 7.95
C ASP A 75 4.91 -4.99 7.54
N ASP A 76 4.95 -5.23 6.24
CA ASP A 76 4.81 -6.59 5.70
C ASP A 76 6.02 -7.44 6.09
N ALA A 77 7.20 -7.00 5.66
CA ALA A 77 8.44 -7.73 5.95
C ALA A 77 8.58 -7.98 7.45
N GLU A 78 8.33 -6.95 8.25
CA GLU A 78 8.44 -7.05 9.69
C GLU A 78 7.15 -7.62 10.29
N ALA A 79 6.35 -8.27 9.45
CA ALA A 79 5.09 -8.86 9.89
C ALA A 79 5.34 -10.03 10.82
N GLY A 80 5.38 -9.77 12.13
CA GLY A 80 5.62 -10.82 13.10
C GLY A 80 4.42 -11.74 13.24
N ALA A 81 4.17 -12.55 12.22
CA ALA A 81 3.05 -13.48 12.24
C ALA A 81 1.87 -12.91 13.01
N GLU A 82 1.59 -11.63 12.79
CA GLU A 82 0.49 -10.96 13.47
C GLU A 82 -0.77 -11.82 13.43
N ASP A 83 -1.64 -11.64 14.44
CA ASP A 83 -2.87 -12.41 14.52
C ASP A 83 -4.05 -11.59 13.99
N GLU A 84 -4.72 -12.13 12.98
CA GLU A 84 -5.87 -11.44 12.38
C GLU A 84 -6.96 -12.45 12.00
N LYS A 85 -8.19 -12.15 12.42
CA LYS A 85 -9.32 -13.03 12.12
C LYS A 85 -10.64 -12.29 12.33
N GLU A 86 -11.68 -12.74 11.63
CA GLU A 86 -12.99 -12.13 11.74
C GLU A 86 -14.03 -13.15 12.21
N VAL A 87 -15.27 -12.69 12.36
CA VAL A 87 -16.35 -13.56 12.79
C VAL A 87 -17.27 -13.92 11.63
N GLU A 88 -17.54 -15.21 11.46
CA GLU A 88 -18.41 -15.68 10.39
C GLU A 88 -19.86 -15.74 10.85
N GLU A 89 -20.76 -15.99 9.91
CA GLU A 89 -22.19 -16.08 10.22
C GLU A 89 -22.69 -17.52 10.08
N LEU A 90 -23.47 -17.96 11.05
CA LEU A 90 -24.01 -19.32 11.04
C LEU A 90 -25.30 -19.37 10.23
N LYS A 91 -25.29 -18.73 9.06
CA LYS A 91 -26.47 -18.71 8.19
C LYS A 91 -27.74 -18.55 9.00
N LYS A 92 -27.69 -17.68 10.01
CA LYS A 92 -28.85 -17.43 10.86
C LYS A 92 -30.14 -17.45 10.05
N SER A 93 -31.07 -18.32 10.43
CA SER A 93 -32.34 -18.44 9.73
C SER A 93 -33.49 -18.55 10.73
N GLY A 94 -34.69 -18.16 10.29
CA GLY A 94 -35.85 -18.23 11.15
C GLY A 94 -37.14 -18.40 10.37
N PRO A 95 -37.54 -19.66 10.14
CA PRO A 95 -38.75 -19.99 9.40
C PRO A 95 -40.03 -19.63 10.18
N SER A 96 -41.18 -19.88 9.57
CA SER A 96 -42.45 -19.57 10.20
C SER A 96 -43.51 -20.60 9.82
N SER A 97 -44.53 -20.74 10.66
CA SER A 97 -45.60 -21.70 10.41
C SER A 97 -46.94 -21.15 10.91
N GLY A 98 -48.02 -21.81 10.51
CA GLY A 98 -49.34 -21.38 10.93
C GLY A 98 -50.43 -21.81 9.97
ZN ZN B . -10.86 0.42 1.27
ZN ZN C . -0.61 -3.35 -11.15
N GLY A 1 7.70 30.08 25.67
CA GLY A 1 6.33 29.88 25.24
C GLY A 1 6.17 30.07 23.75
N SER A 2 4.97 30.47 23.33
CA SER A 2 4.67 30.68 21.92
C SER A 2 4.81 29.38 21.13
N SER A 3 4.30 28.30 21.71
CA SER A 3 4.36 26.99 21.06
C SER A 3 3.27 26.86 20.00
N GLY A 4 3.56 26.08 18.96
CA GLY A 4 2.59 25.89 17.89
C GLY A 4 1.83 24.58 18.03
N SER A 5 1.39 24.03 16.91
CA SER A 5 0.65 22.78 16.91
C SER A 5 0.69 22.11 15.55
N SER A 6 0.18 20.88 15.48
CA SER A 6 0.17 20.13 14.22
C SER A 6 -1.22 20.18 13.58
N GLY A 7 -1.25 20.04 12.25
CA GLY A 7 -2.51 20.08 11.54
C GLY A 7 -2.82 18.76 10.86
N GLU A 8 -2.62 17.66 11.59
CA GLU A 8 -2.89 16.34 11.06
C GLU A 8 -4.35 16.19 10.65
N LEU A 9 -4.58 15.70 9.44
CA LEU A 9 -5.93 15.51 8.93
C LEU A 9 -6.39 14.07 9.10
N PRO A 10 -7.72 13.86 9.12
CA PRO A 10 -8.32 12.53 9.29
C PRO A 10 -8.09 11.65 8.06
N LYS A 11 -7.35 12.17 7.08
CA LYS A 11 -7.06 11.42 5.87
C LYS A 11 -5.82 10.57 6.04
N LYS A 12 -5.86 9.35 5.51
CA LYS A 12 -4.73 8.42 5.60
C LYS A 12 -4.14 8.16 4.22
N ARG A 13 -2.83 7.89 4.18
CA ARG A 13 -2.15 7.61 2.93
C ARG A 13 -1.55 6.21 2.94
N GLU A 14 -2.32 5.24 3.41
CA GLU A 14 -1.86 3.86 3.46
C GLU A 14 -2.76 2.95 2.63
N LEU A 15 -2.20 1.83 2.18
CA LEU A 15 -2.94 0.88 1.36
C LEU A 15 -3.99 0.14 2.20
N CYS A 16 -5.23 0.13 1.71
CA CYS A 16 -6.31 -0.54 2.43
C CYS A 16 -6.09 -2.05 2.46
N LYS A 17 -6.24 -2.63 3.64
CA LYS A 17 -6.06 -4.06 3.83
C LYS A 17 -7.24 -4.84 3.26
N PHE A 18 -8.17 -4.12 2.67
CA PHE A 18 -9.36 -4.74 2.07
C PHE A 18 -9.38 -4.54 0.56
N TYR A 19 -9.14 -3.31 0.12
CA TYR A 19 -9.14 -2.99 -1.30
C TYR A 19 -8.30 -3.99 -2.08
N ILE A 20 -7.21 -4.46 -1.46
CA ILE A 20 -6.34 -5.43 -2.10
C ILE A 20 -7.12 -6.49 -2.85
N THR A 21 -8.30 -6.83 -2.33
CA THR A 21 -9.15 -7.83 -2.95
C THR A 21 -10.27 -7.17 -3.75
N GLY A 22 -10.75 -6.02 -3.27
CA GLY A 22 -11.80 -5.31 -3.95
C GLY A 22 -13.05 -5.18 -3.10
N PHE A 23 -13.06 -5.87 -1.96
CA PHE A 23 -14.21 -5.82 -1.06
C PHE A 23 -13.94 -4.87 0.10
N CYS A 24 -14.46 -3.65 0.00
CA CYS A 24 -14.28 -2.65 1.04
C CYS A 24 -15.60 -1.94 1.35
N ALA A 25 -16.13 -2.19 2.53
CA ALA A 25 -17.39 -1.57 2.96
C ALA A 25 -17.46 -0.11 2.52
N ARG A 26 -16.53 0.70 3.01
CA ARG A 26 -16.49 2.11 2.66
C ARG A 26 -15.73 2.33 1.36
N ALA A 27 -16.44 2.72 0.32
CA ALA A 27 -15.82 2.97 -0.98
C ALA A 27 -15.20 4.36 -1.04
N GLU A 28 -16.04 5.37 -1.25
CA GLU A 28 -15.57 6.76 -1.33
C GLU A 28 -15.40 7.34 0.07
N ASN A 29 -15.66 6.54 1.09
CA ASN A 29 -15.53 6.98 2.47
C ASN A 29 -14.24 6.44 3.09
N CYS A 30 -13.53 5.61 2.34
CA CYS A 30 -12.28 5.03 2.81
C CYS A 30 -11.18 6.09 2.89
N PRO A 31 -10.76 6.42 4.12
CA PRO A 31 -9.71 7.42 4.36
C PRO A 31 -8.34 6.94 3.91
N TYR A 32 -8.30 5.74 3.33
CA TYR A 32 -7.04 5.15 2.87
C TYR A 32 -6.89 5.33 1.35
N MET A 33 -5.82 4.77 0.81
CA MET A 33 -5.56 4.87 -0.63
C MET A 33 -6.05 3.61 -1.35
N HIS A 34 -6.65 3.80 -2.51
CA HIS A 34 -7.16 2.68 -3.30
C HIS A 34 -6.49 2.63 -4.67
N GLY A 35 -6.91 3.54 -5.56
CA GLY A 35 -6.34 3.58 -6.89
C GLY A 35 -5.00 4.30 -6.93
N ASP A 36 -5.02 5.58 -6.58
CA ASP A 36 -3.80 6.38 -6.58
C ASP A 36 -2.59 5.54 -6.18
N PHE A 37 -2.72 4.83 -5.06
CA PHE A 37 -1.64 3.98 -4.57
C PHE A 37 -0.96 3.23 -5.73
N PRO A 38 0.37 3.34 -5.79
CA PRO A 38 1.17 2.70 -6.84
C PRO A 38 1.20 1.17 -6.68
N CYS A 39 1.12 0.47 -7.80
CA CYS A 39 1.14 -0.99 -7.80
C CYS A 39 2.42 -1.51 -7.16
N LYS A 40 2.31 -2.62 -6.43
CA LYS A 40 3.46 -3.22 -5.77
C LYS A 40 4.31 -3.99 -6.76
N LEU A 41 3.78 -5.10 -7.26
CA LEU A 41 4.50 -5.94 -8.23
C LEU A 41 5.14 -5.08 -9.31
N TYR A 42 4.32 -4.31 -10.02
CA TYR A 42 4.82 -3.44 -11.07
C TYR A 42 6.14 -2.78 -10.68
N HIS A 43 6.36 -2.65 -9.37
CA HIS A 43 7.58 -2.04 -8.86
C HIS A 43 8.58 -3.12 -8.42
N THR A 44 8.11 -4.04 -7.57
CA THR A 44 8.96 -5.11 -7.08
C THR A 44 9.98 -5.54 -8.12
N THR A 45 9.53 -5.63 -9.37
CA THR A 45 10.40 -6.02 -10.46
C THR A 45 10.34 -5.03 -11.61
N GLY A 46 9.19 -4.37 -11.76
CA GLY A 46 9.03 -3.39 -12.82
C GLY A 46 7.77 -3.64 -13.63
N ASN A 47 7.47 -4.91 -13.89
CA ASN A 47 6.29 -5.27 -14.67
C ASN A 47 5.24 -5.92 -13.79
N CYS A 48 3.97 -5.73 -14.14
CA CYS A 48 2.86 -6.31 -13.39
C CYS A 48 2.30 -7.54 -14.08
N ILE A 49 2.14 -8.62 -13.32
CA ILE A 49 1.61 -9.86 -13.87
C ILE A 49 0.10 -9.78 -14.05
N ASN A 50 -0.54 -8.88 -13.30
CA ASN A 50 -1.98 -8.70 -13.38
C ASN A 50 -2.44 -8.55 -14.83
N GLY A 51 -1.76 -7.67 -15.56
CA GLY A 51 -2.10 -7.44 -16.95
C GLY A 51 -2.21 -5.96 -17.29
N ASP A 52 -2.74 -5.66 -18.47
CA ASP A 52 -2.88 -4.29 -18.90
C ASP A 52 -3.95 -3.57 -18.09
N ASP A 53 -4.99 -4.30 -17.70
CA ASP A 53 -6.08 -3.74 -16.92
C ASP A 53 -5.94 -4.12 -15.44
N CYS A 54 -4.86 -3.63 -14.81
CA CYS A 54 -4.61 -3.92 -13.40
C CYS A 54 -5.56 -3.13 -12.51
N MET A 55 -5.82 -3.66 -11.32
CA MET A 55 -6.72 -2.99 -10.38
C MET A 55 -6.02 -1.81 -9.71
N PHE A 56 -4.69 -1.81 -9.75
CA PHE A 56 -3.91 -0.73 -9.15
C PHE A 56 -3.36 0.20 -10.23
N SER A 57 -2.97 1.40 -9.82
CA SER A 57 -2.42 2.39 -10.74
C SER A 57 -0.96 2.10 -11.04
N HIS A 58 -0.52 2.49 -12.23
CA HIS A 58 0.86 2.28 -12.65
C HIS A 58 1.58 3.61 -12.84
N ASP A 59 1.17 4.61 -12.06
CA ASP A 59 1.79 5.94 -12.14
C ASP A 59 3.22 5.90 -11.64
N PRO A 60 4.03 6.89 -12.06
CA PRO A 60 5.43 6.99 -11.65
C PRO A 60 5.59 7.37 -10.19
N LEU A 61 6.43 6.63 -9.49
CA LEU A 61 6.67 6.88 -8.06
C LEU A 61 7.13 8.32 -7.84
N THR A 62 6.80 8.87 -6.68
CA THR A 62 7.18 10.24 -6.34
C THR A 62 7.68 10.33 -4.90
N GLU A 63 8.51 11.33 -4.64
CA GLU A 63 9.06 11.53 -3.30
C GLU A 63 8.01 11.26 -2.24
N GLU A 64 6.75 11.49 -2.58
CA GLU A 64 5.65 11.27 -1.65
C GLU A 64 5.30 9.78 -1.57
N THR A 65 4.62 9.29 -2.60
CA THR A 65 4.22 7.89 -2.65
C THR A 65 5.39 6.98 -2.31
N ARG A 66 6.52 7.19 -2.97
CA ARG A 66 7.71 6.38 -2.73
C ARG A 66 7.88 6.09 -1.25
N GLU A 67 7.79 7.14 -0.43
CA GLU A 67 7.93 7.00 1.02
C GLU A 67 7.01 5.91 1.55
N LEU A 68 5.78 5.88 1.03
CA LEU A 68 4.79 4.88 1.47
C LEU A 68 5.37 3.48 1.36
N LEU A 69 5.72 3.08 0.15
CA LEU A 69 6.27 1.75 -0.09
C LEU A 69 7.27 1.38 1.00
N ASP A 70 8.28 2.21 1.18
CA ASP A 70 9.32 1.97 2.20
C ASP A 70 8.68 1.49 3.50
N LYS A 71 7.55 2.08 3.86
CA LYS A 71 6.85 1.70 5.08
C LYS A 71 6.03 0.44 4.87
N MET A 72 5.13 0.48 3.89
CA MET A 72 4.28 -0.67 3.59
C MET A 72 5.11 -1.94 3.46
N LEU A 73 6.04 -1.94 2.51
CA LEU A 73 6.89 -3.11 2.29
C LEU A 73 7.34 -3.72 3.61
N ALA A 74 7.75 -2.85 4.55
CA ALA A 74 8.20 -3.30 5.86
C ALA A 74 7.07 -3.98 6.63
N ASP A 75 5.87 -3.42 6.52
CA ASP A 75 4.71 -3.96 7.20
C ASP A 75 4.56 -5.45 6.91
N ASP A 76 4.78 -5.84 5.67
CA ASP A 76 4.67 -7.24 5.27
C ASP A 76 5.99 -7.98 5.51
N ALA A 77 7.07 -7.45 4.94
CA ALA A 77 8.38 -8.06 5.10
C ALA A 77 8.61 -8.50 6.54
N GLU A 78 8.48 -7.56 7.47
CA GLU A 78 8.68 -7.84 8.88
C GLU A 78 7.90 -9.09 9.30
N ALA A 79 6.61 -9.11 8.98
CA ALA A 79 5.76 -10.25 9.33
C ALA A 79 6.29 -11.54 8.71
N GLY A 80 6.38 -11.55 7.38
CA GLY A 80 6.87 -12.74 6.69
C GLY A 80 5.83 -13.35 5.77
N ALA A 81 5.63 -12.73 4.62
CA ALA A 81 4.65 -13.22 3.65
C ALA A 81 4.60 -14.75 3.65
N GLU A 82 3.58 -15.30 4.29
CA GLU A 82 3.42 -16.75 4.36
C GLU A 82 3.05 -17.32 2.99
N ASP A 83 4.04 -17.86 2.29
CA ASP A 83 3.83 -18.44 0.98
C ASP A 83 3.43 -19.92 1.10
N GLU A 84 2.13 -20.18 1.04
CA GLU A 84 1.62 -21.54 1.14
C GLU A 84 1.07 -22.02 -0.21
N LYS A 85 0.94 -23.33 -0.35
CA LYS A 85 0.43 -23.92 -1.59
C LYS A 85 -0.49 -25.10 -1.28
N GLU A 86 -1.71 -25.03 -1.81
CA GLU A 86 -2.70 -26.09 -1.60
C GLU A 86 -2.46 -27.25 -2.57
N VAL A 87 -2.80 -28.46 -2.13
CA VAL A 87 -2.63 -29.65 -2.97
C VAL A 87 -3.97 -30.24 -3.35
N GLU A 88 -4.21 -30.39 -4.65
CA GLU A 88 -5.45 -30.95 -5.16
C GLU A 88 -5.22 -32.31 -5.80
N GLU A 89 -6.18 -33.22 -5.62
CA GLU A 89 -6.07 -34.56 -6.18
C GLU A 89 -5.76 -34.50 -7.67
N LEU A 90 -5.23 -35.60 -8.21
CA LEU A 90 -4.90 -35.67 -9.62
C LEU A 90 -5.37 -36.99 -10.23
N LYS A 91 -5.30 -38.05 -9.44
CA LYS A 91 -5.73 -39.37 -9.89
C LYS A 91 -7.12 -39.71 -9.35
N LYS A 92 -8.01 -38.73 -9.36
CA LYS A 92 -9.36 -38.92 -8.87
C LYS A 92 -10.23 -39.59 -9.93
N SER A 93 -10.35 -40.91 -9.86
CA SER A 93 -11.16 -41.66 -10.82
C SER A 93 -12.15 -42.57 -10.10
N GLY A 94 -13.13 -43.07 -10.84
CA GLY A 94 -14.14 -43.94 -10.26
C GLY A 94 -14.43 -45.15 -11.14
N PRO A 95 -14.67 -46.30 -10.48
CA PRO A 95 -14.96 -47.55 -11.19
C PRO A 95 -16.33 -47.53 -11.87
N SER A 96 -16.72 -48.66 -12.45
CA SER A 96 -18.00 -48.77 -13.13
C SER A 96 -18.58 -50.17 -12.97
N SER A 97 -19.91 -50.27 -13.06
CA SER A 97 -20.59 -51.54 -12.91
C SER A 97 -21.98 -51.49 -13.55
N GLY A 98 -22.47 -52.66 -13.98
CA GLY A 98 -23.77 -52.72 -14.60
C GLY A 98 -24.45 -54.06 -14.39
ZN ZN B . -10.79 0.65 1.72
ZN ZN C . -0.37 -3.60 -11.39
N GLY A 1 13.89 34.19 2.42
CA GLY A 1 13.65 32.91 1.79
C GLY A 1 13.58 31.77 2.80
N SER A 2 12.52 31.77 3.60
CA SER A 2 12.33 30.74 4.62
C SER A 2 11.18 29.81 4.24
N SER A 3 11.52 28.57 3.90
CA SER A 3 10.51 27.59 3.52
C SER A 3 10.37 26.51 4.59
N GLY A 4 9.29 25.73 4.50
CA GLY A 4 9.06 24.68 5.47
C GLY A 4 7.71 24.80 6.14
N SER A 5 6.78 23.92 5.77
CA SER A 5 5.44 23.92 6.33
C SER A 5 4.98 22.51 6.69
N SER A 6 4.87 22.24 7.98
CA SER A 6 4.45 20.91 8.45
C SER A 6 2.97 20.92 8.82
N GLY A 7 2.16 20.24 8.01
CA GLY A 7 0.74 20.18 8.26
C GLY A 7 0.12 18.87 7.80
N GLU A 8 -0.02 17.93 8.73
CA GLU A 8 -0.60 16.63 8.41
C GLU A 8 -2.12 16.71 8.34
N LEU A 9 -2.73 15.68 7.78
CA LEU A 9 -4.19 15.63 7.66
C LEU A 9 -4.74 14.32 8.23
N PRO A 10 -6.05 14.32 8.55
CA PRO A 10 -6.72 13.15 9.11
C PRO A 10 -6.89 12.04 8.07
N LYS A 11 -6.36 12.26 6.88
CA LYS A 11 -6.43 11.28 5.81
C LYS A 11 -5.21 10.38 5.79
N LYS A 12 -5.42 9.11 5.46
CA LYS A 12 -4.32 8.15 5.41
C LYS A 12 -3.95 7.83 3.96
N ARG A 13 -2.67 7.52 3.74
CA ARG A 13 -2.18 7.21 2.40
C ARG A 13 -1.56 5.82 2.37
N GLU A 14 -2.22 4.87 3.01
CA GLU A 14 -1.72 3.50 3.06
C GLU A 14 -2.70 2.54 2.38
N LEU A 15 -2.16 1.45 1.84
CA LEU A 15 -2.98 0.46 1.15
C LEU A 15 -4.04 -0.11 2.08
N CYS A 16 -5.30 -0.04 1.64
CA CYS A 16 -6.41 -0.55 2.44
C CYS A 16 -6.31 -2.06 2.61
N LYS A 17 -6.75 -2.55 3.76
CA LYS A 17 -6.72 -3.98 4.05
C LYS A 17 -7.88 -4.70 3.38
N PHE A 18 -8.84 -3.92 2.86
CA PHE A 18 -10.00 -4.49 2.19
C PHE A 18 -9.87 -4.36 0.67
N TYR A 19 -9.48 -3.18 0.22
CA TYR A 19 -9.32 -2.92 -1.21
C TYR A 19 -8.54 -4.05 -1.88
N ILE A 20 -7.56 -4.58 -1.17
CA ILE A 20 -6.73 -5.66 -1.69
C ILE A 20 -7.57 -6.71 -2.41
N THR A 21 -8.76 -6.96 -1.87
CA THR A 21 -9.67 -7.95 -2.46
C THR A 21 -10.77 -7.26 -3.25
N GLY A 22 -11.24 -6.12 -2.74
CA GLY A 22 -12.29 -5.39 -3.41
C GLY A 22 -13.55 -5.27 -2.57
N PHE A 23 -13.54 -5.93 -1.42
CA PHE A 23 -14.69 -5.91 -0.52
C PHE A 23 -14.47 -4.91 0.61
N CYS A 24 -14.52 -3.62 0.27
CA CYS A 24 -14.33 -2.56 1.26
C CYS A 24 -15.65 -1.85 1.56
N ALA A 25 -16.22 -2.14 2.72
CA ALA A 25 -17.48 -1.53 3.14
C ALA A 25 -17.53 -0.05 2.74
N ARG A 26 -16.59 0.72 3.28
CA ARG A 26 -16.54 2.15 2.99
C ARG A 26 -15.78 2.41 1.69
N ALA A 27 -16.51 2.82 0.67
CA ALA A 27 -15.91 3.11 -0.63
C ALA A 27 -15.27 4.49 -0.65
N GLU A 28 -16.10 5.52 -0.80
CA GLU A 28 -15.61 6.89 -0.83
C GLU A 28 -15.36 7.42 0.58
N ASN A 29 -15.65 6.58 1.57
CA ASN A 29 -15.46 6.96 2.97
C ASN A 29 -14.16 6.40 3.52
N CYS A 30 -13.43 5.68 2.67
CA CYS A 30 -12.16 5.08 3.07
C CYS A 30 -11.04 6.12 3.04
N PRO A 31 -10.53 6.48 4.23
CA PRO A 31 -9.45 7.46 4.36
C PRO A 31 -8.12 6.93 3.85
N TYR A 32 -8.14 5.72 3.29
CA TYR A 32 -6.94 5.11 2.77
C TYR A 32 -6.86 5.25 1.26
N MET A 33 -5.79 4.72 0.66
CA MET A 33 -5.61 4.79 -0.78
C MET A 33 -6.13 3.53 -1.46
N HIS A 34 -6.76 3.70 -2.62
CA HIS A 34 -7.30 2.58 -3.36
C HIS A 34 -6.66 2.48 -4.75
N GLY A 35 -7.08 3.36 -5.65
CA GLY A 35 -6.53 3.36 -6.99
C GLY A 35 -5.19 4.06 -7.07
N ASP A 36 -5.19 5.36 -6.83
CA ASP A 36 -3.96 6.14 -6.88
C ASP A 36 -2.77 5.32 -6.40
N PHE A 37 -2.96 4.58 -5.32
CA PHE A 37 -1.90 3.74 -4.76
C PHE A 37 -1.16 3.01 -5.86
N PRO A 38 0.18 3.12 -5.85
CA PRO A 38 1.04 2.46 -6.85
C PRO A 38 1.07 0.95 -6.68
N CYS A 39 1.24 0.24 -7.78
CA CYS A 39 1.28 -1.22 -7.76
C CYS A 39 2.61 -1.72 -7.18
N LYS A 40 2.58 -2.89 -6.56
CA LYS A 40 3.77 -3.47 -5.96
C LYS A 40 4.62 -4.17 -7.02
N LEU A 41 4.11 -5.28 -7.53
CA LEU A 41 4.82 -6.05 -8.55
C LEU A 41 5.40 -5.13 -9.61
N TYR A 42 4.54 -4.38 -10.28
CA TYR A 42 4.97 -3.46 -11.32
C TYR A 42 6.26 -2.76 -10.93
N HIS A 43 6.50 -2.66 -9.63
CA HIS A 43 7.70 -2.01 -9.12
C HIS A 43 8.75 -3.04 -8.74
N THR A 44 8.35 -4.02 -7.93
CA THR A 44 9.26 -5.08 -7.49
C THR A 44 10.28 -5.41 -8.57
N THR A 45 9.83 -5.41 -9.83
CA THR A 45 10.70 -5.71 -10.95
C THR A 45 10.55 -4.69 -12.07
N GLY A 46 9.32 -4.21 -12.26
CA GLY A 46 9.06 -3.22 -13.28
C GLY A 46 7.75 -3.47 -14.02
N ASN A 47 7.46 -4.74 -14.28
CA ASN A 47 6.24 -5.10 -14.98
C ASN A 47 5.24 -5.75 -14.02
N CYS A 48 4.00 -5.91 -14.49
CA CYS A 48 2.95 -6.51 -13.68
C CYS A 48 2.39 -7.76 -14.35
N ILE A 49 1.92 -8.71 -13.55
CA ILE A 49 1.36 -9.94 -14.08
C ILE A 49 -0.05 -9.71 -14.63
N ASN A 50 -0.81 -8.85 -13.96
CA ASN A 50 -2.16 -8.54 -14.38
C ASN A 50 -2.20 -8.14 -15.85
N GLY A 51 -1.51 -7.05 -16.17
CA GLY A 51 -1.48 -6.57 -17.55
C GLY A 51 -1.59 -5.07 -17.65
N ASP A 52 -2.04 -4.58 -18.80
CA ASP A 52 -2.20 -3.14 -19.02
C ASP A 52 -3.30 -2.58 -18.12
N ASP A 53 -4.38 -3.33 -17.98
CA ASP A 53 -5.50 -2.90 -17.15
C ASP A 53 -5.46 -3.56 -15.78
N CYS A 54 -4.41 -3.26 -15.01
CA CYS A 54 -4.24 -3.83 -13.68
C CYS A 54 -5.12 -3.10 -12.66
N MET A 55 -5.63 -3.85 -11.70
CA MET A 55 -6.49 -3.28 -10.66
C MET A 55 -5.79 -2.13 -9.95
N PHE A 56 -4.46 -2.14 -9.97
CA PHE A 56 -3.67 -1.11 -9.33
C PHE A 56 -3.09 -0.14 -10.36
N SER A 57 -2.71 1.05 -9.89
CA SER A 57 -2.15 2.07 -10.78
C SER A 57 -0.68 1.79 -11.06
N HIS A 58 -0.24 2.12 -12.27
CA HIS A 58 1.15 1.91 -12.67
C HIS A 58 1.88 3.23 -12.84
N ASP A 59 1.36 4.27 -12.20
CA ASP A 59 1.95 5.59 -12.28
C ASP A 59 3.40 5.58 -11.81
N PRO A 60 4.20 6.54 -12.26
CA PRO A 60 5.61 6.66 -11.90
C PRO A 60 5.80 7.07 -10.44
N LEU A 61 6.32 6.15 -9.63
CA LEU A 61 6.55 6.42 -8.22
C LEU A 61 7.07 7.83 -8.00
N THR A 62 6.44 8.56 -7.10
CA THR A 62 6.84 9.93 -6.79
C THR A 62 7.63 10.00 -5.49
N GLU A 63 8.04 11.21 -5.12
CA GLU A 63 8.81 11.41 -3.90
C GLU A 63 7.94 11.20 -2.67
N GLU A 64 6.65 11.51 -2.81
CA GLU A 64 5.70 11.35 -1.70
C GLU A 64 5.29 9.89 -1.55
N THR A 65 5.03 9.23 -2.68
CA THR A 65 4.62 7.82 -2.66
C THR A 65 5.76 6.92 -2.21
N ARG A 66 6.93 7.10 -2.83
CA ARG A 66 8.10 6.29 -2.49
C ARG A 66 8.18 6.07 -0.99
N GLU A 67 7.71 7.05 -0.22
CA GLU A 67 7.74 6.96 1.24
C GLU A 67 6.75 5.91 1.74
N LEU A 68 5.57 5.88 1.13
CA LEU A 68 4.53 4.92 1.51
C LEU A 68 5.08 3.49 1.49
N LEU A 69 5.42 3.02 0.29
CA LEU A 69 5.95 1.68 0.13
C LEU A 69 6.91 1.33 1.27
N ASP A 70 7.95 2.15 1.43
CA ASP A 70 8.94 1.94 2.47
C ASP A 70 8.28 1.47 3.76
N LYS A 71 7.14 2.08 4.09
CA LYS A 71 6.41 1.73 5.30
C LYS A 71 5.58 0.46 5.09
N MET A 72 4.92 0.39 3.93
CA MET A 72 4.10 -0.77 3.60
C MET A 72 4.93 -2.05 3.60
N LEU A 73 5.89 -2.12 2.70
CA LEU A 73 6.76 -3.29 2.60
C LEU A 73 7.31 -3.69 3.96
N ALA A 74 7.98 -2.75 4.62
CA ALA A 74 8.54 -3.00 5.94
C ALA A 74 7.49 -3.51 6.91
N ASP A 75 6.36 -2.81 6.96
CA ASP A 75 5.26 -3.17 7.85
C ASP A 75 5.02 -4.68 7.81
N ASP A 76 4.93 -5.23 6.60
CA ASP A 76 4.70 -6.66 6.42
C ASP A 76 5.99 -7.45 6.63
N ALA A 77 6.98 -7.17 5.78
CA ALA A 77 8.27 -7.85 5.87
C ALA A 77 8.65 -8.11 7.32
N GLU A 78 8.59 -7.07 8.14
CA GLU A 78 8.93 -7.19 9.55
C GLU A 78 8.29 -8.43 10.18
N ALA A 79 6.96 -8.50 10.09
CA ALA A 79 6.22 -9.63 10.63
C ALA A 79 6.82 -10.96 10.17
N GLY A 80 6.95 -11.12 8.86
CA GLY A 80 7.51 -12.34 8.32
C GLY A 80 9.02 -12.35 8.35
N ALA A 81 9.63 -12.53 7.18
CA ALA A 81 11.09 -12.55 7.08
C ALA A 81 11.54 -12.46 5.63
N GLU A 82 12.47 -11.55 5.35
CA GLU A 82 12.99 -11.37 4.01
C GLU A 82 14.49 -11.62 3.96
N ASP A 83 14.89 -12.76 3.41
CA ASP A 83 16.30 -13.10 3.29
C ASP A 83 16.84 -12.78 1.91
N GLU A 84 18.14 -12.95 1.72
CA GLU A 84 18.78 -12.67 0.44
C GLU A 84 19.70 -13.82 0.04
N LYS A 85 20.29 -13.70 -1.15
CA LYS A 85 21.19 -14.72 -1.67
C LYS A 85 22.12 -14.15 -2.74
N GLU A 86 23.40 -14.45 -2.63
CA GLU A 86 24.38 -13.97 -3.59
C GLU A 86 25.50 -14.98 -3.79
N VAL A 87 25.52 -15.60 -4.97
CA VAL A 87 26.54 -16.60 -5.29
C VAL A 87 27.88 -15.94 -5.60
N GLU A 88 28.71 -15.79 -4.58
CA GLU A 88 30.02 -15.18 -4.75
C GLU A 88 30.80 -15.87 -5.86
N GLU A 89 31.66 -15.10 -6.53
CA GLU A 89 32.47 -15.64 -7.61
C GLU A 89 33.63 -16.49 -7.08
N LEU A 90 34.36 -17.13 -7.97
CA LEU A 90 35.49 -17.96 -7.58
C LEU A 90 36.79 -17.41 -8.13
N LYS A 91 36.96 -16.09 -8.06
CA LYS A 91 38.16 -15.44 -8.55
C LYS A 91 38.69 -16.14 -9.79
N LYS A 92 37.80 -16.52 -10.68
CA LYS A 92 38.18 -17.20 -11.92
C LYS A 92 39.51 -16.67 -12.44
N SER A 93 40.35 -17.57 -12.94
CA SER A 93 41.66 -17.19 -13.47
C SER A 93 42.04 -18.07 -14.65
N GLY A 94 43.11 -17.70 -15.34
CA GLY A 94 43.58 -18.48 -16.48
C GLY A 94 45.09 -18.56 -16.56
N PRO A 95 45.61 -19.79 -16.72
CA PRO A 95 47.04 -20.04 -16.81
C PRO A 95 47.65 -19.50 -18.10
N SER A 96 47.00 -19.82 -19.22
CA SER A 96 47.48 -19.37 -20.52
C SER A 96 48.93 -19.80 -20.75
N SER A 97 49.25 -21.03 -20.35
CA SER A 97 50.60 -21.56 -20.51
C SER A 97 50.73 -22.32 -21.82
N GLY A 98 51.97 -22.65 -22.18
CA GLY A 98 52.22 -23.38 -23.41
C GLY A 98 53.61 -23.97 -23.46
ZN ZN B . -10.87 0.76 1.76
ZN ZN C . -0.14 -3.92 -11.37
N GLY A 1 6.17 11.53 20.38
CA GLY A 1 7.23 11.39 21.35
C GLY A 1 6.84 11.90 22.73
N SER A 2 6.23 13.07 22.76
CA SER A 2 5.81 13.67 24.01
C SER A 2 4.33 14.06 23.97
N SER A 3 3.52 13.33 24.73
CA SER A 3 2.08 13.57 24.77
C SER A 3 1.79 15.08 24.83
N GLY A 4 0.62 15.46 24.34
CA GLY A 4 0.24 16.86 24.35
C GLY A 4 -0.04 17.39 22.95
N SER A 5 -1.24 17.90 22.73
CA SER A 5 -1.63 18.43 21.43
C SER A 5 -1.46 17.37 20.34
N SER A 6 -1.85 16.14 20.66
CA SER A 6 -1.73 15.04 19.71
C SER A 6 -3.01 14.91 18.88
N GLY A 7 -2.98 14.01 17.91
CA GLY A 7 -4.14 13.80 17.05
C GLY A 7 -3.78 13.21 15.71
N GLU A 8 -4.78 12.70 15.00
CA GLU A 8 -4.55 12.09 13.70
C GLU A 8 -5.34 12.83 12.61
N LEU A 9 -5.18 12.40 11.37
CA LEU A 9 -5.87 13.02 10.24
C LEU A 9 -6.38 11.96 9.27
N PRO A 10 -7.55 12.21 8.68
CA PRO A 10 -8.18 11.30 7.71
C PRO A 10 -7.41 11.23 6.40
N LYS A 11 -8.03 10.62 5.39
CA LYS A 11 -7.41 10.49 4.08
C LYS A 11 -6.02 9.88 4.18
N LYS A 12 -5.79 9.12 5.25
CA LYS A 12 -4.50 8.47 5.47
C LYS A 12 -3.92 7.97 4.15
N ARG A 13 -2.64 8.26 3.94
CA ARG A 13 -1.95 7.85 2.72
C ARG A 13 -1.32 6.47 2.90
N GLU A 14 -2.17 5.46 3.11
CA GLU A 14 -1.69 4.10 3.30
C GLU A 14 -2.60 3.11 2.56
N LEU A 15 -1.99 2.06 2.01
CA LEU A 15 -2.73 1.04 1.29
C LEU A 15 -3.74 0.34 2.20
N CYS A 16 -4.98 0.21 1.72
CA CYS A 16 -6.03 -0.44 2.49
C CYS A 16 -5.74 -1.93 2.67
N LYS A 17 -5.98 -2.43 3.88
CA LYS A 17 -5.75 -3.84 4.19
C LYS A 17 -6.86 -4.71 3.62
N PHE A 18 -7.90 -4.07 3.10
CA PHE A 18 -9.04 -4.78 2.54
C PHE A 18 -9.07 -4.63 1.02
N TYR A 19 -8.85 -3.41 0.54
CA TYR A 19 -8.86 -3.13 -0.88
C TYR A 19 -8.01 -4.15 -1.65
N ILE A 20 -6.92 -4.59 -1.02
CA ILE A 20 -6.04 -5.57 -1.62
C ILE A 20 -6.83 -6.68 -2.31
N THR A 21 -7.98 -7.02 -1.74
CA THR A 21 -8.83 -8.06 -2.29
C THR A 21 -9.97 -7.48 -3.11
N GLY A 22 -10.46 -6.31 -2.69
CA GLY A 22 -11.54 -5.66 -3.41
C GLY A 22 -12.78 -5.50 -2.55
N PHE A 23 -12.79 -6.15 -1.39
CA PHE A 23 -13.93 -6.09 -0.48
C PHE A 23 -13.65 -5.10 0.66
N CYS A 24 -14.19 -3.89 0.52
CA CYS A 24 -14.00 -2.86 1.52
C CYS A 24 -15.31 -2.12 1.80
N ALA A 25 -15.88 -2.35 2.97
CA ALA A 25 -17.14 -1.71 3.35
C ALA A 25 -17.17 -0.25 2.89
N ARG A 26 -16.20 0.53 3.36
CA ARG A 26 -16.13 1.95 2.99
C ARG A 26 -15.48 2.12 1.62
N ALA A 27 -16.30 2.46 0.63
CA ALA A 27 -15.81 2.65 -0.72
C ALA A 27 -15.21 4.05 -0.90
N GLU A 28 -16.08 5.04 -1.04
CA GLU A 28 -15.63 6.43 -1.21
C GLU A 28 -15.30 7.07 0.13
N ASN A 29 -15.68 6.38 1.21
CA ASN A 29 -15.42 6.88 2.55
C ASN A 29 -14.18 6.23 3.16
N CYS A 30 -13.37 5.59 2.30
CA CYS A 30 -12.15 4.93 2.75
C CYS A 30 -11.03 5.94 2.94
N PRO A 31 -10.62 6.14 4.20
CA PRO A 31 -9.55 7.08 4.55
C PRO A 31 -8.18 6.59 4.09
N TYR A 32 -8.17 5.45 3.41
CA TYR A 32 -6.92 4.87 2.92
C TYR A 32 -6.79 5.07 1.41
N MET A 33 -5.74 4.50 0.83
CA MET A 33 -5.50 4.61 -0.60
C MET A 33 -5.94 3.36 -1.33
N HIS A 34 -6.61 3.54 -2.47
CA HIS A 34 -7.09 2.41 -3.26
C HIS A 34 -6.45 2.40 -4.64
N GLY A 35 -6.90 3.30 -5.51
CA GLY A 35 -6.36 3.39 -6.86
C GLY A 35 -5.05 4.14 -6.90
N ASP A 36 -5.09 5.42 -6.59
CA ASP A 36 -3.88 6.25 -6.59
C ASP A 36 -2.66 5.44 -6.18
N PHE A 37 -2.79 4.69 -5.10
CA PHE A 37 -1.70 3.86 -4.60
C PHE A 37 -0.99 3.14 -5.74
N PRO A 38 0.35 3.23 -5.77
CA PRO A 38 1.16 2.59 -6.80
C PRO A 38 1.18 1.08 -6.68
N CYS A 39 1.25 0.40 -7.82
CA CYS A 39 1.27 -1.06 -7.83
C CYS A 39 2.59 -1.59 -7.28
N LYS A 40 2.54 -2.73 -6.61
CA LYS A 40 3.72 -3.35 -6.03
C LYS A 40 4.52 -4.10 -7.10
N LEU A 41 3.92 -5.15 -7.64
CA LEU A 41 4.57 -5.96 -8.68
C LEU A 41 5.21 -5.06 -9.73
N TYR A 42 4.41 -4.24 -10.38
CA TYR A 42 4.90 -3.34 -11.42
C TYR A 42 6.23 -2.71 -11.01
N HIS A 43 6.48 -2.68 -9.69
CA HIS A 43 7.71 -2.11 -9.17
C HIS A 43 8.72 -3.22 -8.83
N THR A 44 8.29 -4.16 -7.99
CA THR A 44 9.15 -5.26 -7.59
C THR A 44 10.14 -5.63 -8.69
N THR A 45 9.65 -5.64 -9.93
CA THR A 45 10.49 -5.97 -11.07
C THR A 45 10.38 -4.92 -12.17
N GLY A 46 9.18 -4.38 -12.34
CA GLY A 46 8.96 -3.36 -13.36
C GLY A 46 7.67 -3.57 -14.12
N ASN A 47 7.34 -4.83 -14.38
CA ASN A 47 6.12 -5.16 -15.11
C ASN A 47 5.08 -5.77 -14.18
N CYS A 48 3.87 -6.00 -14.71
CA CYS A 48 2.79 -6.57 -13.93
C CYS A 48 2.11 -7.70 -14.70
N ILE A 49 1.97 -8.85 -14.04
CA ILE A 49 1.34 -10.01 -14.65
C ILE A 49 -0.17 -9.81 -14.78
N ASN A 50 -0.72 -8.98 -13.90
CA ASN A 50 -2.16 -8.71 -13.91
C ASN A 50 -2.62 -8.33 -15.32
N GLY A 51 -1.84 -7.49 -15.99
CA GLY A 51 -2.19 -7.06 -17.33
C GLY A 51 -1.98 -5.58 -17.54
N ASP A 52 -2.47 -5.07 -18.67
CA ASP A 52 -2.35 -3.65 -18.99
C ASP A 52 -3.35 -2.82 -18.20
N ASP A 53 -4.49 -3.43 -17.88
CA ASP A 53 -5.53 -2.74 -17.14
C ASP A 53 -5.51 -3.15 -15.66
N CYS A 54 -4.31 -3.20 -15.10
CA CYS A 54 -4.14 -3.57 -13.70
C CYS A 54 -5.06 -2.76 -12.80
N MET A 55 -5.58 -3.39 -11.74
CA MET A 55 -6.46 -2.73 -10.81
C MET A 55 -5.74 -1.60 -10.06
N PHE A 56 -4.41 -1.65 -10.09
CA PHE A 56 -3.59 -0.65 -9.42
C PHE A 56 -3.02 0.35 -10.42
N SER A 57 -2.64 1.52 -9.92
CA SER A 57 -2.08 2.57 -10.77
C SER A 57 -0.61 2.30 -11.08
N HIS A 58 -0.25 2.41 -12.34
CA HIS A 58 1.13 2.18 -12.77
C HIS A 58 1.87 3.50 -12.98
N ASP A 59 1.38 4.55 -12.32
CA ASP A 59 1.99 5.87 -12.44
C ASP A 59 3.41 5.86 -11.88
N PRO A 60 4.21 6.85 -12.30
CA PRO A 60 5.61 6.97 -11.86
C PRO A 60 5.72 7.38 -10.40
N LEU A 61 6.19 6.45 -9.57
CA LEU A 61 6.34 6.70 -8.14
C LEU A 61 6.87 8.11 -7.89
N THR A 62 6.22 8.83 -6.98
CA THR A 62 6.63 10.18 -6.65
C THR A 62 7.46 10.22 -5.37
N GLU A 63 8.06 11.37 -5.08
CA GLU A 63 8.89 11.53 -3.89
C GLU A 63 8.09 11.18 -2.64
N GLU A 64 6.78 11.43 -2.68
CA GLU A 64 5.91 11.15 -1.55
C GLU A 64 5.53 9.67 -1.51
N THR A 65 4.96 9.19 -2.62
CA THR A 65 4.54 7.80 -2.71
C THR A 65 5.71 6.85 -2.41
N ARG A 66 6.90 7.22 -2.87
CA ARG A 66 8.08 6.40 -2.64
C ARG A 66 8.25 6.06 -1.17
N GLU A 67 8.00 7.05 -0.31
CA GLU A 67 8.12 6.87 1.13
C GLU A 67 7.08 5.87 1.64
N LEU A 68 5.91 5.87 1.00
CA LEU A 68 4.83 4.97 1.38
C LEU A 68 5.27 3.51 1.27
N LEU A 69 5.54 3.08 0.04
CA LEU A 69 5.98 1.71 -0.21
C LEU A 69 6.94 1.24 0.87
N ASP A 70 8.08 1.92 0.98
CA ASP A 70 9.09 1.57 1.97
C ASP A 70 8.44 1.20 3.30
N LYS A 71 7.42 1.95 3.68
CA LYS A 71 6.71 1.70 4.94
C LYS A 71 5.71 0.56 4.77
N MET A 72 5.17 0.43 3.56
CA MET A 72 4.20 -0.63 3.27
C MET A 72 4.83 -2.00 3.42
N LEU A 73 5.88 -2.26 2.65
CA LEU A 73 6.57 -3.54 2.70
C LEU A 73 6.76 -4.00 4.14
N ALA A 74 7.22 -3.09 4.99
CA ALA A 74 7.45 -3.40 6.39
C ALA A 74 6.14 -3.62 7.13
N ASP A 75 5.23 -2.66 7.02
CA ASP A 75 3.93 -2.76 7.67
C ASP A 75 3.27 -4.10 7.38
N ASP A 76 3.43 -4.59 6.15
CA ASP A 76 2.87 -5.86 5.74
C ASP A 76 3.48 -7.01 6.53
N ALA A 77 4.81 -7.11 6.48
CA ALA A 77 5.52 -8.16 7.20
C ALA A 77 5.39 -7.99 8.70
N GLU A 78 5.95 -6.90 9.21
CA GLU A 78 5.89 -6.62 10.64
C GLU A 78 4.57 -7.08 11.24
N ALA A 79 3.52 -7.03 10.44
CA ALA A 79 2.19 -7.43 10.89
C ALA A 79 2.00 -8.93 10.73
N GLY A 80 2.99 -9.71 11.17
CA GLY A 80 2.90 -11.15 11.06
C GLY A 80 2.19 -11.60 9.80
N ALA A 81 2.94 -11.78 8.72
CA ALA A 81 2.36 -12.21 7.46
C ALA A 81 1.49 -13.45 7.64
N GLU A 82 0.20 -13.29 7.41
CA GLU A 82 -0.74 -14.39 7.54
C GLU A 82 -1.42 -14.71 6.21
N ASP A 83 -2.18 -15.80 6.18
CA ASP A 83 -2.87 -16.21 4.97
C ASP A 83 -4.37 -16.33 5.22
N GLU A 84 -5.15 -16.43 4.15
CA GLU A 84 -6.60 -16.55 4.26
C GLU A 84 -7.15 -17.50 3.20
N LYS A 85 -8.38 -17.95 3.39
CA LYS A 85 -9.02 -18.86 2.45
C LYS A 85 -10.53 -18.62 2.41
N GLU A 86 -11.19 -19.22 1.42
CA GLU A 86 -12.63 -19.07 1.27
C GLU A 86 -13.20 -20.15 0.36
N VAL A 87 -14.45 -20.54 0.62
CA VAL A 87 -15.10 -21.57 -0.18
C VAL A 87 -16.48 -21.10 -0.66
N GLU A 88 -16.70 -21.15 -1.96
CA GLU A 88 -17.97 -20.74 -2.55
C GLU A 88 -18.99 -21.87 -2.47
N GLU A 89 -20.25 -21.53 -2.74
CA GLU A 89 -21.33 -22.51 -2.70
C GLU A 89 -21.70 -22.96 -4.11
N LEU A 90 -22.30 -24.15 -4.21
CA LEU A 90 -22.70 -24.70 -5.50
C LEU A 90 -24.21 -24.56 -5.70
N LYS A 91 -24.71 -23.35 -5.48
CA LYS A 91 -26.14 -23.08 -5.64
C LYS A 91 -26.97 -24.23 -5.10
N LYS A 92 -26.64 -24.70 -3.91
CA LYS A 92 -27.36 -25.79 -3.28
C LYS A 92 -28.86 -25.60 -3.41
N SER A 93 -29.52 -26.51 -4.11
CA SER A 93 -30.96 -26.44 -4.30
C SER A 93 -31.47 -27.68 -5.03
N GLY A 94 -32.71 -28.06 -4.74
CA GLY A 94 -33.30 -29.23 -5.37
C GLY A 94 -34.54 -28.90 -6.17
N PRO A 95 -34.46 -29.06 -7.50
CA PRO A 95 -35.58 -28.77 -8.40
C PRO A 95 -36.72 -29.77 -8.25
N SER A 96 -37.84 -29.48 -8.90
CA SER A 96 -39.01 -30.36 -8.83
C SER A 96 -39.91 -30.15 -10.04
N SER A 97 -40.98 -30.94 -10.12
CA SER A 97 -41.92 -30.86 -11.22
C SER A 97 -41.23 -31.14 -12.55
N GLY A 98 -40.37 -32.16 -12.56
CA GLY A 98 -39.66 -32.52 -13.77
C GLY A 98 -40.49 -32.30 -15.02
ZN ZN B . -10.63 0.54 1.86
ZN ZN C . -0.01 -3.78 -11.47
N GLY A 1 14.38 17.37 27.71
CA GLY A 1 13.21 17.98 28.31
C GLY A 1 11.93 17.30 27.89
N SER A 2 10.84 18.06 27.90
CA SER A 2 9.53 17.53 27.52
C SER A 2 9.54 17.07 26.06
N SER A 3 8.64 16.14 25.74
CA SER A 3 8.54 15.62 24.39
C SER A 3 7.46 16.35 23.59
N GLY A 4 7.69 16.49 22.29
CA GLY A 4 6.73 17.18 21.45
C GLY A 4 5.71 16.24 20.84
N SER A 5 4.49 16.73 20.63
CA SER A 5 3.43 15.91 20.06
C SER A 5 3.01 16.46 18.70
N SER A 6 3.24 15.66 17.65
CA SER A 6 2.90 16.06 16.29
C SER A 6 2.25 14.91 15.54
N GLY A 7 1.03 15.13 15.06
CA GLY A 7 0.32 14.10 14.32
C GLY A 7 0.06 14.49 12.88
N GLU A 8 -0.53 13.57 12.12
CA GLU A 8 -0.82 13.83 10.71
C GLU A 8 -2.33 13.89 10.48
N LEU A 9 -2.73 14.63 9.45
CA LEU A 9 -4.14 14.77 9.11
C LEU A 9 -4.90 13.48 9.39
N PRO A 10 -6.21 13.60 9.66
CA PRO A 10 -7.07 12.46 9.95
C PRO A 10 -7.31 11.59 8.71
N LYS A 11 -6.31 10.80 8.35
CA LYS A 11 -6.40 9.92 7.19
C LYS A 11 -5.50 8.70 7.35
N LYS A 12 -5.49 7.84 6.34
CA LYS A 12 -4.67 6.64 6.36
C LYS A 12 -3.97 6.43 5.02
N ARG A 13 -2.69 6.79 4.97
CA ARG A 13 -1.91 6.64 3.74
C ARG A 13 -1.38 5.22 3.61
N GLU A 14 -2.17 4.25 4.05
CA GLU A 14 -1.78 2.84 3.99
C GLU A 14 -2.71 2.06 3.05
N LEU A 15 -2.19 0.97 2.50
CA LEU A 15 -2.98 0.13 1.59
C LEU A 15 -4.15 -0.51 2.32
N CYS A 16 -5.37 -0.18 1.89
CA CYS A 16 -6.57 -0.72 2.50
C CYS A 16 -6.49 -2.25 2.59
N LYS A 17 -6.50 -2.76 3.82
CA LYS A 17 -6.43 -4.20 4.04
C LYS A 17 -7.61 -4.91 3.40
N PHE A 18 -8.59 -4.13 2.96
CA PHE A 18 -9.78 -4.69 2.31
C PHE A 18 -9.69 -4.56 0.79
N TYR A 19 -9.35 -3.37 0.33
CA TYR A 19 -9.22 -3.11 -1.10
C TYR A 19 -8.41 -4.20 -1.79
N ILE A 20 -7.39 -4.71 -1.09
CA ILE A 20 -6.54 -5.75 -1.62
C ILE A 20 -7.36 -6.79 -2.39
N THR A 21 -8.56 -7.06 -1.90
CA THR A 21 -9.44 -8.03 -2.53
C THR A 21 -10.49 -7.34 -3.40
N GLY A 22 -10.93 -6.15 -2.96
CA GLY A 22 -11.93 -5.41 -3.70
C GLY A 22 -13.21 -5.20 -2.90
N PHE A 23 -13.30 -5.87 -1.75
CA PHE A 23 -14.47 -5.75 -0.91
C PHE A 23 -14.22 -4.79 0.24
N CYS A 24 -14.61 -3.53 0.04
CA CYS A 24 -14.41 -2.50 1.07
C CYS A 24 -15.70 -1.69 1.26
N ALA A 25 -16.37 -1.92 2.38
CA ALA A 25 -17.61 -1.21 2.68
C ALA A 25 -17.52 0.25 2.26
N ARG A 26 -16.66 1.00 2.95
CA ARG A 26 -16.47 2.41 2.66
C ARG A 26 -15.84 2.61 1.28
N ALA A 27 -16.67 2.95 0.30
CA ALA A 27 -16.19 3.17 -1.06
C ALA A 27 -15.61 4.57 -1.23
N GLU A 28 -16.49 5.57 -1.30
CA GLU A 28 -16.06 6.95 -1.45
C GLU A 28 -15.65 7.55 -0.12
N ASN A 29 -15.87 6.79 0.96
CA ASN A 29 -15.52 7.26 2.30
C ASN A 29 -14.38 6.42 2.88
N CYS A 30 -13.59 5.81 2.00
CA CYS A 30 -12.47 4.99 2.42
C CYS A 30 -11.32 5.85 2.93
N PRO A 31 -11.02 5.74 4.23
CA PRO A 31 -9.93 6.49 4.86
C PRO A 31 -8.56 6.05 4.39
N TYR A 32 -8.53 4.98 3.60
CA TYR A 32 -7.26 4.46 3.08
C TYR A 32 -7.11 4.77 1.60
N MET A 33 -6.05 4.23 0.99
CA MET A 33 -5.79 4.45 -0.42
C MET A 33 -6.28 3.28 -1.26
N HIS A 34 -6.70 3.56 -2.49
CA HIS A 34 -7.19 2.53 -3.39
C HIS A 34 -6.44 2.57 -4.72
N GLY A 35 -6.80 3.54 -5.56
CA GLY A 35 -6.16 3.67 -6.86
C GLY A 35 -4.83 4.39 -6.77
N ASP A 36 -4.86 5.66 -6.40
CA ASP A 36 -3.64 6.46 -6.28
C ASP A 36 -2.47 5.59 -5.80
N PHE A 37 -2.77 4.63 -4.93
CA PHE A 37 -1.74 3.75 -4.40
C PHE A 37 -1.01 3.02 -5.52
N PRO A 38 0.32 3.14 -5.54
CA PRO A 38 1.16 2.51 -6.56
C PRO A 38 1.21 0.99 -6.41
N CYS A 39 1.06 0.28 -7.52
CA CYS A 39 1.10 -1.17 -7.52
C CYS A 39 2.40 -1.69 -6.92
N LYS A 40 2.33 -2.84 -6.25
CA LYS A 40 3.51 -3.44 -5.64
C LYS A 40 4.34 -4.18 -6.67
N LEU A 41 3.80 -5.28 -7.19
CA LEU A 41 4.49 -6.08 -8.19
C LEU A 41 5.11 -5.20 -9.26
N TYR A 42 4.27 -4.42 -9.93
CA TYR A 42 4.73 -3.52 -10.99
C TYR A 42 6.04 -2.84 -10.59
N HIS A 43 6.28 -2.75 -9.28
CA HIS A 43 7.49 -2.13 -8.78
C HIS A 43 8.53 -3.18 -8.39
N THR A 44 8.10 -4.15 -7.59
CA THR A 44 8.99 -5.22 -7.15
C THR A 44 10.01 -5.56 -8.22
N THR A 45 9.53 -5.74 -9.45
CA THR A 45 10.41 -6.08 -10.57
C THR A 45 10.27 -5.06 -11.70
N GLY A 46 9.08 -4.52 -11.85
CA GLY A 46 8.83 -3.54 -12.90
C GLY A 46 7.57 -3.81 -13.68
N ASN A 47 7.29 -5.10 -13.93
CA ASN A 47 6.11 -5.49 -14.68
C ASN A 47 5.07 -6.10 -13.74
N CYS A 48 3.81 -6.07 -14.17
CA CYS A 48 2.72 -6.62 -13.38
C CYS A 48 2.04 -7.77 -14.11
N ILE A 49 1.86 -8.89 -13.40
CA ILE A 49 1.23 -10.06 -13.98
C ILE A 49 -0.16 -9.74 -14.51
N ASN A 50 -0.81 -8.76 -13.89
CA ASN A 50 -2.14 -8.34 -14.31
C ASN A 50 -2.16 -7.94 -15.78
N GLY A 51 -1.42 -6.89 -16.11
CA GLY A 51 -1.36 -6.42 -17.49
C GLY A 51 -1.46 -4.92 -17.59
N ASP A 52 -2.06 -4.44 -18.69
CA ASP A 52 -2.21 -3.01 -18.90
C ASP A 52 -3.34 -2.45 -18.04
N ASP A 53 -4.41 -3.22 -17.90
CA ASP A 53 -5.56 -2.80 -17.11
C ASP A 53 -5.54 -3.46 -15.73
N CYS A 54 -4.50 -3.14 -14.95
CA CYS A 54 -4.37 -3.71 -13.61
C CYS A 54 -5.27 -2.98 -12.62
N MET A 55 -5.75 -3.71 -11.63
CA MET A 55 -6.63 -3.15 -10.61
C MET A 55 -5.94 -2.00 -9.87
N PHE A 56 -4.61 -2.01 -9.88
CA PHE A 56 -3.84 -0.98 -9.21
C PHE A 56 -3.26 0.01 -10.23
N SER A 57 -2.87 1.18 -9.75
CA SER A 57 -2.30 2.21 -10.61
C SER A 57 -0.83 1.94 -10.90
N HIS A 58 -0.43 2.20 -12.14
CA HIS A 58 0.96 1.98 -12.55
C HIS A 58 1.68 3.30 -12.75
N ASP A 59 1.26 4.32 -12.02
CA ASP A 59 1.87 5.64 -12.12
C ASP A 59 3.32 5.61 -11.63
N PRO A 60 4.14 6.53 -12.15
CA PRO A 60 5.55 6.63 -11.79
C PRO A 60 5.74 7.14 -10.36
N LEU A 61 6.32 6.30 -9.50
CA LEU A 61 6.56 6.67 -8.12
C LEU A 61 7.03 8.11 -8.01
N THR A 62 6.67 8.76 -6.90
CA THR A 62 7.05 10.15 -6.68
C THR A 62 7.66 10.33 -5.29
N GLU A 63 8.49 11.37 -5.15
CA GLU A 63 9.13 11.65 -3.87
C GLU A 63 8.18 11.40 -2.71
N GLU A 64 6.90 11.62 -2.95
CA GLU A 64 5.88 11.42 -1.92
C GLU A 64 5.51 9.95 -1.79
N THR A 65 4.76 9.44 -2.77
CA THR A 65 4.35 8.05 -2.76
C THR A 65 5.52 7.11 -2.47
N ARG A 66 6.62 7.32 -3.18
CA ARG A 66 7.81 6.50 -2.99
C ARG A 66 8.05 6.21 -1.51
N GLU A 67 7.88 7.23 -0.68
CA GLU A 67 8.08 7.09 0.76
C GLU A 67 7.12 6.05 1.33
N LEU A 68 5.88 6.08 0.87
CA LEU A 68 4.86 5.14 1.34
C LEU A 68 5.37 3.70 1.25
N LEU A 69 5.61 3.24 0.01
CA LEU A 69 6.11 1.89 -0.20
C LEU A 69 7.15 1.51 0.83
N ASP A 70 8.24 2.27 0.88
CA ASP A 70 9.31 2.02 1.83
C ASP A 70 8.75 1.59 3.19
N LYS A 71 7.63 2.18 3.58
CA LYS A 71 6.99 1.87 4.84
C LYS A 71 6.18 0.59 4.73
N MET A 72 5.50 0.42 3.60
CA MET A 72 4.69 -0.77 3.37
C MET A 72 5.55 -2.03 3.36
N LEU A 73 6.52 -2.08 2.46
CA LEU A 73 7.41 -3.22 2.36
C LEU A 73 7.92 -3.65 3.73
N ALA A 74 8.51 -2.71 4.46
CA ALA A 74 9.04 -2.97 5.78
C ALA A 74 7.93 -3.40 6.74
N ASP A 75 6.79 -2.75 6.63
CA ASP A 75 5.64 -3.07 7.49
C ASP A 75 5.20 -4.52 7.30
N ASP A 76 4.78 -4.85 6.09
CA ASP A 76 4.35 -6.21 5.77
C ASP A 76 5.46 -7.21 6.03
N ALA A 77 6.58 -7.05 5.34
CA ALA A 77 7.72 -7.94 5.50
C ALA A 77 7.92 -8.32 6.96
N GLU A 78 8.02 -7.31 7.83
CA GLU A 78 8.22 -7.54 9.25
C GLU A 78 6.97 -8.16 9.87
N ALA A 79 5.85 -7.46 9.80
CA ALA A 79 4.60 -7.94 10.36
C ALA A 79 3.95 -8.96 9.43
N GLY A 80 4.30 -10.23 9.62
CA GLY A 80 3.73 -11.29 8.80
C GLY A 80 2.65 -12.06 9.51
N ALA A 81 2.10 -13.07 8.83
CA ALA A 81 1.04 -13.88 9.40
C ALA A 81 1.55 -14.68 10.60
N GLU A 82 0.62 -15.25 11.35
CA GLU A 82 0.97 -16.05 12.52
C GLU A 82 1.47 -15.15 13.65
N ASP A 83 0.79 -14.02 13.85
CA ASP A 83 1.16 -13.08 14.89
C ASP A 83 -0.06 -12.60 15.66
N GLU A 84 0.15 -12.15 16.89
CA GLU A 84 -0.94 -11.67 17.74
C GLU A 84 -0.65 -10.26 18.24
N LYS A 85 -1.71 -9.49 18.46
CA LYS A 85 -1.58 -8.12 18.95
C LYS A 85 -2.41 -7.91 20.21
N GLU A 86 -1.74 -7.52 21.29
CA GLU A 86 -2.41 -7.29 22.56
C GLU A 86 -1.51 -6.51 23.51
N VAL A 87 -1.81 -5.22 23.70
CA VAL A 87 -1.03 -4.37 24.59
C VAL A 87 -1.78 -4.12 25.89
N GLU A 88 -1.23 -4.61 26.98
CA GLU A 88 -1.84 -4.43 28.30
C GLU A 88 -1.83 -2.97 28.70
N GLU A 89 -2.98 -2.49 29.19
CA GLU A 89 -3.12 -1.10 29.60
C GLU A 89 -2.79 -0.94 31.09
N LEU A 90 -1.83 -1.72 31.56
CA LEU A 90 -1.43 -1.67 32.97
C LEU A 90 -2.65 -1.62 33.89
N LYS A 91 -3.57 -2.57 33.67
CA LYS A 91 -4.78 -2.63 34.48
C LYS A 91 -5.17 -1.25 35.00
N LYS A 92 -5.08 -0.24 34.14
CA LYS A 92 -5.42 1.12 34.50
C LYS A 92 -6.61 1.14 35.44
N SER A 93 -6.44 1.76 36.61
CA SER A 93 -7.51 1.84 37.60
C SER A 93 -7.12 2.80 38.73
N GLY A 94 -8.12 3.19 39.52
CA GLY A 94 -7.86 4.10 40.62
C GLY A 94 -9.15 4.67 41.21
N PRO A 95 -9.64 4.04 42.28
CA PRO A 95 -10.87 4.47 42.95
C PRO A 95 -10.70 5.80 43.70
N SER A 96 -11.81 6.38 44.13
CA SER A 96 -11.77 7.65 44.85
C SER A 96 -13.08 7.88 45.60
N SER A 97 -12.97 8.48 46.79
CA SER A 97 -14.14 8.76 47.61
C SER A 97 -13.79 9.71 48.75
N GLY A 98 -14.82 10.29 49.37
CA GLY A 98 -14.60 11.21 50.46
C GLY A 98 -15.60 11.04 51.58
ZN ZN B . -11.03 0.74 1.45
ZN ZN C . -0.33 -3.82 -11.19
N GLY A 1 -0.75 26.46 -3.76
CA GLY A 1 -0.33 26.03 -2.44
C GLY A 1 -0.55 27.09 -1.38
N SER A 2 0.40 27.21 -0.45
CA SER A 2 0.30 28.19 0.62
C SER A 2 1.60 28.26 1.42
N SER A 3 1.99 29.47 1.78
CA SER A 3 3.21 29.68 2.54
C SER A 3 3.43 28.55 3.55
N GLY A 4 4.69 28.27 3.86
CA GLY A 4 5.01 27.23 4.79
C GLY A 4 4.84 25.84 4.21
N SER A 5 4.35 24.91 5.01
CA SER A 5 4.15 23.54 4.56
C SER A 5 2.73 23.05 4.92
N SER A 6 2.29 22.01 4.22
CA SER A 6 0.96 21.46 4.46
C SER A 6 0.78 21.09 5.93
N GLY A 7 -0.44 20.70 6.29
CA GLY A 7 -0.72 20.33 7.67
C GLY A 7 -1.15 18.88 7.79
N GLU A 8 -1.24 18.40 9.03
CA GLU A 8 -1.64 17.01 9.28
C GLU A 8 -3.15 16.90 9.40
N LEU A 9 -3.78 16.39 8.35
CA LEU A 9 -5.23 16.23 8.34
C LEU A 9 -5.62 14.76 8.57
N PRO A 10 -6.90 14.55 8.89
CA PRO A 10 -7.43 13.19 9.13
C PRO A 10 -7.50 12.36 7.87
N LYS A 11 -6.36 11.80 7.47
CA LYS A 11 -6.29 10.97 6.27
C LYS A 11 -5.13 9.99 6.36
N LYS A 12 -5.27 8.85 5.69
CA LYS A 12 -4.23 7.83 5.68
C LYS A 12 -3.77 7.52 4.26
N ARG A 13 -2.46 7.41 4.09
CA ARG A 13 -1.89 7.13 2.78
C ARG A 13 -1.31 5.71 2.73
N GLU A 14 -2.01 4.78 3.36
CA GLU A 14 -1.57 3.38 3.40
C GLU A 14 -2.51 2.50 2.59
N LEU A 15 -1.96 1.41 2.04
CA LEU A 15 -2.76 0.48 1.24
C LEU A 15 -3.84 -0.19 2.10
N CYS A 16 -5.08 -0.05 1.66
CA CYS A 16 -6.21 -0.65 2.37
C CYS A 16 -6.16 -2.17 2.32
N LYS A 17 -6.48 -2.81 3.44
CA LYS A 17 -6.47 -4.26 3.51
C LYS A 17 -7.73 -4.85 2.89
N PHE A 18 -8.56 -3.99 2.31
CA PHE A 18 -9.81 -4.41 1.69
C PHE A 18 -9.71 -4.30 0.17
N TYR A 19 -9.36 -3.11 -0.31
CA TYR A 19 -9.23 -2.86 -1.74
C TYR A 19 -8.44 -3.98 -2.42
N ILE A 20 -7.40 -4.45 -1.76
CA ILE A 20 -6.56 -5.52 -2.29
C ILE A 20 -7.41 -6.58 -2.96
N THR A 21 -8.57 -6.88 -2.38
CA THR A 21 -9.47 -7.89 -2.92
C THR A 21 -10.63 -7.24 -3.66
N GLY A 22 -11.09 -6.10 -3.16
CA GLY A 22 -12.20 -5.39 -3.79
C GLY A 22 -13.41 -5.28 -2.88
N PHE A 23 -13.37 -6.00 -1.75
CA PHE A 23 -14.47 -5.97 -0.81
C PHE A 23 -14.17 -5.02 0.35
N CYS A 24 -14.52 -3.75 0.17
CA CYS A 24 -14.29 -2.74 1.20
C CYS A 24 -15.59 -2.01 1.55
N ALA A 25 -16.17 -2.36 2.70
CA ALA A 25 -17.40 -1.75 3.15
C ALA A 25 -17.41 -0.24 2.85
N ARG A 26 -16.43 0.46 3.40
CA ARG A 26 -16.32 1.90 3.21
C ARG A 26 -15.64 2.21 1.87
N ALA A 27 -16.43 2.69 0.92
CA ALA A 27 -15.90 3.04 -0.40
C ALA A 27 -15.28 4.42 -0.39
N GLU A 28 -16.12 5.45 -0.47
CA GLU A 28 -15.64 6.82 -0.48
C GLU A 28 -15.37 7.32 0.94
N ASN A 29 -15.44 6.40 1.90
CA ASN A 29 -15.21 6.74 3.30
C ASN A 29 -13.87 6.18 3.78
N CYS A 30 -13.29 5.30 2.98
CA CYS A 30 -12.01 4.69 3.33
C CYS A 30 -10.90 5.73 3.33
N PRO A 31 -10.37 6.02 4.53
CA PRO A 31 -9.29 7.00 4.71
C PRO A 31 -7.97 6.51 4.14
N TYR A 32 -7.99 5.33 3.53
CA TYR A 32 -6.78 4.75 2.95
C TYR A 32 -6.75 4.97 1.44
N MET A 33 -5.66 4.55 0.81
CA MET A 33 -5.50 4.71 -0.63
C MET A 33 -6.01 3.46 -1.37
N HIS A 34 -6.67 3.67 -2.50
CA HIS A 34 -7.20 2.58 -3.29
C HIS A 34 -6.55 2.54 -4.68
N GLY A 35 -7.00 3.44 -5.55
CA GLY A 35 -6.46 3.49 -6.89
C GLY A 35 -5.14 4.23 -6.96
N ASP A 36 -5.18 5.54 -6.71
CA ASP A 36 -3.99 6.38 -6.73
C ASP A 36 -2.77 5.58 -6.29
N PHE A 37 -2.93 4.79 -5.22
CA PHE A 37 -1.84 3.98 -4.70
C PHE A 37 -1.10 3.26 -5.82
N PRO A 38 0.23 3.38 -5.82
CA PRO A 38 1.09 2.74 -6.83
C PRO A 38 1.11 1.22 -6.69
N CYS A 39 1.18 0.53 -7.83
CA CYS A 39 1.22 -0.92 -7.83
C CYS A 39 2.50 -1.44 -7.20
N LYS A 40 2.38 -2.54 -6.45
CA LYS A 40 3.53 -3.13 -5.78
C LYS A 40 4.40 -3.89 -6.78
N LEU A 41 3.86 -4.98 -7.33
CA LEU A 41 4.59 -5.79 -8.29
C LEU A 41 5.29 -4.91 -9.32
N TYR A 42 4.51 -4.11 -10.03
CA TYR A 42 5.05 -3.21 -11.05
C TYR A 42 6.38 -2.61 -10.59
N HIS A 43 6.56 -2.52 -9.28
CA HIS A 43 7.78 -1.96 -8.71
C HIS A 43 8.73 -3.07 -8.26
N THR A 44 8.21 -3.98 -7.43
CA THR A 44 9.01 -5.09 -6.93
C THR A 44 10.07 -5.51 -7.93
N THR A 45 9.68 -5.57 -9.21
CA THR A 45 10.60 -5.96 -10.27
C THR A 45 10.58 -4.96 -11.42
N GLY A 46 9.41 -4.36 -11.65
CA GLY A 46 9.26 -3.39 -12.72
C GLY A 46 8.05 -3.64 -13.57
N ASN A 47 7.78 -4.90 -13.88
CA ASN A 47 6.64 -5.26 -14.71
C ASN A 47 5.52 -5.85 -13.85
N CYS A 48 4.28 -5.67 -14.29
CA CYS A 48 3.12 -6.17 -13.57
C CYS A 48 2.46 -7.31 -14.33
N ILE A 49 2.75 -8.53 -13.92
CA ILE A 49 2.18 -9.72 -14.55
C ILE A 49 0.76 -9.98 -14.06
N ASN A 50 0.01 -8.91 -13.85
CA ASN A 50 -1.37 -9.03 -13.37
C ASN A 50 -2.36 -8.99 -14.54
N GLY A 51 -2.26 -7.93 -15.35
CA GLY A 51 -3.15 -7.79 -16.50
C GLY A 51 -3.04 -6.43 -17.15
N ASP A 52 -3.36 -6.36 -18.42
CA ASP A 52 -3.31 -5.10 -19.17
C ASP A 52 -3.98 -3.98 -18.38
N ASP A 53 -5.18 -4.26 -17.87
CA ASP A 53 -5.93 -3.27 -17.10
C ASP A 53 -5.81 -3.54 -15.61
N CYS A 54 -4.56 -3.60 -15.13
CA CYS A 54 -4.31 -3.86 -13.71
C CYS A 54 -5.27 -3.07 -12.84
N MET A 55 -5.54 -3.58 -11.63
CA MET A 55 -6.45 -2.93 -10.70
C MET A 55 -5.76 -1.76 -10.02
N PHE A 56 -4.44 -1.74 -10.06
CA PHE A 56 -3.66 -0.68 -9.44
C PHE A 56 -3.09 0.27 -10.49
N SER A 57 -2.74 1.48 -10.07
CA SER A 57 -2.19 2.47 -10.97
C SER A 57 -0.70 2.23 -11.22
N HIS A 58 -0.26 2.50 -12.44
CA HIS A 58 1.14 2.30 -12.79
C HIS A 58 1.85 3.65 -12.96
N ASP A 59 1.43 4.63 -12.18
CA ASP A 59 2.02 5.97 -12.23
C ASP A 59 3.46 5.93 -11.73
N PRO A 60 4.25 6.94 -12.13
CA PRO A 60 5.65 7.05 -11.73
C PRO A 60 5.82 7.39 -10.25
N LEU A 61 6.72 6.68 -9.58
CA LEU A 61 6.97 6.92 -8.16
C LEU A 61 7.49 8.33 -7.92
N THR A 62 6.96 8.98 -6.88
CA THR A 62 7.37 10.33 -6.54
C THR A 62 7.97 10.39 -5.14
N GLU A 63 8.85 11.36 -4.92
CA GLU A 63 9.50 11.52 -3.62
C GLU A 63 8.51 11.28 -2.49
N GLU A 64 7.24 11.57 -2.75
CA GLU A 64 6.20 11.39 -1.75
C GLU A 64 5.75 9.93 -1.68
N THR A 65 4.97 9.50 -2.66
CA THR A 65 4.48 8.13 -2.71
C THR A 65 5.61 7.13 -2.44
N ARG A 66 6.74 7.33 -3.13
CA ARG A 66 7.89 6.45 -2.97
C ARG A 66 8.08 6.07 -1.50
N GLU A 67 7.91 7.05 -0.62
CA GLU A 67 8.07 6.83 0.81
C GLU A 67 7.02 5.85 1.33
N LEU A 68 5.80 5.97 0.82
CA LEU A 68 4.70 5.09 1.23
C LEU A 68 5.14 3.62 1.20
N LEU A 69 5.39 3.11 0.00
CA LEU A 69 5.82 1.73 -0.17
C LEU A 69 6.83 1.34 0.91
N ASP A 70 7.93 2.08 0.99
CA ASP A 70 8.97 1.82 1.97
C ASP A 70 8.35 1.44 3.32
N LYS A 71 7.31 2.15 3.71
CA LYS A 71 6.64 1.89 4.98
C LYS A 71 5.69 0.70 4.85
N MET A 72 4.92 0.67 3.76
CA MET A 72 3.98 -0.41 3.52
C MET A 72 4.67 -1.77 3.57
N LEU A 73 5.66 -1.95 2.70
CA LEU A 73 6.42 -3.20 2.64
C LEU A 73 6.91 -3.60 4.02
N ALA A 74 7.74 -2.74 4.62
CA ALA A 74 8.28 -3.00 5.94
C ALA A 74 7.21 -3.54 6.88
N ASP A 75 6.02 -2.93 6.82
CA ASP A 75 4.91 -3.34 7.67
C ASP A 75 4.40 -4.72 7.26
N ASP A 76 3.95 -4.83 6.01
CA ASP A 76 3.44 -6.10 5.49
C ASP A 76 4.48 -7.20 5.61
N ALA A 77 5.58 -7.04 4.88
CA ALA A 77 6.67 -8.02 4.89
C ALA A 77 6.87 -8.58 6.29
N GLU A 78 7.27 -7.72 7.21
CA GLU A 78 7.51 -8.13 8.60
C GLU A 78 6.26 -8.78 9.19
N ALA A 79 5.10 -8.18 8.93
CA ALA A 79 3.84 -8.70 9.43
C ALA A 79 2.95 -9.18 8.30
N GLY A 80 2.95 -10.49 8.07
CA GLY A 80 2.13 -11.05 7.01
C GLY A 80 2.82 -12.19 6.29
N ALA A 81 3.79 -11.86 5.45
CA ALA A 81 4.53 -12.86 4.70
C ALA A 81 4.75 -14.12 5.52
N GLU A 82 4.16 -15.23 5.07
CA GLU A 82 4.28 -16.49 5.77
C GLU A 82 5.60 -17.18 5.43
N ASP A 83 6.68 -16.40 5.45
CA ASP A 83 8.00 -16.94 5.14
C ASP A 83 7.94 -17.92 3.97
N GLU A 84 7.14 -17.59 2.96
CA GLU A 84 6.98 -18.44 1.79
C GLU A 84 8.22 -18.36 0.89
N LYS A 85 8.70 -19.51 0.45
CA LYS A 85 9.87 -19.57 -0.42
C LYS A 85 9.47 -19.95 -1.84
N GLU A 86 10.23 -19.44 -2.82
CA GLU A 86 9.96 -19.73 -4.21
C GLU A 86 9.54 -21.18 -4.41
N VAL A 87 8.53 -21.39 -5.26
CA VAL A 87 8.03 -22.73 -5.53
C VAL A 87 8.11 -23.05 -7.02
N GLU A 88 9.13 -22.54 -7.69
CA GLU A 88 9.31 -22.77 -9.11
C GLU A 88 10.66 -22.21 -9.58
N GLU A 89 10.99 -22.48 -10.85
CA GLU A 89 12.25 -22.01 -11.41
C GLU A 89 12.12 -20.56 -11.88
N LEU A 90 12.84 -19.67 -11.20
CA LEU A 90 12.81 -18.25 -11.54
C LEU A 90 13.73 -17.95 -12.71
N LYS A 91 13.71 -18.83 -13.71
CA LYS A 91 14.55 -18.66 -14.90
C LYS A 91 16.03 -18.66 -14.52
N LYS A 92 16.41 -19.56 -13.63
CA LYS A 92 17.80 -19.66 -13.19
C LYS A 92 18.74 -19.77 -14.38
N SER A 93 18.27 -20.39 -15.45
CA SER A 93 19.08 -20.55 -16.66
C SER A 93 18.68 -19.53 -17.72
N GLY A 94 19.49 -18.50 -17.86
CA GLY A 94 19.21 -17.46 -18.84
C GLY A 94 20.37 -16.49 -19.01
N PRO A 95 20.25 -15.31 -18.38
CA PRO A 95 21.28 -14.27 -18.45
C PRO A 95 22.54 -14.66 -17.70
N SER A 96 23.68 -14.13 -18.14
CA SER A 96 24.95 -14.42 -17.51
C SER A 96 24.95 -14.01 -16.04
N SER A 97 25.29 -14.95 -15.15
CA SER A 97 25.32 -14.68 -13.73
C SER A 97 26.25 -13.50 -13.41
N GLY A 98 25.67 -12.43 -12.87
CA GLY A 98 26.45 -11.26 -12.53
C GLY A 98 26.87 -10.46 -13.76
ZN ZN B . -10.76 0.51 1.74
ZN ZN C . -0.08 -3.47 -11.52
#